data_7CS8
#
_entry.id   7CS8
#
_cell.length_a   244.363
_cell.length_b   244.363
_cell.length_c   76.029
_cell.angle_alpha   90.000
_cell.angle_beta   90.000
_cell.angle_gamma   120.000
#
_symmetry.space_group_name_H-M   'P 61'
#
loop_
_entity.id
_entity.type
_entity.pdbx_description
1 polymer 'Pinoresinol-lariciresinol reductase'
2 non-polymer (2R,3R)-2,3-bis[(3-methoxy-4-oxidanyl-phenyl)methyl]butane-1,4-diol
3 non-polymer 'NADPH DIHYDRO-NICOTINAMIDE-ADENINE-DINUCLEOTIDE PHOSPHATE'
4 water water
#
_entity_poly.entity_id   1
_entity_poly.type   'polypeptide(L)'
_entity_poly.pdbx_seq_one_letter_code
;MRENNSGEKTRVLVVGGTGTMGRRIVRACLAEGHETYVLQQPETRVDIEKVQLLYSYKRLGARLIEASFSDHQSLVSAVK
QVDIVVAAMSGVHFRSHSILVQLKLVEAIKEAGNIKRFLPSEFGMDPSRMGHAMPPGRETFDQKLEVRNAIEAAGIPHTY
VVGACFAAYFAGNLSQMGTLIPPKKKVNIYGDGNVKVVYVDEDDIAEYTAKTLDDPRTINKTVYVRPTENVLTQMELVQI
WEKLTGKELEKTNISANDFLADIEDKEIPHQAGLGHFYHIFYEGCLTDHEVGDDEEASKLYPDVKYTRMDEYLKIFL
;
_entity_poly.pdbx_strand_id   A,B,C,D,E,F
#
loop_
_chem_comp.id
_chem_comp.type
_chem_comp.name
_chem_comp.formula
GO6 non-polymer (2R,3R)-2,3-bis[(3-methoxy-4-oxidanyl-phenyl)methyl]butane-1,4-diol 'C20 H26 O6'
NDP non-polymer 'NADPH DIHYDRO-NICOTINAMIDE-ADENINE-DINUCLEOTIDE PHOSPHATE' 'C21 H30 N7 O17 P3'
#
# COMPACT_ATOMS: atom_id res chain seq x y z
N GLU A 8 -16.60 6.87 30.00
CA GLU A 8 -17.67 7.85 29.82
C GLU A 8 -18.25 8.37 31.14
N LYS A 9 -17.82 7.80 32.27
CA LYS A 9 -18.40 8.06 33.58
C LYS A 9 -17.52 9.01 34.39
N THR A 10 -18.07 9.50 35.51
CA THR A 10 -17.28 10.19 36.51
C THR A 10 -16.93 9.18 37.61
N ARG A 11 -15.66 8.81 37.67
CA ARG A 11 -15.21 7.85 38.67
C ARG A 11 -15.07 8.55 40.02
N VAL A 12 -15.84 8.09 40.99
CA VAL A 12 -15.86 8.68 42.32
C VAL A 12 -15.24 7.71 43.32
N LEU A 13 -14.52 8.26 44.28
CA LEU A 13 -14.00 7.53 45.44
C LEU A 13 -14.70 8.03 46.70
N VAL A 14 -15.41 7.14 47.38
CA VAL A 14 -16.12 7.49 48.60
C VAL A 14 -15.27 7.07 49.80
N VAL A 15 -14.64 8.04 50.46
CA VAL A 15 -13.93 7.80 51.71
C VAL A 15 -14.95 7.78 52.85
N GLY A 16 -14.75 6.88 53.80
CA GLY A 16 -15.78 6.61 54.80
C GLY A 16 -16.97 5.87 54.25
N GLY A 17 -16.73 4.87 53.41
CA GLY A 17 -17.85 4.25 52.71
C GLY A 17 -18.71 3.31 53.56
N THR A 18 -18.27 2.92 54.74
CA THR A 18 -19.02 1.97 55.55
C THR A 18 -19.83 2.63 56.66
N GLY A 19 -19.75 3.97 56.79
CA GLY A 19 -20.44 4.66 57.86
C GLY A 19 -21.89 4.96 57.55
N THR A 20 -22.52 5.71 58.45
CA THR A 20 -23.95 6.00 58.33
C THR A 20 -24.24 6.70 57.02
N MET A 21 -23.70 7.91 56.92
CA MET A 21 -23.89 8.72 55.73
C MET A 21 -23.09 8.16 54.57
N GLY A 22 -21.89 7.64 54.85
CA GLY A 22 -21.04 7.14 53.80
C GLY A 22 -21.68 6.05 52.96
N ARG A 23 -22.27 5.06 53.61
CA ARG A 23 -22.71 3.88 52.86
C ARG A 23 -23.83 4.24 51.89
N ARG A 24 -24.66 5.22 52.25
CA ARG A 24 -25.66 5.71 51.30
C ARG A 24 -24.99 6.29 50.07
N ILE A 25 -23.88 7.00 50.25
CA ILE A 25 -23.31 7.75 49.14
C ILE A 25 -22.69 6.81 48.12
N VAL A 26 -21.97 5.79 48.60
CA VAL A 26 -21.60 4.66 47.77
C VAL A 26 -22.82 4.23 46.94
N ARG A 27 -23.91 3.88 47.63
CA ARG A 27 -25.07 3.35 46.94
C ARG A 27 -25.64 4.34 45.94
N ALA A 28 -25.79 5.60 46.36
CA ALA A 28 -26.39 6.58 45.47
C ALA A 28 -25.47 6.89 44.29
N CYS A 29 -24.15 6.93 44.52
CA CYS A 29 -23.21 7.07 43.41
C CYS A 29 -23.48 6.01 42.34
N LEU A 30 -23.45 4.73 42.75
CA LEU A 30 -23.73 3.65 41.81
C LEU A 30 -25.07 3.86 41.12
N ALA A 31 -26.10 4.19 41.88
CA ALA A 31 -27.40 4.42 41.25
C ALA A 31 -27.31 5.49 40.18
N GLU A 32 -26.69 6.63 40.50
CA GLU A 32 -26.48 7.68 39.52
C GLU A 32 -25.93 7.13 38.22
N GLY A 33 -24.99 6.19 38.31
CA GLY A 33 -24.32 5.66 37.14
C GLY A 33 -22.82 5.84 37.21
N HIS A 34 -22.29 5.95 38.41
CA HIS A 34 -20.90 6.34 38.60
C HIS A 34 -20.04 5.10 38.80
N GLU A 35 -18.84 5.12 38.20
CA GLU A 35 -17.81 4.11 38.47
C GLU A 35 -17.36 4.35 39.91
N THR A 36 -18.13 3.80 40.84
CA THR A 36 -17.97 4.12 42.26
C THR A 36 -16.76 3.43 42.87
N TYR A 37 -16.11 4.12 43.79
CA TYR A 37 -14.88 3.67 44.41
C TYR A 37 -14.96 3.93 45.89
N VAL A 38 -14.56 2.93 46.67
CA VAL A 38 -14.61 2.98 48.11
C VAL A 38 -13.22 2.68 48.66
N LEU A 39 -12.91 3.29 49.80
CA LEU A 39 -11.61 3.19 50.44
C LEU A 39 -11.64 2.12 51.53
N GLN A 40 -10.75 1.13 51.42
CA GLN A 40 -10.74 -0.03 52.31
C GLN A 40 -9.59 0.11 53.30
N GLN A 41 -9.91 0.39 54.53
CA GLN A 41 -8.72 0.80 55.24
C GLN A 41 -8.12 -0.33 56.08
N PRO A 42 -6.79 -0.37 56.15
CA PRO A 42 -6.13 -1.24 57.13
C PRO A 42 -7.00 -1.49 58.35
N GLU A 43 -7.84 -2.52 58.23
CA GLU A 43 -8.59 -3.14 59.32
C GLU A 43 -8.11 -2.74 60.70
N THR A 44 -9.06 -2.38 61.57
CA THR A 44 -8.84 -1.91 62.93
C THR A 44 -9.17 -2.95 64.00
N ARG A 45 -9.85 -4.06 63.64
CA ARG A 45 -10.00 -5.23 64.50
C ARG A 45 -10.73 -6.35 63.74
N VAL A 46 -11.39 -7.24 64.45
CA VAL A 46 -12.23 -8.24 63.79
C VAL A 46 -13.62 -7.63 63.67
N ASP A 47 -13.78 -6.66 62.77
CA ASP A 47 -15.08 -6.00 62.63
C ASP A 47 -15.81 -6.58 61.43
N ILE A 48 -16.87 -7.33 61.70
CA ILE A 48 -17.48 -8.14 60.67
C ILE A 48 -18.64 -7.45 59.98
N GLU A 49 -19.35 -6.54 60.66
CA GLU A 49 -20.31 -5.68 59.97
C GLU A 49 -19.59 -4.83 58.93
N LYS A 50 -18.43 -4.31 59.28
CA LYS A 50 -17.71 -3.39 58.41
C LYS A 50 -17.15 -4.10 57.18
N VAL A 51 -16.77 -5.37 57.35
CA VAL A 51 -16.15 -6.12 56.24
C VAL A 51 -17.19 -6.58 55.24
N GLN A 52 -18.34 -7.04 55.70
CA GLN A 52 -19.33 -7.51 54.75
C GLN A 52 -20.04 -6.34 54.08
N LEU A 53 -20.28 -5.27 54.84
CA LEU A 53 -20.64 -3.98 54.25
C LEU A 53 -19.71 -3.61 53.10
N LEU A 54 -18.40 -3.66 53.35
CA LEU A 54 -17.41 -3.39 52.32
C LEU A 54 -17.58 -4.29 51.09
N TYR A 55 -17.58 -5.60 51.29
CA TYR A 55 -17.57 -6.48 50.12
C TYR A 55 -18.93 -6.58 49.46
N SER A 56 -19.98 -6.17 50.16
CA SER A 56 -21.28 -6.10 49.51
C SER A 56 -21.35 -5.06 48.40
N TYR A 57 -20.33 -4.18 48.28
CA TYR A 57 -20.37 -3.13 47.26
C TYR A 57 -19.91 -3.63 45.91
N LYS A 58 -18.93 -4.53 45.87
CA LYS A 58 -18.47 -5.03 44.59
C LYS A 58 -19.52 -5.87 43.87
N ARG A 59 -20.56 -6.33 44.57
CA ARG A 59 -21.64 -7.00 43.86
C ARG A 59 -22.49 -5.99 43.10
N LEU A 60 -22.62 -4.78 43.65
CA LEU A 60 -23.38 -3.71 43.04
C LEU A 60 -22.61 -2.95 41.97
N GLY A 61 -21.31 -3.19 41.83
CA GLY A 61 -20.52 -2.53 40.81
C GLY A 61 -19.23 -1.89 41.29
N ALA A 62 -19.09 -1.77 42.60
CA ALA A 62 -18.05 -0.93 43.20
C ALA A 62 -16.71 -1.64 43.25
N ARG A 63 -15.65 -0.83 43.35
CA ARG A 63 -14.29 -1.31 43.47
C ARG A 63 -13.70 -0.81 44.79
N LEU A 64 -12.60 -1.44 45.17
CA LEU A 64 -12.02 -1.31 46.49
C LEU A 64 -10.58 -0.88 46.35
N ILE A 65 -10.20 0.16 47.08
CA ILE A 65 -8.84 0.67 47.03
C ILE A 65 -8.27 0.59 48.44
N GLU A 66 -7.00 0.25 48.51
CA GLU A 66 -6.35 0.03 49.78
C GLU A 66 -5.59 1.27 50.18
N ALA A 67 -5.78 1.69 51.41
CA ALA A 67 -5.10 2.90 51.83
C ALA A 67 -5.21 3.07 53.32
N SER A 68 -4.11 3.41 53.94
CA SER A 68 -4.09 3.86 55.32
C SER A 68 -3.86 5.37 55.31
N PHE A 69 -4.44 6.06 56.29
CA PHE A 69 -4.10 7.46 56.45
C PHE A 69 -2.70 7.64 57.04
N SER A 70 -2.14 6.60 57.66
CA SER A 70 -0.76 6.65 58.12
C SER A 70 0.21 6.70 56.95
N ASP A 71 -0.16 6.04 55.87
CA ASP A 71 0.70 5.83 54.71
C ASP A 71 0.30 6.85 53.65
N HIS A 72 1.03 7.98 53.62
CA HIS A 72 0.61 9.12 52.81
C HIS A 72 0.58 8.78 51.32
N GLN A 73 1.57 8.05 50.82
CA GLN A 73 1.53 7.79 49.38
C GLN A 73 0.51 6.73 49.04
N SER A 74 0.05 5.97 50.02
CA SER A 74 -1.10 5.11 49.77
C SER A 74 -2.29 5.95 49.36
N LEU A 75 -2.49 7.08 50.03
CA LEU A 75 -3.56 7.99 49.69
C LEU A 75 -3.30 8.69 48.36
N VAL A 76 -2.03 8.89 48.02
CA VAL A 76 -1.71 9.35 46.67
C VAL A 76 -2.18 8.32 45.65
N SER A 77 -1.85 7.05 45.88
CA SER A 77 -2.27 5.99 44.96
C SER A 77 -3.79 5.94 44.84
N ALA A 78 -4.46 5.96 45.99
CA ALA A 78 -5.92 6.02 46.00
C ALA A 78 -6.45 7.14 45.11
N VAL A 79 -6.10 8.40 45.39
CA VAL A 79 -6.80 9.49 44.70
C VAL A 79 -6.43 9.59 43.23
N LYS A 80 -5.26 9.09 42.81
CA LYS A 80 -4.89 9.14 41.39
C LYS A 80 -5.79 8.27 40.51
N GLN A 81 -6.45 7.27 41.09
CA GLN A 81 -7.25 6.34 40.32
C GLN A 81 -8.66 6.83 40.07
N VAL A 82 -9.00 8.01 40.60
CA VAL A 82 -10.37 8.48 40.65
C VAL A 82 -10.46 9.93 40.14
N ASP A 83 -11.66 10.33 39.73
CA ASP A 83 -11.91 11.68 39.24
C ASP A 83 -12.45 12.62 40.30
N ILE A 84 -13.00 12.10 41.39
CA ILE A 84 -13.73 12.86 42.41
C ILE A 84 -13.66 12.08 43.72
N VAL A 85 -13.31 12.75 44.80
CA VAL A 85 -13.36 12.17 46.14
C VAL A 85 -14.52 12.80 46.89
N VAL A 86 -15.27 11.99 47.62
CA VAL A 86 -16.27 12.47 48.56
C VAL A 86 -15.96 11.84 49.90
N ALA A 87 -15.91 12.65 50.96
CA ALA A 87 -15.59 12.15 52.29
C ALA A 87 -16.82 12.21 53.17
N ALA A 88 -16.82 11.35 54.18
CA ALA A 88 -17.97 11.16 55.08
C ALA A 88 -17.54 10.39 56.33
N MET A 89 -16.50 10.87 57.00
CA MET A 89 -15.95 10.23 58.19
C MET A 89 -16.61 10.76 59.45
N SER A 90 -16.24 10.19 60.59
CA SER A 90 -16.86 10.62 61.85
C SER A 90 -16.63 12.10 62.07
N GLY A 91 -17.61 12.73 62.73
CA GLY A 91 -17.57 14.16 62.99
C GLY A 91 -18.24 14.58 64.27
N VAL A 92 -18.77 13.63 65.04
CA VAL A 92 -19.47 13.94 66.29
C VAL A 92 -18.60 14.88 67.15
N SER A 96 -13.21 17.62 67.29
CA SER A 96 -13.47 16.30 66.70
C SER A 96 -12.34 15.90 65.77
N HIS A 97 -11.39 15.10 66.28
CA HIS A 97 -10.20 14.77 65.52
C HIS A 97 -10.45 13.73 64.43
N SER A 98 -11.65 13.15 64.36
CA SER A 98 -11.96 12.30 63.23
C SER A 98 -11.96 13.12 61.94
N ILE A 99 -12.79 14.16 61.90
CA ILE A 99 -12.93 14.98 60.71
C ILE A 99 -11.58 15.50 60.21
N LEU A 100 -10.67 15.83 61.12
CA LEU A 100 -9.40 16.43 60.71
C LEU A 100 -8.50 15.47 59.97
N VAL A 101 -8.80 14.16 59.95
CA VAL A 101 -8.10 13.27 59.04
C VAL A 101 -8.20 13.81 57.61
N GLN A 102 -9.28 14.53 57.31
CA GLN A 102 -9.48 15.11 55.98
C GLN A 102 -8.34 16.03 55.57
N LEU A 103 -7.55 16.53 56.51
CA LEU A 103 -6.40 17.34 56.12
C LEU A 103 -5.37 16.51 55.38
N LYS A 104 -5.12 15.28 55.84
CA LYS A 104 -4.22 14.39 55.11
C LYS A 104 -4.76 14.05 53.74
N LEU A 105 -6.05 13.75 53.63
CA LEU A 105 -6.64 13.48 52.32
C LEU A 105 -6.43 14.67 51.39
N VAL A 106 -6.51 15.89 51.91
CA VAL A 106 -6.31 17.07 51.07
C VAL A 106 -4.87 17.15 50.60
N GLU A 107 -3.91 16.98 51.51
CA GLU A 107 -2.50 16.94 51.13
C GLU A 107 -2.24 15.94 50.00
N ALA A 108 -2.89 14.77 50.03
CA ALA A 108 -2.66 13.79 48.97
C ALA A 108 -3.34 14.20 47.66
N ILE A 109 -4.58 14.73 47.74
CA ILE A 109 -5.27 15.19 46.54
C ILE A 109 -4.52 16.34 45.89
N LYS A 110 -3.92 17.19 46.70
CA LYS A 110 -3.13 18.29 46.17
C LYS A 110 -1.89 17.75 45.46
N GLU A 111 -1.20 16.77 46.06
CA GLU A 111 -0.04 16.21 45.38
C GLU A 111 -0.44 15.48 44.09
N ALA A 112 -1.62 14.86 44.06
CA ALA A 112 -2.04 14.15 42.86
C ALA A 112 -2.47 15.11 41.76
N GLY A 113 -3.44 15.96 42.03
CA GLY A 113 -3.82 16.96 41.06
C GLY A 113 -4.77 16.51 39.97
N ASN A 114 -5.04 15.21 39.84
CA ASN A 114 -6.03 14.78 38.87
C ASN A 114 -7.46 14.97 39.34
N ILE A 115 -7.67 15.34 40.60
CA ILE A 115 -9.02 15.48 41.13
C ILE A 115 -9.73 16.64 40.44
N LYS A 116 -10.99 16.42 40.05
CA LYS A 116 -11.84 17.43 39.43
C LYS A 116 -12.70 18.19 40.45
N ARG A 117 -13.17 17.48 41.48
CA ARG A 117 -13.90 18.11 42.57
C ARG A 117 -13.77 17.23 43.81
N PHE A 118 -13.69 17.89 44.97
CA PHE A 118 -13.61 17.20 46.25
C PHE A 118 -14.72 17.71 47.14
N LEU A 119 -15.53 16.79 47.64
CA LEU A 119 -16.66 17.13 48.50
C LEU A 119 -16.42 16.62 49.91
N PRO A 120 -15.95 17.45 50.82
CA PRO A 120 -15.63 16.99 52.18
C PRO A 120 -16.85 16.53 52.99
N SER A 121 -16.62 16.11 54.23
CA SER A 121 -17.69 15.66 55.11
C SER A 121 -18.38 16.87 55.72
N GLU A 122 -19.61 17.15 55.26
CA GLU A 122 -20.40 18.24 55.79
C GLU A 122 -21.78 17.75 56.19
N PHE A 123 -22.68 17.62 55.21
CA PHE A 123 -24.01 17.05 55.38
C PHE A 123 -24.64 17.48 56.69
N GLY A 124 -24.84 18.80 56.84
CA GLY A 124 -25.45 19.31 58.05
C GLY A 124 -25.10 20.78 58.30
N MET A 125 -25.30 21.19 59.55
CA MET A 125 -25.07 22.56 60.02
C MET A 125 -23.86 23.18 59.36
N ASP A 126 -24.10 24.18 58.52
CA ASP A 126 -23.06 24.97 57.89
C ASP A 126 -22.02 25.40 58.93
N PRO A 127 -20.76 24.96 58.81
CA PRO A 127 -19.76 25.41 59.78
C PRO A 127 -19.40 26.87 59.60
N SER A 128 -19.60 27.44 58.41
CA SER A 128 -19.18 28.80 58.08
C SER A 128 -19.84 29.87 58.94
N ARG A 129 -20.92 29.53 59.63
CA ARG A 129 -21.65 30.49 60.43
C ARG A 129 -21.01 30.58 61.82
N MET A 130 -21.80 30.97 62.82
CA MET A 130 -21.32 31.09 64.21
C MET A 130 -22.26 30.44 65.21
N GLY A 131 -23.52 30.26 64.89
CA GLY A 131 -24.45 29.66 65.82
C GLY A 131 -24.74 30.56 67.00
N ASP A 142 -17.20 24.15 63.67
CA ASP A 142 -16.28 23.21 64.30
C ASP A 142 -14.91 23.38 63.66
N GLN A 143 -14.20 22.26 63.53
CA GLN A 143 -12.95 22.25 62.78
C GLN A 143 -13.15 21.87 61.32
N LYS A 144 -14.40 21.68 60.89
CA LYS A 144 -14.69 21.55 59.46
C LYS A 144 -14.13 22.74 58.70
N LEU A 145 -14.44 23.97 59.15
CA LEU A 145 -14.00 25.15 58.42
C LEU A 145 -12.50 25.12 58.22
N GLU A 146 -11.77 24.67 59.23
CA GLU A 146 -10.37 24.37 59.07
C GLU A 146 -10.12 23.56 57.82
N VAL A 147 -11.03 22.62 57.51
CA VAL A 147 -10.86 21.74 56.36
C VAL A 147 -11.26 22.46 55.08
N ARG A 148 -12.41 23.14 55.08
CA ARG A 148 -12.73 24.06 54.00
C ARG A 148 -11.52 24.93 53.66
N ASN A 149 -10.93 25.58 54.67
CA ASN A 149 -9.87 26.56 54.41
C ASN A 149 -8.59 25.93 53.86
N ALA A 150 -8.34 24.65 54.11
CA ALA A 150 -7.24 23.98 53.44
C ALA A 150 -7.58 23.66 51.97
N ILE A 151 -8.81 23.22 51.70
CA ILE A 151 -9.20 22.93 50.33
C ILE A 151 -8.98 24.16 49.46
N GLU A 152 -9.61 25.27 49.85
CA GLU A 152 -9.49 26.52 49.09
C GLU A 152 -8.03 26.94 48.92
N ALA A 153 -7.23 26.81 49.99
CA ALA A 153 -5.80 27.08 49.89
C ALA A 153 -5.17 26.37 48.71
N ALA A 154 -5.14 25.04 48.75
CA ALA A 154 -4.61 24.24 47.64
C ALA A 154 -5.43 24.41 46.38
N GLY A 155 -6.58 25.07 46.46
CA GLY A 155 -7.32 25.42 45.27
C GLY A 155 -8.06 24.26 44.67
N ILE A 156 -8.57 23.36 45.48
CA ILE A 156 -9.19 22.14 44.98
C ILE A 156 -10.68 22.46 44.76
N PRO A 157 -11.17 22.41 43.53
CA PRO A 157 -12.61 22.61 43.34
C PRO A 157 -13.41 21.74 44.30
N HIS A 158 -14.50 22.29 44.81
CA HIS A 158 -15.18 21.72 45.94
C HIS A 158 -16.68 21.94 45.78
N THR A 159 -17.44 21.33 46.69
CA THR A 159 -18.86 21.57 46.80
C THR A 159 -19.24 21.24 48.23
N TYR A 160 -19.81 22.20 48.93
CA TYR A 160 -20.21 22.01 50.31
C TYR A 160 -21.70 21.69 50.36
N VAL A 161 -22.03 20.49 50.86
CA VAL A 161 -23.40 20.01 50.97
C VAL A 161 -23.80 20.14 52.43
N VAL A 162 -24.73 21.04 52.72
CA VAL A 162 -25.02 21.45 54.09
C VAL A 162 -26.52 21.64 54.24
N GLY A 163 -26.93 21.85 55.49
CA GLY A 163 -28.21 22.48 55.78
C GLY A 163 -29.33 21.61 56.28
N ALA A 164 -29.12 20.31 56.46
CA ALA A 164 -30.22 19.45 56.86
C ALA A 164 -29.94 18.82 58.21
N CYS A 165 -31.02 18.49 58.92
CA CYS A 165 -30.96 17.58 60.06
C CYS A 165 -31.22 16.15 59.59
N PHE A 166 -30.48 15.22 60.17
CA PHE A 166 -30.65 13.82 59.81
C PHE A 166 -31.98 13.28 60.35
N ALA A 167 -32.79 12.71 59.46
CA ALA A 167 -34.10 12.21 59.87
C ALA A 167 -33.99 11.18 60.99
N ALA A 168 -32.99 10.31 60.92
CA ALA A 168 -32.87 9.27 61.93
C ALA A 168 -32.49 9.83 63.29
N TYR A 169 -31.74 10.92 63.29
CA TYR A 169 -31.29 11.53 64.52
C TYR A 169 -32.21 12.65 65.03
N PHE A 170 -33.15 13.15 64.24
CA PHE A 170 -33.95 14.29 64.68
C PHE A 170 -35.45 14.17 64.45
N ALA A 171 -35.89 13.51 63.38
CA ALA A 171 -37.32 13.41 63.14
C ALA A 171 -37.93 12.16 63.79
N GLY A 172 -37.31 11.00 63.57
CA GLY A 172 -37.90 9.75 64.05
C GLY A 172 -38.12 9.70 65.54
N ASN A 173 -37.30 10.40 66.30
CA ASN A 173 -37.47 10.49 67.74
C ASN A 173 -38.25 11.73 68.17
N LEU A 174 -38.84 12.46 67.22
CA LEU A 174 -39.43 13.76 67.51
C LEU A 174 -38.41 14.61 68.25
N SER A 175 -37.20 14.66 67.71
CA SER A 175 -36.10 15.48 68.22
C SER A 175 -35.76 15.19 69.68
N GLN A 176 -36.33 14.15 70.26
CA GLN A 176 -35.98 13.76 71.62
C GLN A 176 -34.61 13.10 71.65
N MET A 177 -33.91 13.32 72.75
CA MET A 177 -32.53 12.89 72.91
C MET A 177 -32.45 11.54 73.62
N GLY A 178 -31.31 10.88 73.46
CA GLY A 178 -31.07 9.55 74.00
C GLY A 178 -31.95 8.44 73.45
N THR A 179 -32.52 8.62 72.27
CA THR A 179 -33.48 7.66 71.74
C THR A 179 -33.60 7.89 70.25
N LEU A 180 -34.07 6.86 69.53
CA LEU A 180 -34.30 6.98 68.10
C LEU A 180 -35.65 6.47 67.66
N ILE A 181 -36.58 6.28 68.59
CA ILE A 181 -37.89 5.79 68.21
C ILE A 181 -38.94 6.72 68.79
N PRO A 182 -40.11 6.86 68.15
CA PRO A 182 -41.15 7.69 68.70
C PRO A 182 -41.32 7.46 70.19
N PRO A 183 -41.55 8.53 70.96
CA PRO A 183 -42.07 8.37 72.31
C PRO A 183 -43.54 7.99 72.31
N LYS A 184 -43.97 7.36 73.40
CA LYS A 184 -45.33 6.86 73.52
C LYS A 184 -46.20 7.73 74.40
N LYS A 185 -45.62 8.41 75.37
CA LYS A 185 -46.34 9.18 76.37
C LYS A 185 -46.06 10.68 76.29
N LYS A 186 -44.80 11.09 76.24
CA LYS A 186 -44.40 12.44 76.60
C LYS A 186 -43.29 12.94 75.70
N VAL A 187 -43.42 14.18 75.24
CA VAL A 187 -42.45 14.78 74.33
C VAL A 187 -41.98 16.12 74.88
N ASN A 188 -40.66 16.33 74.91
CA ASN A 188 -40.07 17.61 75.25
C ASN A 188 -40.09 18.55 74.06
N ILE A 189 -40.50 19.80 74.29
CA ILE A 189 -40.53 20.82 73.25
C ILE A 189 -39.54 21.91 73.63
N TYR A 190 -38.57 22.16 72.77
CA TYR A 190 -37.54 23.17 73.01
C TYR A 190 -38.06 24.53 72.57
N GLY A 191 -38.19 25.45 73.52
CA GLY A 191 -38.82 26.72 73.23
C GLY A 191 -40.31 26.51 73.12
N ASP A 192 -40.92 27.05 72.07
CA ASP A 192 -42.31 26.77 71.78
C ASP A 192 -42.47 25.65 70.77
N GLY A 193 -41.36 25.09 70.28
CA GLY A 193 -41.40 24.25 69.10
C GLY A 193 -41.83 24.96 67.86
N ASN A 194 -41.63 26.28 67.77
CA ASN A 194 -41.99 27.02 66.56
C ASN A 194 -40.78 27.57 65.84
N VAL A 195 -39.60 27.10 66.18
CA VAL A 195 -38.45 27.24 65.30
C VAL A 195 -38.58 26.25 64.16
N LYS A 196 -38.25 26.71 62.95
CA LYS A 196 -38.37 25.91 61.74
C LYS A 196 -37.05 25.21 61.46
N VAL A 197 -37.07 23.87 61.50
CA VAL A 197 -35.89 23.02 61.28
C VAL A 197 -36.06 22.30 59.94
N VAL A 198 -34.96 21.76 59.41
CA VAL A 198 -34.95 21.05 58.13
C VAL A 198 -34.68 19.56 58.40
N TYR A 199 -35.73 18.76 58.36
CA TYR A 199 -35.66 17.32 58.57
C TYR A 199 -35.57 16.60 57.22
N VAL A 200 -34.52 15.81 57.00
CA VAL A 200 -34.34 15.16 55.69
C VAL A 200 -33.88 13.71 55.83
N ASP A 201 -34.52 12.82 55.05
CA ASP A 201 -34.11 11.42 54.91
C ASP A 201 -32.70 11.33 54.37
N GLU A 202 -31.78 10.78 55.16
CA GLU A 202 -30.38 10.73 54.77
C GLU A 202 -30.18 10.10 53.39
N ASP A 203 -31.13 9.28 52.94
CA ASP A 203 -31.07 8.72 51.59
C ASP A 203 -31.09 9.81 50.54
N ASP A 204 -31.86 10.87 50.78
CA ASP A 204 -32.00 11.97 49.84
C ASP A 204 -30.79 12.90 49.90
N ILE A 205 -30.20 13.08 51.08
CA ILE A 205 -28.91 13.75 51.15
C ILE A 205 -27.94 13.14 50.15
N ALA A 206 -27.71 11.83 50.27
CA ALA A 206 -26.77 11.13 49.39
C ALA A 206 -27.12 11.33 47.91
N GLU A 207 -28.37 11.07 47.53
CA GLU A 207 -28.78 11.33 46.15
C GLU A 207 -28.42 12.75 45.69
N TYR A 208 -28.75 13.77 46.51
CA TYR A 208 -28.33 15.14 46.16
C TYR A 208 -26.82 15.22 46.04
N THR A 209 -26.09 14.66 47.01
CA THR A 209 -24.64 14.70 46.92
C THR A 209 -24.15 13.95 45.69
N ALA A 210 -24.87 12.93 45.23
CA ALA A 210 -24.43 12.17 44.07
C ALA A 210 -24.77 12.88 42.76
N LYS A 211 -25.97 13.47 42.68
CA LYS A 211 -26.30 14.32 41.55
C LYS A 211 -25.47 15.61 41.50
N THR A 212 -24.98 16.11 42.63
CA THR A 212 -24.35 17.43 42.67
C THR A 212 -22.86 17.45 42.43
N LEU A 213 -22.17 16.33 42.65
CA LEU A 213 -20.72 16.27 42.70
C LEU A 213 -20.06 16.44 41.35
N ASP A 214 -20.81 16.36 40.26
CA ASP A 214 -20.30 16.64 38.94
C ASP A 214 -21.11 17.72 38.21
N ASP A 215 -22.15 18.28 38.83
CA ASP A 215 -22.92 19.34 38.20
C ASP A 215 -22.03 20.54 37.91
N PRO A 216 -22.13 21.15 36.73
CA PRO A 216 -21.40 22.41 36.50
C PRO A 216 -21.95 23.58 37.30
N ARG A 217 -23.21 23.53 37.73
CA ARG A 217 -23.84 24.62 38.46
C ARG A 217 -23.46 24.67 39.93
N THR A 218 -22.82 23.64 40.48
CA THR A 218 -22.57 23.66 41.91
C THR A 218 -21.10 23.51 42.25
N ILE A 219 -20.23 23.51 41.24
CA ILE A 219 -18.81 23.48 41.51
C ILE A 219 -18.40 24.75 42.26
N ASN A 220 -17.52 24.59 43.24
CA ASN A 220 -17.01 25.71 44.04
C ASN A 220 -18.10 26.38 44.85
N LYS A 221 -19.24 25.73 45.01
CA LYS A 221 -20.35 26.34 45.68
C LYS A 221 -20.78 25.53 46.89
N THR A 222 -21.64 26.13 47.68
CA THR A 222 -22.31 25.49 48.79
C THR A 222 -23.67 25.05 48.30
N VAL A 223 -24.05 23.80 48.59
CA VAL A 223 -25.33 23.28 48.18
C VAL A 223 -26.21 23.10 49.41
N TYR A 224 -27.37 23.76 49.40
CA TYR A 224 -28.29 23.74 50.51
C TYR A 224 -29.37 22.69 50.25
N VAL A 225 -29.58 21.82 51.23
CA VAL A 225 -30.50 20.72 51.11
C VAL A 225 -31.71 21.09 51.94
N ARG A 226 -32.64 21.81 51.31
CA ARG A 226 -33.84 22.33 51.99
C ARG A 226 -35.02 21.96 51.12
N PRO A 227 -35.45 20.71 51.16
CA PRO A 227 -36.73 20.35 50.56
C PRO A 227 -37.86 21.08 51.26
N THR A 228 -38.64 21.80 50.48
CA THR A 228 -39.57 22.77 51.04
C THR A 228 -40.48 22.15 52.08
N GLU A 229 -41.27 21.15 51.69
CA GLU A 229 -42.28 20.67 52.62
C GLU A 229 -41.69 20.05 53.87
N ASN A 230 -40.40 19.72 53.86
CA ASN A 230 -39.70 19.18 55.03
C ASN A 230 -38.96 20.26 55.80
N VAL A 231 -39.22 21.53 55.47
CA VAL A 231 -38.94 22.65 56.35
C VAL A 231 -40.08 22.74 57.35
N LEU A 232 -39.80 22.40 58.60
CA LEU A 232 -40.83 22.23 59.61
C LEU A 232 -40.32 22.68 60.96
N THR A 233 -41.24 23.22 61.78
CA THR A 233 -40.93 23.37 63.19
C THR A 233 -41.03 22.00 63.87
N GLN A 234 -40.43 21.92 65.05
CA GLN A 234 -40.62 20.74 65.87
C GLN A 234 -42.10 20.42 66.05
N MET A 235 -42.80 21.25 66.81
CA MET A 235 -44.20 21.00 67.11
C MET A 235 -45.01 20.68 65.86
N GLU A 236 -44.51 20.99 64.69
CA GLU A 236 -45.22 20.61 63.47
C GLU A 236 -44.91 19.16 63.10
N LEU A 237 -43.65 18.76 63.27
CA LEU A 237 -43.28 17.36 63.14
C LEU A 237 -44.01 16.52 64.17
N VAL A 238 -44.24 17.07 65.37
CA VAL A 238 -44.94 16.35 66.42
C VAL A 238 -46.42 16.21 66.10
N GLN A 239 -46.99 17.14 65.38
CA GLN A 239 -48.37 17.03 64.94
C GLN A 239 -48.50 16.20 63.67
N ILE A 240 -47.38 15.88 63.02
CA ILE A 240 -47.38 14.90 61.97
C ILE A 240 -47.44 13.49 62.55
N TRP A 241 -46.72 13.27 63.66
CA TRP A 241 -46.81 12.02 64.38
C TRP A 241 -48.17 11.85 65.06
N GLU A 242 -48.62 12.85 65.81
CA GLU A 242 -49.89 12.72 66.51
C GLU A 242 -51.03 12.44 65.54
N LYS A 243 -50.98 13.03 64.36
CA LYS A 243 -52.05 12.79 63.41
C LYS A 243 -51.94 11.40 62.83
N LEU A 244 -50.74 10.82 62.84
CA LEU A 244 -50.56 9.45 62.39
C LEU A 244 -51.13 8.47 63.40
N THR A 245 -50.60 8.49 64.63
CA THR A 245 -51.04 7.53 65.64
C THR A 245 -52.45 7.81 66.10
N GLY A 246 -52.89 9.07 66.03
CA GLY A 246 -54.18 9.48 66.56
C GLY A 246 -54.19 9.69 68.05
N LYS A 247 -53.06 10.05 68.64
CA LYS A 247 -52.96 10.25 70.08
C LYS A 247 -52.17 11.51 70.34
N GLU A 248 -52.72 12.39 71.17
CA GLU A 248 -52.02 13.59 71.59
C GLU A 248 -50.98 13.25 72.63
N LEU A 249 -49.75 13.65 72.40
CA LEU A 249 -48.67 13.45 73.36
C LEU A 249 -48.74 14.52 74.45
N GLU A 250 -48.18 14.18 75.61
CA GLU A 250 -48.11 15.08 76.76
C GLU A 250 -46.86 15.93 76.61
N LYS A 251 -47.05 17.21 76.23
CA LYS A 251 -45.97 18.07 75.77
C LYS A 251 -45.47 18.96 76.89
N THR A 252 -44.15 19.10 76.99
CA THR A 252 -43.53 19.90 78.04
C THR A 252 -42.61 20.92 77.41
N ASN A 253 -42.94 22.20 77.57
CA ASN A 253 -42.15 23.27 76.96
C ASN A 253 -40.85 23.47 77.72
N ILE A 254 -39.76 23.70 76.97
CA ILE A 254 -38.45 23.91 77.57
C ILE A 254 -37.87 25.19 76.99
N SER A 255 -37.53 26.13 77.86
CA SER A 255 -36.99 27.42 77.46
C SER A 255 -35.48 27.32 77.28
N ALA A 256 -34.93 28.33 76.62
CA ALA A 256 -33.47 28.41 76.49
C ALA A 256 -32.74 27.99 77.77
N ASN A 257 -32.75 28.84 78.81
CA ASN A 257 -31.86 28.63 79.95
C ASN A 257 -32.06 27.25 80.56
N ASP A 258 -33.31 26.90 80.87
CA ASP A 258 -33.64 25.58 81.35
C ASP A 258 -33.06 24.50 80.43
N PHE A 259 -32.62 24.90 79.24
CA PHE A 259 -31.86 24.02 78.38
C PHE A 259 -30.36 24.21 78.50
N LEU A 260 -29.90 25.33 79.05
CA LEU A 260 -28.46 25.54 79.20
C LEU A 260 -27.97 25.02 80.55
N ALA A 261 -26.81 24.38 80.52
CA ALA A 261 -26.28 23.60 81.63
C ALA A 261 -25.15 24.30 82.37
N ASP A 262 -24.15 24.79 81.63
CA ASP A 262 -22.98 25.39 82.25
C ASP A 262 -22.55 26.64 81.49
N HIS A 270 -20.13 16.38 78.29
CA HIS A 270 -21.51 16.38 78.77
C HIS A 270 -22.40 15.53 77.87
N GLN A 271 -23.69 15.85 77.84
CA GLN A 271 -24.61 15.03 77.07
C GLN A 271 -24.24 15.05 75.59
N ALA A 272 -24.68 14.01 74.87
CA ALA A 272 -24.36 13.87 73.46
C ALA A 272 -24.78 15.10 72.68
N GLY A 273 -23.84 16.03 72.48
CA GLY A 273 -24.04 17.26 71.73
C GLY A 273 -25.26 18.11 72.07
N LEU A 274 -25.10 19.10 72.95
CA LEU A 274 -26.19 20.04 73.17
C LEU A 274 -25.99 21.37 72.45
N GLY A 275 -24.75 21.85 72.36
CA GLY A 275 -24.45 23.05 71.61
C GLY A 275 -24.99 22.98 70.20
N HIS A 276 -25.21 21.75 69.72
CA HIS A 276 -25.76 21.54 68.40
C HIS A 276 -27.26 21.74 68.38
N PHE A 277 -28.00 20.89 69.10
CA PHE A 277 -29.42 21.11 69.27
C PHE A 277 -29.73 22.60 69.40
N TYR A 278 -29.16 23.22 70.44
CA TYR A 278 -29.58 24.55 70.86
C TYR A 278 -29.64 25.53 69.70
N HIS A 279 -28.60 25.51 68.86
CA HIS A 279 -28.56 26.41 67.71
C HIS A 279 -29.65 26.07 66.70
N ILE A 280 -29.90 24.77 66.44
CA ILE A 280 -30.92 24.36 65.46
C ILE A 280 -32.32 24.66 65.99
N PHE A 281 -32.60 24.27 67.23
CA PHE A 281 -33.96 24.24 67.76
C PHE A 281 -34.34 25.48 68.53
N TYR A 282 -33.38 26.27 69.02
CA TYR A 282 -33.70 27.56 69.62
C TYR A 282 -33.31 28.74 68.75
N GLU A 283 -32.14 28.71 68.11
CA GLU A 283 -31.66 29.83 67.34
C GLU A 283 -32.14 29.82 65.89
N GLY A 284 -32.47 28.65 65.34
CA GLY A 284 -32.95 28.56 63.98
C GLY A 284 -31.88 28.71 62.91
N CYS A 285 -30.61 28.51 63.25
CA CYS A 285 -29.48 28.62 62.34
C CYS A 285 -29.61 27.87 61.01
N LEU A 286 -30.61 27.00 60.88
CA LEU A 286 -30.76 26.20 59.67
C LEU A 286 -31.73 26.81 58.69
N THR A 287 -32.71 27.58 59.18
CA THR A 287 -33.76 28.17 58.35
C THR A 287 -33.85 29.70 58.42
N ASP A 288 -32.88 30.37 59.04
CA ASP A 288 -32.99 31.81 59.25
C ASP A 288 -32.68 32.58 57.96
N HIS A 289 -31.58 32.23 57.30
CA HIS A 289 -31.25 32.75 55.99
C HIS A 289 -31.93 31.93 54.91
N GLU A 290 -32.74 32.59 54.09
CA GLU A 290 -33.35 31.84 53.00
C GLU A 290 -32.37 31.74 51.84
N VAL A 291 -32.67 30.86 50.89
CA VAL A 291 -31.71 30.48 49.87
C VAL A 291 -32.41 30.46 48.52
N GLY A 292 -31.61 30.56 47.46
CA GLY A 292 -32.12 30.58 46.11
C GLY A 292 -32.16 29.21 45.43
N ASP A 293 -33.17 29.04 44.58
CA ASP A 293 -33.35 27.90 43.69
C ASP A 293 -32.02 27.46 43.05
N ASP A 294 -31.10 28.40 42.78
CA ASP A 294 -29.84 28.07 42.11
C ASP A 294 -28.80 27.39 43.03
N GLU A 295 -29.28 26.87 44.18
CA GLU A 295 -28.38 26.39 45.23
C GLU A 295 -29.14 25.57 46.26
N GLU A 296 -30.40 25.24 45.98
CA GLU A 296 -31.20 24.40 46.86
C GLU A 296 -31.42 23.05 46.20
N ALA A 297 -30.99 21.97 46.86
CA ALA A 297 -31.00 20.63 46.26
C ALA A 297 -32.31 20.36 45.53
N SER A 298 -33.43 20.39 46.26
CA SER A 298 -34.72 20.09 45.64
C SER A 298 -34.98 20.93 44.40
N LYS A 299 -34.53 22.19 44.38
CA LYS A 299 -34.72 23.03 43.20
C LYS A 299 -33.71 22.71 42.11
N LEU A 300 -32.45 22.50 42.48
CA LEU A 300 -31.45 22.11 41.50
C LEU A 300 -31.76 20.75 40.89
N TYR A 301 -32.41 19.86 41.64
CA TYR A 301 -32.65 18.47 41.25
C TYR A 301 -34.11 18.14 41.51
N PRO A 302 -35.02 18.74 40.75
CA PRO A 302 -36.44 18.55 41.02
C PRO A 302 -36.91 17.12 40.80
N ASP A 303 -36.12 16.26 40.18
CA ASP A 303 -36.56 14.89 39.88
C ASP A 303 -36.42 13.96 41.08
N VAL A 304 -35.54 14.28 42.02
CA VAL A 304 -35.47 13.62 43.32
C VAL A 304 -36.78 13.81 44.07
N LYS A 305 -37.63 12.80 44.08
CA LYS A 305 -38.83 12.83 44.90
C LYS A 305 -38.45 12.39 46.31
N TYR A 306 -37.95 13.34 47.10
CA TYR A 306 -37.50 13.07 48.45
C TYR A 306 -38.69 12.67 49.32
N THR A 307 -38.44 12.43 50.60
CA THR A 307 -39.43 11.83 51.50
C THR A 307 -39.96 12.86 52.50
N ARG A 308 -41.28 12.95 52.58
CA ARG A 308 -41.94 13.82 53.54
C ARG A 308 -42.04 13.09 54.87
N MET A 309 -41.96 13.84 55.97
CA MET A 309 -41.94 13.18 57.27
C MET A 309 -43.24 12.44 57.57
N ASP A 310 -44.31 12.70 56.82
CA ASP A 310 -45.53 11.95 57.05
C ASP A 310 -45.41 10.53 56.51
N GLU A 311 -44.52 10.33 55.54
CA GLU A 311 -44.14 9.00 55.08
C GLU A 311 -43.02 8.42 55.92
N TYR A 312 -41.97 9.21 56.18
CA TYR A 312 -40.86 8.70 56.97
C TYR A 312 -41.35 8.14 58.30
N LEU A 313 -42.14 8.92 59.02
CA LEU A 313 -42.53 8.43 60.34
C LEU A 313 -43.44 7.20 60.23
N LYS A 314 -43.76 6.75 59.03
CA LYS A 314 -44.75 5.70 58.94
C LYS A 314 -44.19 4.37 59.43
N ILE A 315 -42.89 4.15 59.25
CA ILE A 315 -42.26 2.90 59.66
C ILE A 315 -42.40 2.64 61.15
N PHE A 316 -42.76 3.64 61.94
CA PHE A 316 -42.73 3.52 63.39
C PHE A 316 -44.10 3.24 64.00
N LEU A 317 -45.14 3.17 63.20
CA LEU A 317 -46.48 3.02 63.74
C LEU A 317 -46.76 1.61 64.23
N GLU B 8 22.33 -37.98 -48.87
CA GLU B 8 22.75 -39.28 -48.38
C GLU B 8 23.09 -39.19 -46.90
N LYS B 9 22.81 -38.02 -46.33
CA LYS B 9 23.12 -37.74 -44.94
C LYS B 9 21.94 -38.11 -44.06
N THR B 10 22.22 -38.69 -42.91
CA THR B 10 21.21 -38.82 -41.89
C THR B 10 21.19 -37.52 -41.11
N ARG B 11 19.99 -37.02 -40.84
CA ARG B 11 19.82 -35.70 -40.25
C ARG B 11 19.60 -35.90 -38.76
N VAL B 12 20.59 -35.52 -37.97
CA VAL B 12 20.59 -35.75 -36.53
C VAL B 12 20.10 -34.50 -35.84
N LEU B 13 19.27 -34.66 -34.82
CA LEU B 13 18.85 -33.58 -33.94
C LEU B 13 19.39 -33.82 -32.53
N VAL B 14 20.27 -32.96 -32.08
CA VAL B 14 20.76 -33.04 -30.71
C VAL B 14 19.83 -32.23 -29.82
N VAL B 15 19.56 -32.75 -28.63
CA VAL B 15 18.68 -32.12 -27.67
C VAL B 15 19.53 -31.87 -26.45
N GLY B 16 19.42 -30.68 -25.88
CA GLY B 16 20.37 -30.25 -24.88
C GLY B 16 21.77 -30.10 -25.44
N GLY B 17 21.93 -29.37 -26.54
CA GLY B 17 23.21 -29.24 -27.21
C GLY B 17 24.16 -28.20 -26.65
N THR B 18 23.80 -27.47 -25.60
CA THR B 18 24.75 -26.58 -24.95
C THR B 18 25.30 -27.16 -23.67
N GLY B 19 24.91 -28.40 -23.33
CA GLY B 19 25.47 -29.08 -22.19
C GLY B 19 26.87 -29.58 -22.44
N THR B 20 27.54 -30.01 -21.36
CA THR B 20 28.91 -30.50 -21.48
C THR B 20 29.01 -31.60 -22.54
N MET B 21 28.12 -32.57 -22.49
CA MET B 21 28.15 -33.67 -23.45
C MET B 21 27.50 -33.28 -24.76
N GLY B 22 26.33 -32.64 -24.71
CA GLY B 22 25.64 -32.28 -25.94
C GLY B 22 26.48 -31.48 -26.90
N ARG B 23 27.24 -30.52 -26.38
CA ARG B 23 28.04 -29.65 -27.25
C ARG B 23 29.09 -30.44 -28.02
N ARG B 24 29.70 -31.45 -27.41
CA ARG B 24 30.68 -32.25 -28.14
C ARG B 24 30.00 -33.19 -29.12
N ILE B 25 28.82 -33.71 -28.76
CA ILE B 25 28.04 -34.50 -29.70
C ILE B 25 27.76 -33.71 -30.96
N VAL B 26 27.52 -32.40 -30.83
CA VAL B 26 27.23 -31.58 -32.01
C VAL B 26 28.46 -31.42 -32.88
N ARG B 27 29.60 -31.06 -32.28
CA ARG B 27 30.81 -30.97 -33.07
C ARG B 27 31.07 -32.27 -33.78
N ALA B 28 30.93 -33.38 -33.04
CA ALA B 28 31.23 -34.71 -33.57
C ALA B 28 30.29 -35.11 -34.70
N CYS B 29 28.98 -34.90 -34.52
CA CYS B 29 28.08 -35.21 -35.61
C CYS B 29 28.48 -34.45 -36.87
N LEU B 30 28.75 -33.15 -36.73
CA LEU B 30 29.18 -32.36 -37.90
C LEU B 30 30.44 -32.93 -38.52
N ALA B 31 31.40 -33.34 -37.69
CA ALA B 31 32.67 -33.89 -38.16
C ALA B 31 32.51 -35.26 -38.81
N GLU B 32 31.45 -36.00 -38.49
CA GLU B 32 31.15 -37.22 -39.21
C GLU B 32 30.42 -36.96 -40.52
N GLY B 33 30.20 -35.70 -40.88
CA GLY B 33 29.51 -35.37 -42.09
C GLY B 33 28.01 -35.45 -42.03
N HIS B 34 27.42 -35.43 -40.84
CA HIS B 34 25.97 -35.47 -40.73
C HIS B 34 25.38 -34.08 -40.93
N GLU B 35 24.11 -34.06 -41.32
CA GLU B 35 23.33 -32.83 -41.21
C GLU B 35 22.80 -32.74 -39.79
N THR B 36 23.44 -31.93 -38.97
CA THR B 36 23.10 -31.82 -37.57
C THR B 36 22.11 -30.69 -37.39
N TYR B 37 21.08 -30.95 -36.61
CA TYR B 37 20.12 -29.97 -36.15
C TYR B 37 20.24 -29.93 -34.63
N VAL B 38 20.04 -28.77 -34.04
CA VAL B 38 20.21 -28.62 -32.60
C VAL B 38 18.99 -27.92 -32.07
N LEU B 39 18.51 -28.39 -30.93
CA LEU B 39 17.33 -27.78 -30.33
C LEU B 39 17.68 -26.41 -29.75
N GLN B 40 16.80 -25.47 -29.99
CA GLN B 40 16.91 -24.14 -29.43
C GLN B 40 15.60 -23.90 -28.68
N GLN B 41 15.69 -23.87 -27.46
CA GLN B 41 14.72 -23.67 -26.41
C GLN B 41 14.67 -22.19 -26.05
N PRO B 42 13.48 -21.64 -25.89
CA PRO B 42 13.39 -20.23 -25.46
C PRO B 42 14.24 -19.98 -24.21
N GLU B 43 14.93 -18.85 -24.24
CA GLU B 43 15.82 -18.49 -23.15
C GLU B 43 15.04 -18.43 -21.85
N THR B 44 15.54 -19.14 -20.83
CA THR B 44 15.00 -19.03 -19.48
C THR B 44 15.43 -17.75 -18.80
N ARG B 45 16.47 -17.11 -19.34
CA ARG B 45 17.18 -15.99 -18.74
C ARG B 45 18.04 -15.33 -19.82
N VAL B 46 18.65 -14.19 -19.48
CA VAL B 46 19.73 -13.62 -20.28
C VAL B 46 21.01 -14.38 -19.92
N ASP B 47 21.44 -15.30 -20.79
CA ASP B 47 22.68 -16.04 -20.63
C ASP B 47 23.49 -15.96 -21.92
N ILE B 48 24.63 -15.28 -21.85
CA ILE B 48 25.45 -15.04 -23.03
C ILE B 48 26.07 -16.34 -23.55
N GLU B 49 26.50 -17.24 -22.65
CA GLU B 49 27.29 -18.36 -23.12
C GLU B 49 26.44 -19.46 -23.70
N LYS B 50 25.23 -19.66 -23.20
CA LYS B 50 24.37 -20.61 -23.89
C LYS B 50 23.93 -20.08 -25.24
N VAL B 51 23.84 -18.74 -25.39
CA VAL B 51 23.34 -18.14 -26.63
C VAL B 51 24.43 -18.12 -27.69
N GLN B 52 25.68 -17.88 -27.31
CA GLN B 52 26.75 -17.81 -28.28
C GLN B 52 27.21 -19.21 -28.70
N LEU B 53 27.47 -20.08 -27.72
CA LEU B 53 27.66 -21.49 -28.04
C LEU B 53 26.58 -21.96 -29.01
N LEU B 54 25.32 -21.67 -28.71
CA LEU B 54 24.24 -22.01 -29.63
C LEU B 54 24.52 -21.55 -31.06
N TYR B 55 24.90 -20.27 -31.24
CA TYR B 55 25.06 -19.72 -32.59
C TYR B 55 26.42 -20.01 -33.20
N SER B 56 27.45 -20.30 -32.39
CA SER B 56 28.68 -20.84 -32.94
C SER B 56 28.45 -22.12 -33.73
N TYR B 57 27.40 -22.88 -33.40
CA TYR B 57 27.07 -24.09 -34.16
C TYR B 57 26.68 -23.74 -35.58
N LYS B 58 25.80 -22.74 -35.75
CA LYS B 58 25.44 -22.28 -37.09
C LYS B 58 26.66 -21.98 -37.92
N ARG B 59 27.75 -21.54 -37.29
CA ARG B 59 28.98 -21.29 -38.01
C ARG B 59 29.69 -22.57 -38.47
N LEU B 60 29.41 -23.72 -37.87
CA LEU B 60 30.07 -24.93 -38.32
C LEU B 60 29.27 -25.71 -39.35
N GLY B 61 27.97 -25.51 -39.44
CA GLY B 61 27.18 -26.19 -40.44
C GLY B 61 25.83 -26.50 -39.85
N ALA B 62 25.78 -26.54 -38.52
CA ALA B 62 24.58 -26.98 -37.85
C ALA B 62 23.48 -25.95 -38.01
N ARG B 63 22.24 -26.41 -37.99
CA ARG B 63 21.09 -25.52 -37.95
C ARG B 63 20.47 -25.56 -36.57
N LEU B 64 19.59 -24.59 -36.30
CA LEU B 64 19.01 -24.41 -34.97
C LEU B 64 17.51 -24.53 -35.08
N ILE B 65 16.95 -25.52 -34.41
CA ILE B 65 15.51 -25.68 -34.40
C ILE B 65 14.98 -25.19 -33.06
N GLU B 66 13.94 -24.39 -33.13
CA GLU B 66 13.35 -23.75 -31.96
C GLU B 66 12.12 -24.55 -31.60
N ALA B 67 12.08 -25.01 -30.36
CA ALA B 67 10.97 -25.80 -29.86
C ALA B 67 10.94 -25.60 -28.35
N SER B 68 9.79 -25.90 -27.78
CA SER B 68 9.61 -25.82 -26.34
C SER B 68 9.02 -27.14 -25.85
N PHE B 69 9.56 -27.59 -24.71
CA PHE B 69 9.06 -28.80 -24.07
C PHE B 69 7.63 -28.65 -23.60
N SER B 70 7.24 -27.46 -23.17
CA SER B 70 5.83 -27.23 -22.85
C SER B 70 4.93 -27.25 -24.08
N ASP B 71 5.51 -27.37 -25.28
CA ASP B 71 4.82 -27.03 -26.51
C ASP B 71 4.95 -28.24 -27.43
N HIS B 72 3.96 -29.13 -27.36
CA HIS B 72 4.12 -30.47 -27.92
C HIS B 72 4.34 -30.39 -29.43
N GLN B 73 3.65 -29.47 -30.11
CA GLN B 73 3.72 -29.40 -31.56
C GLN B 73 5.07 -28.88 -32.06
N SER B 74 5.83 -28.20 -31.22
CA SER B 74 7.16 -27.81 -31.62
C SER B 74 8.12 -28.98 -31.59
N LEU B 75 7.86 -29.96 -30.70
CA LEU B 75 8.65 -31.18 -30.69
C LEU B 75 8.41 -32.00 -31.94
N VAL B 76 7.14 -32.11 -32.35
CA VAL B 76 6.78 -32.83 -33.56
C VAL B 76 7.35 -32.12 -34.80
N SER B 77 7.15 -30.80 -34.88
CA SER B 77 7.71 -30.05 -35.99
C SER B 77 9.22 -30.18 -36.03
N ALA B 78 9.87 -30.30 -34.88
CA ALA B 78 11.32 -30.47 -34.88
C ALA B 78 11.74 -31.91 -35.17
N VAL B 79 10.99 -32.91 -34.70
CA VAL B 79 11.37 -34.30 -34.97
C VAL B 79 11.11 -34.69 -36.41
N LYS B 80 10.15 -34.03 -37.06
CA LYS B 80 9.85 -34.34 -38.46
C LYS B 80 10.94 -33.86 -39.41
N GLN B 81 11.91 -33.11 -38.94
CA GLN B 81 12.90 -32.56 -39.85
C GLN B 81 14.15 -33.39 -39.86
N VAL B 82 14.18 -34.48 -39.10
CA VAL B 82 15.42 -35.21 -38.89
C VAL B 82 15.16 -36.70 -39.05
N ASP B 83 16.27 -37.43 -39.17
CA ASP B 83 16.29 -38.88 -39.19
C ASP B 83 16.51 -39.46 -37.80
N ILE B 84 17.41 -38.88 -37.02
CA ILE B 84 17.91 -39.45 -35.79
C ILE B 84 17.90 -38.34 -34.72
N VAL B 85 17.72 -38.74 -33.46
CA VAL B 85 17.68 -37.78 -32.36
C VAL B 85 18.59 -38.29 -31.25
N VAL B 86 19.38 -37.38 -30.69
CA VAL B 86 20.31 -37.67 -29.62
C VAL B 86 20.12 -36.59 -28.56
N ALA B 87 19.69 -36.97 -27.38
CA ALA B 87 19.50 -36.03 -26.30
C ALA B 87 20.63 -36.15 -25.29
N ALA B 88 20.96 -35.05 -24.61
CA ALA B 88 22.08 -35.06 -23.68
C ALA B 88 21.97 -33.99 -22.59
N MET B 89 21.09 -34.20 -21.62
CA MET B 89 20.71 -33.17 -20.68
C MET B 89 21.38 -33.35 -19.32
N SER B 90 20.64 -33.06 -18.26
CA SER B 90 21.23 -32.97 -16.94
C SER B 90 20.97 -34.28 -16.20
N GLY B 91 22.06 -34.98 -15.89
CA GLY B 91 22.00 -36.14 -15.01
C GLY B 91 22.34 -35.72 -13.59
N SER B 96 16.85 -36.26 -9.79
CA SER B 96 16.79 -35.19 -10.79
C SER B 96 15.41 -35.06 -11.39
N HIS B 97 15.18 -33.94 -12.06
CA HIS B 97 13.97 -33.70 -12.82
C HIS B 97 14.18 -33.79 -14.32
N SER B 98 15.25 -33.16 -14.84
CA SER B 98 15.32 -32.87 -16.27
C SER B 98 15.47 -34.11 -17.12
N ILE B 99 15.87 -35.24 -16.54
CA ILE B 99 15.90 -36.49 -17.31
C ILE B 99 14.50 -36.83 -17.80
N LEU B 100 13.49 -36.56 -16.99
CA LEU B 100 12.12 -36.87 -17.37
C LEU B 100 11.53 -35.90 -18.40
N VAL B 101 12.24 -34.89 -18.89
CA VAL B 101 11.69 -34.12 -19.99
C VAL B 101 11.69 -34.97 -21.26
N GLN B 102 12.63 -35.91 -21.36
CA GLN B 102 12.65 -36.84 -22.48
C GLN B 102 11.36 -37.62 -22.65
N LEU B 103 10.48 -37.67 -21.65
CA LEU B 103 9.22 -38.37 -21.87
C LEU B 103 8.38 -37.67 -22.93
N LYS B 104 8.33 -36.34 -22.89
CA LYS B 104 7.63 -35.59 -23.92
C LYS B 104 8.34 -35.69 -25.27
N LEU B 105 9.66 -35.65 -25.25
CA LEU B 105 10.42 -35.91 -26.46
C LEU B 105 10.02 -37.26 -27.08
N VAL B 106 9.90 -38.31 -26.25
CA VAL B 106 9.48 -39.62 -26.77
C VAL B 106 8.06 -39.54 -27.33
N GLU B 107 7.12 -38.98 -26.54
CA GLU B 107 5.75 -38.82 -27.00
C GLU B 107 5.66 -38.18 -28.39
N ALA B 108 6.60 -37.29 -28.72
CA ALA B 108 6.61 -36.62 -30.01
C ALA B 108 7.26 -37.47 -31.10
N ILE B 109 8.42 -38.08 -30.84
CA ILE B 109 8.97 -39.01 -31.82
C ILE B 109 7.93 -40.05 -32.21
N LYS B 110 7.14 -40.48 -31.23
CA LYS B 110 6.06 -41.40 -31.54
C LYS B 110 5.14 -40.82 -32.60
N GLU B 111 4.64 -39.61 -32.37
CA GLU B 111 3.60 -39.09 -33.26
C GLU B 111 4.11 -38.91 -34.69
N ALA B 112 5.41 -38.73 -34.86
CA ALA B 112 5.99 -38.47 -36.17
C ALA B 112 6.44 -39.73 -36.89
N GLY B 113 6.99 -40.69 -36.16
CA GLY B 113 7.34 -41.98 -36.72
C GLY B 113 8.19 -41.94 -37.97
N ASN B 114 8.99 -40.89 -38.15
CA ASN B 114 10.02 -40.89 -39.17
C ASN B 114 11.39 -41.08 -38.57
N ILE B 115 11.49 -41.27 -37.27
CA ILE B 115 12.78 -41.34 -36.60
C ILE B 115 13.34 -42.76 -36.69
N LYS B 116 14.57 -42.87 -37.19
CA LYS B 116 15.20 -44.17 -37.41
C LYS B 116 15.76 -44.79 -36.13
N ARG B 117 16.05 -43.96 -35.13
CA ARG B 117 16.73 -44.31 -33.89
C ARG B 117 16.83 -43.06 -33.01
N PHE B 118 16.48 -43.20 -31.72
CA PHE B 118 16.63 -42.15 -30.73
C PHE B 118 17.62 -42.61 -29.67
N LEU B 119 18.73 -41.88 -29.50
CA LEU B 119 19.67 -42.16 -28.44
C LEU B 119 19.37 -41.31 -27.20
N PRO B 120 18.65 -41.84 -26.23
CA PRO B 120 18.31 -41.03 -25.07
C PRO B 120 19.56 -40.48 -24.38
N SER B 121 19.32 -39.71 -23.34
CA SER B 121 20.37 -39.06 -22.56
C SER B 121 20.83 -40.04 -21.49
N GLU B 122 22.10 -40.41 -21.53
CA GLU B 122 22.69 -41.27 -20.51
C GLU B 122 24.04 -41.76 -20.95
N PHE B 123 25.10 -41.09 -20.51
CA PHE B 123 26.44 -41.40 -20.97
C PHE B 123 27.33 -41.66 -19.80
N GLY B 124 26.78 -42.33 -18.79
CA GLY B 124 27.56 -42.75 -17.64
C GLY B 124 27.26 -44.17 -17.16
N MET B 125 26.95 -44.29 -15.86
CA MET B 125 26.51 -45.56 -15.31
C MET B 125 25.30 -46.09 -16.06
N ASP B 126 25.33 -47.38 -16.36
CA ASP B 126 24.13 -48.07 -16.78
C ASP B 126 23.09 -47.97 -15.67
N PRO B 127 21.84 -47.76 -16.01
CA PRO B 127 20.80 -47.85 -14.98
C PRO B 127 20.19 -49.24 -14.87
N SER B 128 20.21 -50.03 -15.95
CA SER B 128 19.57 -51.34 -15.90
C SER B 128 20.37 -52.40 -15.06
N ARG B 129 21.35 -51.98 -14.25
CA ARG B 129 22.00 -52.85 -13.28
C ARG B 129 21.25 -52.83 -11.95
N MET B 130 21.25 -53.98 -11.26
CA MET B 130 20.44 -54.15 -10.05
C MET B 130 21.02 -53.41 -8.85
N GLY B 131 22.19 -53.82 -8.37
CA GLY B 131 22.79 -53.19 -7.21
C GLY B 131 24.16 -53.72 -6.84
N ASP B 142 16.23 -44.80 -10.93
CA ASP B 142 16.73 -43.76 -11.82
C ASP B 142 15.70 -43.62 -12.95
N GLN B 143 15.64 -42.41 -13.50
CA GLN B 143 14.66 -42.06 -14.51
C GLN B 143 15.18 -42.36 -15.91
N LYS B 144 16.45 -42.66 -16.06
CA LYS B 144 16.95 -43.24 -17.30
C LYS B 144 16.18 -44.51 -17.61
N LEU B 145 16.00 -45.36 -16.62
CA LEU B 145 15.24 -46.58 -16.83
C LEU B 145 13.82 -46.29 -17.28
N GLU B 146 13.21 -45.27 -16.69
CA GLU B 146 11.79 -44.98 -16.90
C GLU B 146 11.54 -44.34 -18.25
N VAL B 147 12.56 -43.69 -18.80
CA VAL B 147 12.50 -43.21 -20.16
C VAL B 147 12.82 -44.34 -21.14
N ARG B 148 13.64 -45.29 -20.70
CA ARG B 148 13.93 -46.49 -21.50
C ARG B 148 12.66 -47.26 -21.81
N ASN B 149 11.83 -47.48 -20.80
CA ASN B 149 10.54 -48.13 -21.01
C ASN B 149 9.66 -47.34 -21.98
N ALA B 150 9.73 -46.02 -21.95
CA ALA B 150 8.84 -45.23 -22.81
C ALA B 150 9.30 -45.27 -24.26
N ILE B 151 10.60 -45.50 -24.49
CA ILE B 151 11.12 -45.79 -25.82
C ILE B 151 10.64 -47.16 -26.28
N GLU B 152 10.81 -48.17 -25.41
CA GLU B 152 10.53 -49.55 -25.82
C GLU B 152 9.03 -49.81 -25.82
N ALA B 153 8.34 -49.37 -24.79
CA ALA B 153 6.88 -49.43 -24.76
C ALA B 153 6.22 -48.71 -25.92
N ALA B 154 6.98 -47.96 -26.72
CA ALA B 154 6.43 -47.30 -27.89
C ALA B 154 6.92 -47.88 -29.21
N GLY B 155 8.04 -48.58 -29.21
CA GLY B 155 8.56 -49.15 -30.41
C GLY B 155 9.64 -48.33 -31.11
N ILE B 156 10.33 -47.44 -30.41
CA ILE B 156 11.32 -46.57 -31.04
C ILE B 156 12.67 -47.30 -31.05
N PRO B 157 13.28 -47.50 -32.22
CA PRO B 157 14.67 -47.99 -32.24
C PRO B 157 15.54 -47.16 -31.30
N HIS B 158 16.63 -47.76 -30.83
CA HIS B 158 17.44 -47.14 -29.79
C HIS B 158 18.85 -47.73 -29.80
N THR B 159 19.80 -46.94 -29.34
CA THR B 159 21.10 -47.46 -28.95
C THR B 159 21.50 -46.77 -27.66
N TYR B 160 22.02 -47.52 -26.70
CA TYR B 160 22.35 -46.99 -25.39
C TYR B 160 23.87 -46.93 -25.22
N VAL B 161 24.41 -45.72 -25.08
CA VAL B 161 25.83 -45.50 -24.87
C VAL B 161 26.05 -45.41 -23.36
N VAL B 162 26.76 -46.38 -22.76
CA VAL B 162 26.95 -46.42 -21.31
C VAL B 162 28.35 -46.94 -20.97
N GLY B 163 28.69 -46.86 -19.68
CA GLY B 163 29.89 -47.46 -19.16
C GLY B 163 31.15 -46.62 -19.13
N ALA B 164 31.04 -45.33 -18.88
CA ALA B 164 32.26 -44.54 -18.88
C ALA B 164 32.21 -43.49 -17.78
N CYS B 165 33.36 -43.27 -17.17
CA CYS B 165 33.57 -42.14 -16.28
C CYS B 165 34.16 -40.98 -17.06
N PHE B 166 33.48 -39.83 -17.01
CA PHE B 166 33.95 -38.60 -17.64
C PHE B 166 35.34 -38.27 -17.12
N ALA B 167 36.32 -38.16 -18.03
CA ALA B 167 37.69 -37.85 -17.62
C ALA B 167 37.83 -36.48 -16.95
N ALA B 168 36.95 -35.51 -17.27
CA ALA B 168 36.96 -34.21 -16.62
C ALA B 168 36.50 -34.30 -15.17
N TYR B 169 35.43 -35.06 -14.91
CA TYR B 169 34.83 -35.15 -13.58
C TYR B 169 35.47 -36.20 -12.69
N PHE B 170 36.42 -36.99 -13.18
CA PHE B 170 36.91 -38.11 -12.39
C PHE B 170 38.42 -38.28 -12.57
N ALA B 171 38.88 -38.31 -13.83
CA ALA B 171 40.30 -38.41 -14.13
C ALA B 171 41.09 -37.09 -14.05
N GLY B 172 40.44 -35.93 -14.20
CA GLY B 172 41.17 -34.68 -14.10
C GLY B 172 41.69 -34.40 -12.72
N ASN B 173 40.96 -34.80 -11.69
CA ASN B 173 41.34 -34.58 -10.31
C ASN B 173 41.90 -35.83 -9.65
N LEU B 174 42.32 -36.82 -10.45
CA LEU B 174 42.74 -38.15 -9.96
C LEU B 174 41.64 -38.76 -9.09
N SER B 175 40.41 -38.68 -9.56
CA SER B 175 39.27 -39.06 -8.73
C SER B 175 39.38 -38.46 -7.33
N GLN B 176 39.27 -37.13 -7.24
CA GLN B 176 39.01 -36.45 -5.98
C GLN B 176 37.71 -35.67 -6.09
N MET B 177 37.01 -35.54 -4.97
CA MET B 177 35.78 -34.75 -4.92
C MET B 177 36.11 -33.30 -4.55
N GLY B 178 35.43 -32.37 -5.20
CA GLY B 178 35.62 -30.96 -4.95
C GLY B 178 36.40 -30.24 -6.03
N THR B 179 37.56 -30.79 -6.36
CA THR B 179 38.45 -30.21 -7.36
C THR B 179 38.15 -30.77 -8.75
N LEU B 180 38.83 -30.19 -9.74
CA LEU B 180 38.89 -30.72 -11.10
C LEU B 180 40.31 -30.65 -11.64
N ILE B 181 41.30 -30.37 -10.80
CA ILE B 181 42.71 -30.37 -11.16
C ILE B 181 43.43 -31.28 -10.18
N PRO B 182 44.55 -31.88 -10.57
CA PRO B 182 45.24 -32.79 -9.67
C PRO B 182 45.49 -32.13 -8.33
N PRO B 183 45.26 -32.83 -7.22
CA PRO B 183 45.78 -32.32 -5.94
C PRO B 183 47.28 -32.16 -6.02
N LYS B 184 47.83 -31.49 -5.03
CA LYS B 184 49.24 -31.15 -5.11
C LYS B 184 50.09 -31.98 -4.19
N LYS B 185 49.55 -32.38 -3.05
CA LYS B 185 50.31 -33.14 -2.07
C LYS B 185 49.58 -34.43 -1.69
N LYS B 186 48.36 -34.29 -1.17
CA LYS B 186 47.60 -35.38 -0.61
C LYS B 186 46.47 -35.80 -1.54
N VAL B 187 46.20 -37.11 -1.56
CA VAL B 187 45.14 -37.71 -2.35
C VAL B 187 44.38 -38.70 -1.47
N ASN B 188 43.06 -38.66 -1.53
CA ASN B 188 42.25 -39.70 -0.91
C ASN B 188 42.14 -40.91 -1.84
N ILE B 189 42.56 -42.09 -1.37
CA ILE B 189 42.35 -43.35 -2.07
C ILE B 189 41.23 -44.11 -1.36
N TYR B 190 40.17 -44.44 -2.08
CA TYR B 190 39.08 -45.25 -1.51
C TYR B 190 39.43 -46.72 -1.59
N GLY B 191 39.12 -47.45 -0.52
CA GLY B 191 39.47 -48.85 -0.47
C GLY B 191 40.97 -49.01 -0.57
N ASP B 192 41.40 -49.93 -1.45
CA ASP B 192 42.81 -50.17 -1.71
C ASP B 192 43.36 -49.32 -2.85
N GLY B 193 42.51 -48.78 -3.70
CA GLY B 193 42.95 -48.11 -4.89
C GLY B 193 43.12 -49.11 -6.01
N ASN B 194 42.19 -50.06 -6.11
CA ASN B 194 42.44 -51.23 -6.93
C ASN B 194 41.24 -51.79 -7.69
N VAL B 195 40.03 -51.29 -7.45
CA VAL B 195 38.91 -51.61 -8.32
C VAL B 195 39.23 -51.11 -9.72
N LYS B 196 38.34 -51.37 -10.68
CA LYS B 196 38.55 -50.99 -12.07
C LYS B 196 37.50 -49.97 -12.49
N VAL B 197 37.93 -48.89 -13.12
CA VAL B 197 37.05 -47.82 -13.54
C VAL B 197 37.40 -47.46 -14.97
N VAL B 198 36.40 -47.04 -15.73
CA VAL B 198 36.55 -46.67 -17.14
C VAL B 198 36.75 -45.16 -17.21
N TYR B 199 37.95 -44.73 -17.59
CA TYR B 199 38.30 -43.32 -17.72
C TYR B 199 38.33 -42.98 -19.20
N VAL B 200 37.52 -42.03 -19.62
CA VAL B 200 37.43 -41.72 -21.05
C VAL B 200 37.21 -40.23 -21.23
N ASP B 201 37.91 -39.68 -22.21
CA ASP B 201 37.65 -38.32 -22.63
C ASP B 201 36.23 -38.20 -23.18
N GLU B 202 35.50 -37.19 -22.69
CA GLU B 202 34.14 -36.96 -23.16
C GLU B 202 34.08 -36.63 -24.65
N ASP B 203 35.17 -36.13 -25.23
CA ASP B 203 35.24 -36.00 -26.68
C ASP B 203 35.22 -37.37 -27.35
N ASP B 204 35.87 -38.36 -26.74
CA ASP B 204 35.81 -39.74 -27.22
C ASP B 204 34.40 -40.29 -27.16
N ILE B 205 33.80 -40.25 -25.97
CA ILE B 205 32.39 -40.56 -25.72
C ILE B 205 31.46 -40.07 -26.83
N ALA B 206 31.80 -38.95 -27.47
CA ALA B 206 30.92 -38.37 -28.47
C ALA B 206 31.19 -38.92 -29.86
N GLU B 207 32.46 -38.97 -30.27
CA GLU B 207 32.79 -39.52 -31.58
C GLU B 207 32.36 -40.99 -31.69
N TYR B 208 32.54 -41.77 -30.60
CA TYR B 208 31.88 -43.06 -30.50
C TYR B 208 30.37 -42.89 -30.64
N THR B 209 29.82 -41.91 -29.96
CA THR B 209 28.38 -41.65 -30.01
C THR B 209 27.93 -41.21 -31.39
N ALA B 210 28.81 -40.62 -32.18
CA ALA B 210 28.41 -40.19 -33.51
C ALA B 210 28.64 -41.26 -34.56
N LYS B 211 29.62 -42.13 -34.35
CA LYS B 211 29.78 -43.30 -35.21
C LYS B 211 28.65 -44.30 -35.02
N THR B 212 28.17 -44.48 -33.78
CA THR B 212 27.17 -45.50 -33.50
C THR B 212 25.74 -45.12 -33.88
N LEU B 213 25.40 -43.83 -33.90
CA LEU B 213 23.98 -43.48 -33.99
C LEU B 213 23.33 -43.96 -35.27
N ASP B 214 24.11 -44.36 -36.27
CA ASP B 214 23.52 -44.91 -37.48
C ASP B 214 24.26 -46.16 -37.95
N ASP B 215 25.02 -46.80 -37.06
CA ASP B 215 25.65 -48.11 -37.34
C ASP B 215 24.62 -49.23 -37.35
N PRO B 216 24.49 -49.99 -38.42
CA PRO B 216 23.52 -51.10 -38.44
C PRO B 216 23.67 -52.08 -37.28
N ARG B 217 24.89 -52.34 -36.81
CA ARG B 217 25.09 -53.29 -35.73
C ARG B 217 24.35 -52.87 -34.46
N THR B 218 24.59 -51.67 -33.94
CA THR B 218 24.24 -51.36 -32.56
C THR B 218 22.80 -50.85 -32.37
N ILE B 219 21.99 -50.73 -33.42
CA ILE B 219 20.60 -50.32 -33.23
C ILE B 219 19.90 -51.29 -32.28
N ASN B 220 19.03 -50.74 -31.43
CA ASN B 220 18.40 -51.51 -30.36
C ASN B 220 19.41 -52.35 -29.62
N LYS B 221 20.60 -51.83 -29.47
CA LYS B 221 21.59 -52.43 -28.63
C LYS B 221 21.94 -51.44 -27.53
N THR B 222 22.78 -51.89 -26.60
CA THR B 222 23.55 -51.04 -25.73
C THR B 222 25.00 -51.12 -26.17
N VAL B 223 25.62 -49.98 -26.39
CA VAL B 223 27.05 -49.93 -26.70
C VAL B 223 27.79 -49.56 -25.43
N TYR B 224 28.87 -50.27 -25.15
CA TYR B 224 29.70 -50.03 -23.98
C TYR B 224 30.95 -49.25 -24.37
N VAL B 225 31.28 -48.27 -23.57
CA VAL B 225 32.44 -47.43 -23.81
C VAL B 225 33.49 -47.94 -22.86
N ARG B 226 34.39 -48.70 -23.38
CA ARG B 226 35.35 -49.36 -22.51
C ARG B 226 36.60 -49.45 -23.36
N PRO B 227 37.15 -48.32 -23.80
CA PRO B 227 38.43 -48.41 -24.50
C PRO B 227 39.37 -49.14 -23.56
N THR B 228 39.94 -50.23 -24.08
CA THR B 228 40.52 -51.21 -23.18
C THR B 228 41.73 -50.64 -22.43
N GLU B 229 42.58 -49.87 -23.12
CA GLU B 229 43.74 -49.31 -22.43
C GLU B 229 43.38 -48.38 -21.28
N ASN B 230 42.12 -47.96 -21.16
CA ASN B 230 41.71 -46.98 -20.17
C ASN B 230 40.98 -47.57 -18.97
N VAL B 231 40.94 -48.89 -18.80
CA VAL B 231 40.27 -49.51 -17.67
C VAL B 231 41.33 -49.65 -16.58
N LEU B 232 41.43 -48.64 -15.72
CA LEU B 232 42.47 -48.63 -14.71
C LEU B 232 41.86 -48.55 -13.32
N THR B 233 42.69 -48.86 -12.33
CA THR B 233 42.45 -48.57 -10.92
C THR B 233 42.69 -47.08 -10.64
N GLN B 234 42.14 -46.61 -9.51
CA GLN B 234 42.44 -45.25 -9.08
C GLN B 234 43.93 -45.07 -8.86
N MET B 235 44.62 -46.09 -8.36
CA MET B 235 46.06 -45.98 -8.21
C MET B 235 46.82 -46.22 -9.51
N GLU B 236 46.18 -46.73 -10.55
CA GLU B 236 46.85 -46.80 -11.85
C GLU B 236 46.86 -45.42 -12.49
N LEU B 237 45.81 -44.64 -12.24
CA LEU B 237 45.76 -43.26 -12.73
C LEU B 237 46.72 -42.38 -11.94
N VAL B 238 46.57 -42.39 -10.61
CA VAL B 238 47.41 -41.57 -9.75
C VAL B 238 48.89 -41.91 -9.93
N GLN B 239 49.21 -43.04 -10.53
CA GLN B 239 50.60 -43.35 -10.85
C GLN B 239 50.96 -43.00 -12.28
N ILE B 240 49.94 -42.70 -13.11
CA ILE B 240 50.16 -41.99 -14.37
C ILE B 240 50.57 -40.55 -14.09
N TRP B 241 49.81 -39.89 -13.21
CA TRP B 241 50.19 -38.60 -12.68
C TRP B 241 51.55 -38.73 -12.03
N GLU B 242 51.59 -39.20 -10.78
CA GLU B 242 52.82 -39.48 -10.02
C GLU B 242 54.05 -39.68 -10.89
N LYS B 243 53.87 -40.22 -12.09
CA LYS B 243 54.96 -40.38 -13.04
C LYS B 243 55.08 -39.21 -14.00
N LEU B 244 53.99 -38.50 -14.21
CA LEU B 244 54.05 -37.24 -14.96
C LEU B 244 54.80 -36.18 -14.17
N THR B 245 54.47 -36.05 -12.89
CA THR B 245 55.06 -35.07 -11.99
C THR B 245 56.27 -35.58 -11.24
N GLY B 246 56.44 -36.90 -11.13
CA GLY B 246 57.65 -37.49 -10.62
C GLY B 246 57.74 -37.59 -9.12
N LYS B 247 56.67 -37.31 -8.38
CA LYS B 247 56.75 -37.27 -6.93
C LYS B 247 55.50 -37.89 -6.31
N GLU B 248 55.71 -38.70 -5.28
CA GLU B 248 54.61 -39.45 -4.68
C GLU B 248 53.65 -38.52 -3.95
N LEU B 249 52.37 -38.89 -3.98
CA LEU B 249 51.29 -38.15 -3.33
C LEU B 249 50.91 -38.81 -2.01
N GLU B 250 50.76 -37.99 -0.98
CA GLU B 250 50.42 -38.43 0.38
C GLU B 250 49.00 -38.97 0.41
N LYS B 251 48.86 -40.29 0.34
CA LYS B 251 47.56 -40.92 0.16
C LYS B 251 46.87 -41.22 1.48
N THR B 252 45.59 -40.86 1.58
CA THR B 252 44.72 -41.28 2.68
C THR B 252 43.72 -42.29 2.14
N ASN B 253 43.69 -43.48 2.73
CA ASN B 253 42.74 -44.50 2.31
C ASN B 253 41.43 -44.32 3.07
N ILE B 254 40.33 -44.55 2.37
CA ILE B 254 38.98 -44.29 2.89
C ILE B 254 38.16 -45.54 2.63
N SER B 255 38.11 -46.45 3.60
CA SER B 255 37.36 -47.69 3.44
C SER B 255 35.89 -47.39 3.22
N ALA B 256 35.16 -48.42 2.78
CA ALA B 256 33.79 -48.22 2.32
C ALA B 256 32.89 -47.70 3.44
N ASN B 257 32.75 -48.48 4.52
CA ASN B 257 31.89 -48.07 5.62
C ASN B 257 32.33 -46.74 6.21
N ASP B 258 33.63 -46.39 6.11
CA ASP B 258 34.08 -45.04 6.41
C ASP B 258 33.40 -44.04 5.49
N PHE B 259 33.36 -44.35 4.18
CA PHE B 259 32.75 -43.46 3.21
C PHE B 259 31.30 -43.14 3.55
N LEU B 260 30.49 -44.17 3.75
CA LEU B 260 29.04 -44.03 3.70
C LEU B 260 28.54 -42.95 4.66
N ALA B 261 27.38 -42.40 4.31
CA ALA B 261 26.58 -41.52 5.16
C ALA B 261 25.17 -42.07 5.25
N ASP B 262 24.40 -41.50 6.18
CA ASP B 262 23.00 -41.84 6.38
C ASP B 262 22.67 -43.31 6.05
N PRO B 269 19.56 -35.74 1.98
CA PRO B 269 20.51 -34.63 2.09
C PRO B 269 21.93 -35.14 2.31
N HIS B 270 22.79 -35.03 1.30
CA HIS B 270 24.15 -35.54 1.44
C HIS B 270 25.19 -34.49 1.06
N GLN B 271 26.44 -34.95 0.94
CA GLN B 271 27.40 -34.28 0.10
C GLN B 271 27.04 -34.56 -1.36
N ALA B 272 27.62 -33.76 -2.26
CA ALA B 272 27.28 -33.80 -3.68
C ALA B 272 27.08 -35.22 -4.24
N GLY B 273 28.17 -35.96 -4.44
CA GLY B 273 28.06 -37.17 -5.23
C GLY B 273 28.38 -38.45 -4.50
N LEU B 274 28.00 -38.53 -3.21
CA LEU B 274 28.30 -39.73 -2.45
C LEU B 274 27.72 -40.96 -3.13
N GLY B 275 26.39 -41.00 -3.27
CA GLY B 275 25.69 -42.10 -3.90
C GLY B 275 25.92 -42.26 -5.40
N HIS B 276 26.99 -41.63 -5.90
CA HIS B 276 27.50 -41.88 -7.23
C HIS B 276 28.96 -42.33 -7.22
N PHE B 277 29.72 -41.94 -6.21
CA PHE B 277 31.09 -42.41 -6.09
C PHE B 277 31.16 -43.84 -5.54
N TYR B 278 30.18 -44.25 -4.71
CA TYR B 278 30.25 -45.55 -4.07
C TYR B 278 30.10 -46.66 -5.08
N HIS B 279 29.03 -46.61 -5.86
CA HIS B 279 28.78 -47.60 -6.91
C HIS B 279 30.02 -47.80 -7.79
N ILE B 280 30.89 -46.81 -7.90
CA ILE B 280 31.93 -46.78 -8.93
C ILE B 280 33.26 -47.31 -8.42
N PHE B 281 33.70 -46.86 -7.24
CA PHE B 281 35.01 -47.21 -6.73
C PHE B 281 34.97 -48.28 -5.64
N TYR B 282 33.77 -48.60 -5.12
CA TYR B 282 33.60 -49.61 -4.09
C TYR B 282 32.91 -50.87 -4.55
N GLU B 283 32.04 -50.77 -5.55
CA GLU B 283 31.47 -51.96 -6.16
C GLU B 283 32.11 -52.28 -7.50
N GLY B 284 32.94 -51.37 -8.03
CA GLY B 284 33.54 -51.57 -9.34
C GLY B 284 32.54 -51.67 -10.45
N CYS B 285 31.29 -51.26 -10.20
CA CYS B 285 30.17 -51.59 -11.08
C CYS B 285 30.48 -51.44 -12.56
N LEU B 286 31.41 -50.57 -12.92
CA LEU B 286 31.70 -50.37 -14.35
C LEU B 286 32.40 -51.57 -14.96
N THR B 287 33.19 -52.28 -14.16
CA THR B 287 34.08 -53.31 -14.67
C THR B 287 33.67 -54.72 -14.31
N ASP B 288 32.75 -54.88 -13.36
CA ASP B 288 32.41 -56.19 -12.82
C ASP B 288 31.45 -56.95 -13.72
N HIS B 289 31.36 -56.55 -14.99
CA HIS B 289 30.52 -57.20 -16.00
C HIS B 289 31.26 -57.08 -17.32
N GLU B 290 31.89 -58.15 -17.77
CA GLU B 290 32.53 -58.09 -19.06
C GLU B 290 31.50 -57.89 -20.18
N VAL B 291 31.99 -57.41 -21.32
CA VAL B 291 31.15 -56.94 -22.41
C VAL B 291 31.75 -57.47 -23.70
N GLY B 292 30.92 -57.62 -24.72
CA GLY B 292 31.36 -58.20 -25.97
C GLY B 292 32.03 -57.18 -26.90
N ASP B 293 33.01 -57.67 -27.65
CA ASP B 293 33.57 -56.83 -28.71
C ASP B 293 32.47 -56.30 -29.62
N ASP B 294 31.44 -57.10 -29.89
CA ASP B 294 30.31 -56.68 -30.71
C ASP B 294 29.52 -55.53 -30.09
N GLU B 295 29.87 -55.14 -28.87
CA GLU B 295 29.12 -54.20 -28.07
C GLU B 295 30.08 -53.28 -27.31
N GLU B 296 31.21 -53.00 -27.93
CA GLU B 296 32.28 -52.26 -27.29
C GLU B 296 32.74 -51.22 -28.30
N ALA B 297 32.71 -49.96 -27.90
CA ALA B 297 32.92 -48.88 -28.87
C ALA B 297 34.30 -48.95 -29.49
N SER B 298 35.34 -49.02 -28.64
CA SER B 298 36.69 -49.16 -29.16
C SER B 298 36.82 -50.31 -30.17
N LYS B 299 36.16 -51.48 -29.91
CA LYS B 299 36.19 -52.59 -30.88
C LYS B 299 35.39 -52.29 -32.15
N LEU B 300 34.19 -51.72 -32.03
CA LEU B 300 33.38 -51.44 -33.21
C LEU B 300 33.97 -50.31 -34.04
N TYR B 301 34.69 -49.41 -33.41
CA TYR B 301 35.19 -48.21 -34.07
C TYR B 301 36.69 -48.15 -33.84
N PRO B 302 37.45 -49.07 -34.45
CA PRO B 302 38.90 -49.10 -34.20
C PRO B 302 39.63 -47.81 -34.57
N ASP B 303 39.04 -46.99 -35.46
CA ASP B 303 39.70 -45.79 -35.97
C ASP B 303 39.79 -44.66 -34.94
N VAL B 304 38.84 -44.59 -34.00
CA VAL B 304 38.85 -43.56 -32.97
C VAL B 304 40.07 -43.71 -32.08
N LYS B 305 41.15 -42.98 -32.43
CA LYS B 305 42.41 -42.89 -31.67
C LYS B 305 42.17 -42.21 -30.33
N TYR B 306 41.55 -42.93 -29.40
CA TYR B 306 41.06 -42.28 -28.20
C TYR B 306 42.22 -41.72 -27.39
N THR B 307 41.94 -41.30 -26.18
CA THR B 307 42.91 -40.62 -25.34
C THR B 307 43.27 -41.56 -24.21
N ARG B 308 44.53 -41.98 -24.17
CA ARG B 308 45.03 -42.67 -23.00
C ARG B 308 45.29 -41.63 -21.92
N MET B 309 44.79 -41.90 -20.73
CA MET B 309 44.71 -40.88 -19.71
C MET B 309 46.05 -40.23 -19.39
N ASP B 310 47.17 -40.84 -19.76
CA ASP B 310 48.46 -40.18 -19.56
C ASP B 310 48.65 -39.00 -20.50
N GLU B 311 47.90 -38.99 -21.62
CA GLU B 311 47.89 -37.94 -22.63
C GLU B 311 46.74 -36.97 -22.41
N TYR B 312 45.83 -37.30 -21.50
CA TYR B 312 44.83 -36.38 -21.02
C TYR B 312 45.27 -35.66 -19.75
N LEU B 313 46.30 -36.18 -19.09
CA LEU B 313 46.83 -35.58 -17.88
C LEU B 313 47.99 -34.64 -18.14
N LYS B 314 48.48 -34.53 -19.38
CA LYS B 314 49.58 -33.63 -19.64
C LYS B 314 49.16 -32.15 -19.61
N ILE B 315 47.87 -31.85 -19.76
CA ILE B 315 47.47 -30.44 -19.79
C ILE B 315 47.54 -29.81 -18.42
N PHE B 316 47.52 -30.61 -17.35
CA PHE B 316 47.62 -30.06 -16.01
C PHE B 316 49.05 -29.78 -15.61
N LEU B 317 50.04 -30.01 -16.45
CA LEU B 317 51.41 -29.75 -16.00
C LEU B 317 51.84 -28.32 -16.33
N GLU C 8 -21.92 7.65 -7.65
CA GLU C 8 -22.69 6.42 -7.68
C GLU C 8 -23.01 6.01 -9.13
N LYS C 9 -22.72 6.89 -10.09
CA LYS C 9 -23.13 6.65 -11.46
C LYS C 9 -22.05 7.07 -12.44
N THR C 10 -22.02 6.36 -13.58
CA THR C 10 -21.17 6.73 -14.70
C THR C 10 -21.48 8.14 -15.14
N ARG C 11 -20.49 8.78 -15.78
CA ARG C 11 -20.67 10.07 -16.41
C ARG C 11 -20.72 9.85 -17.92
N VAL C 12 -21.86 10.14 -18.52
CA VAL C 12 -22.00 10.04 -19.96
C VAL C 12 -21.75 11.41 -20.56
N LEU C 13 -21.01 11.45 -21.65
CA LEU C 13 -20.69 12.66 -22.38
C LEU C 13 -21.27 12.49 -23.78
N VAL C 14 -22.47 13.04 -24.01
CA VAL C 14 -23.07 12.88 -25.31
C VAL C 14 -22.32 13.73 -26.32
N VAL C 15 -22.24 13.24 -27.54
CA VAL C 15 -21.53 13.90 -28.62
C VAL C 15 -22.46 13.89 -29.82
N GLY C 16 -22.78 15.06 -30.32
CA GLY C 16 -23.86 15.20 -31.28
C GLY C 16 -25.15 15.48 -30.54
N GLY C 17 -25.06 16.32 -29.51
CA GLY C 17 -26.10 16.47 -28.51
C GLY C 17 -27.33 17.24 -28.95
N THR C 18 -27.26 17.99 -30.05
CA THR C 18 -28.41 18.73 -30.54
C THR C 18 -28.92 18.15 -31.86
N GLY C 19 -28.34 17.03 -32.30
CA GLY C 19 -28.88 16.27 -33.41
C GLY C 19 -30.10 15.48 -33.01
N THR C 20 -30.81 15.00 -34.04
CA THR C 20 -32.05 14.24 -33.87
C THR C 20 -31.94 13.16 -32.81
N MET C 21 -30.97 12.26 -32.93
CA MET C 21 -30.84 11.20 -31.93
C MET C 21 -30.21 11.71 -30.65
N GLY C 22 -29.26 12.64 -30.78
CA GLY C 22 -28.50 13.10 -29.62
C GLY C 22 -29.36 13.73 -28.55
N ARG C 23 -30.27 14.63 -28.94
CA ARG C 23 -31.11 15.26 -27.95
C ARG C 23 -31.95 14.24 -27.21
N ARG C 24 -32.42 13.21 -27.90
CA ARG C 24 -33.12 12.14 -27.21
C ARG C 24 -32.18 11.38 -26.28
N ILE C 25 -30.91 11.22 -26.67
CA ILE C 25 -29.96 10.53 -25.83
C ILE C 25 -29.62 11.36 -24.61
N VAL C 26 -29.39 12.67 -24.80
CA VAL C 26 -29.16 13.57 -23.67
C VAL C 26 -30.29 13.47 -22.67
N ARG C 27 -31.53 13.58 -23.15
CA ARG C 27 -32.67 13.55 -22.25
C ARG C 27 -32.74 12.23 -21.48
N ALA C 28 -32.44 11.12 -22.16
CA ALA C 28 -32.55 9.78 -21.58
C ALA C 28 -31.40 9.49 -20.63
N CYS C 29 -30.20 9.97 -20.94
CA CYS C 29 -29.13 9.79 -19.99
C CYS C 29 -29.49 10.45 -18.66
N LEU C 30 -30.08 11.65 -18.71
CA LEU C 30 -30.57 12.30 -17.51
C LEU C 30 -31.72 11.53 -16.87
N ALA C 31 -32.71 11.15 -17.68
CA ALA C 31 -33.82 10.33 -17.18
C ALA C 31 -33.31 9.14 -16.39
N GLU C 32 -32.38 8.36 -16.96
CA GLU C 32 -31.82 7.25 -16.21
C GLU C 32 -31.21 7.75 -14.93
N GLY C 33 -30.27 8.69 -15.02
CA GLY C 33 -29.74 9.32 -13.84
C GLY C 33 -28.27 9.56 -14.00
N HIS C 34 -27.78 9.49 -15.21
CA HIS C 34 -26.37 9.80 -15.43
C HIS C 34 -26.11 11.30 -15.30
N GLU C 35 -25.13 11.66 -14.47
CA GLU C 35 -24.44 12.93 -14.66
C GLU C 35 -24.08 13.07 -16.13
N THR C 36 -24.89 13.82 -16.88
CA THR C 36 -24.80 13.89 -18.33
C THR C 36 -24.10 15.17 -18.78
N TYR C 37 -23.23 15.04 -19.78
CA TYR C 37 -22.43 16.11 -20.32
C TYR C 37 -22.65 16.17 -21.82
N VAL C 38 -22.81 17.39 -22.36
CA VAL C 38 -22.96 17.60 -23.80
C VAL C 38 -21.72 18.33 -24.27
N LEU C 39 -21.38 18.16 -25.52
CA LEU C 39 -20.17 18.72 -26.07
C LEU C 39 -20.55 19.97 -26.85
N GLN C 40 -20.11 21.13 -26.36
CA GLN C 40 -20.48 22.42 -26.96
C GLN C 40 -19.38 22.85 -27.91
N GLN C 41 -19.68 22.85 -29.13
CA GLN C 41 -18.76 23.04 -30.22
C GLN C 41 -18.89 24.47 -30.74
N PRO C 42 -17.76 25.16 -30.92
CA PRO C 42 -17.76 26.49 -31.54
C PRO C 42 -18.86 26.70 -32.56
N GLU C 43 -19.45 27.88 -32.51
CA GLU C 43 -20.61 28.20 -33.36
C GLU C 43 -20.29 27.99 -34.83
N THR C 44 -21.03 27.08 -35.47
CA THR C 44 -21.07 27.07 -36.92
C THR C 44 -21.68 28.36 -37.44
N ARG C 45 -22.60 28.95 -36.69
CA ARG C 45 -23.37 30.09 -37.17
C ARG C 45 -24.05 30.78 -36.00
N VAL C 46 -25.00 31.65 -36.31
CA VAL C 46 -25.87 32.24 -35.30
C VAL C 46 -27.10 31.35 -35.34
N ASP C 47 -27.06 30.28 -34.54
CA ASP C 47 -28.06 29.21 -34.61
C ASP C 47 -28.89 29.22 -33.33
N ILE C 48 -30.03 29.88 -33.38
CA ILE C 48 -30.90 29.96 -32.21
C ILE C 48 -31.26 28.56 -31.72
N GLU C 49 -31.63 27.69 -32.64
CA GLU C 49 -32.16 26.39 -32.26
C GLU C 49 -31.07 25.40 -31.84
N LYS C 50 -29.83 25.60 -32.28
CA LYS C 50 -28.75 24.83 -31.69
C LYS C 50 -28.38 25.35 -30.30
N VAL C 51 -28.27 26.67 -30.14
CA VAL C 51 -27.76 27.26 -28.89
C VAL C 51 -28.74 27.06 -27.75
N GLN C 52 -30.02 27.34 -27.99
CA GLN C 52 -31.04 27.17 -26.96
C GLN C 52 -31.18 25.70 -26.56
N LEU C 53 -31.22 24.80 -27.56
CA LEU C 53 -31.29 23.37 -27.31
C LEU C 53 -30.21 22.94 -26.32
N LEU C 54 -28.97 23.33 -26.60
CA LEU C 54 -27.89 23.04 -25.67
C LEU C 54 -28.15 23.61 -24.28
N TYR C 55 -28.78 24.78 -24.22
CA TYR C 55 -28.92 25.46 -22.93
C TYR C 55 -30.21 25.08 -22.23
N SER C 56 -31.20 24.61 -22.97
CA SER C 56 -32.25 23.82 -22.34
C SER C 56 -31.75 22.56 -21.63
N TYR C 57 -30.51 22.10 -21.85
CA TYR C 57 -30.09 20.89 -21.12
C TYR C 57 -29.68 21.22 -19.70
N LYS C 58 -28.80 22.22 -19.54
CA LYS C 58 -28.42 22.70 -18.21
C LYS C 58 -29.60 22.75 -17.26
N ARG C 59 -30.73 23.29 -17.72
CA ARG C 59 -31.88 23.51 -16.84
C ARG C 59 -32.43 22.21 -16.28
N LEU C 60 -32.07 21.08 -16.86
CA LEU C 60 -32.45 19.78 -16.31
C LEU C 60 -31.39 19.18 -15.40
N GLY C 61 -30.11 19.51 -15.60
CA GLY C 61 -29.07 18.94 -14.78
C GLY C 61 -27.82 18.62 -15.58
N ALA C 62 -27.89 18.79 -16.89
CA ALA C 62 -26.79 18.46 -17.77
C ALA C 62 -25.77 19.60 -17.83
N ARG C 63 -24.51 19.23 -17.99
CA ARG C 63 -23.44 20.20 -18.07
C ARG C 63 -22.93 20.26 -19.49
N LEU C 64 -22.55 21.44 -19.93
CA LEU C 64 -21.95 21.55 -21.25
C LEU C 64 -20.43 21.51 -21.11
N ILE C 65 -19.78 21.08 -22.19
CA ILE C 65 -18.34 21.06 -22.26
C ILE C 65 -17.94 21.59 -23.62
N GLU C 66 -17.20 22.68 -23.64
CA GLU C 66 -16.69 23.21 -24.89
C GLU C 66 -15.42 22.47 -25.30
N ALA C 67 -15.44 21.95 -26.52
CA ALA C 67 -14.30 21.27 -27.08
C ALA C 67 -14.45 21.35 -28.58
N SER C 68 -13.33 21.49 -29.26
CA SER C 68 -13.30 21.62 -30.71
C SER C 68 -12.55 20.45 -31.33
N PHE C 69 -12.99 20.03 -32.52
CA PHE C 69 -12.33 18.95 -33.25
C PHE C 69 -11.09 19.40 -34.00
N SER C 70 -10.91 20.72 -34.19
CA SER C 70 -9.63 21.29 -34.62
C SER C 70 -8.66 21.49 -33.45
N ASP C 71 -8.92 20.85 -32.31
CA ASP C 71 -8.12 20.97 -31.11
C ASP C 71 -8.17 19.63 -30.37
N HIS C 72 -7.00 19.07 -30.06
CA HIS C 72 -6.87 17.70 -29.55
C HIS C 72 -7.13 17.60 -28.04
N GLN C 73 -6.30 18.24 -27.23
CA GLN C 73 -6.51 18.20 -25.79
C GLN C 73 -7.84 18.82 -25.38
N SER C 74 -8.49 19.60 -26.25
CA SER C 74 -9.86 20.01 -25.99
C SER C 74 -10.76 18.78 -25.84
N LEU C 75 -10.88 17.99 -26.91
CA LEU C 75 -11.52 16.68 -26.82
C LEU C 75 -10.97 15.89 -25.63
N VAL C 76 -9.64 15.81 -25.55
CA VAL C 76 -8.97 15.09 -24.46
C VAL C 76 -9.47 15.54 -23.10
N SER C 77 -9.54 16.86 -22.90
CA SER C 77 -9.84 17.38 -21.57
C SER C 77 -11.25 17.01 -21.15
N ALA C 78 -12.18 17.04 -22.10
CA ALA C 78 -13.58 16.73 -21.79
C ALA C 78 -13.78 15.24 -21.55
N VAL C 79 -13.16 14.37 -22.37
CA VAL C 79 -13.33 12.94 -22.10
C VAL C 79 -12.78 12.60 -20.73
N LYS C 80 -11.66 13.22 -20.33
CA LYS C 80 -11.06 12.96 -19.04
C LYS C 80 -12.03 13.21 -17.91
N GLN C 81 -13.24 13.64 -18.23
CA GLN C 81 -14.17 14.11 -17.23
C GLN C 81 -15.35 13.16 -17.07
N VAL C 82 -15.37 12.05 -17.80
CA VAL C 82 -16.55 11.21 -17.89
C VAL C 82 -16.17 9.74 -17.91
N ASP C 83 -17.13 8.91 -17.53
CA ASP C 83 -16.97 7.46 -17.57
C ASP C 83 -17.31 6.91 -18.96
N ILE C 84 -18.42 7.33 -19.55
CA ILE C 84 -18.87 6.81 -20.83
C ILE C 84 -19.17 7.97 -21.77
N VAL C 85 -18.76 7.81 -23.02
CA VAL C 85 -18.99 8.76 -24.09
C VAL C 85 -19.88 8.09 -25.13
N VAL C 86 -20.85 8.84 -25.65
CA VAL C 86 -21.82 8.33 -26.61
C VAL C 86 -22.01 9.41 -27.66
N ALA C 87 -21.42 9.22 -28.84
CA ALA C 87 -21.55 10.13 -29.96
C ALA C 87 -22.80 9.84 -30.80
N ALA C 88 -23.20 10.84 -31.60
CA ALA C 88 -24.47 10.79 -32.32
C ALA C 88 -24.54 11.71 -33.52
N MET C 89 -23.66 11.49 -34.51
CA MET C 89 -23.43 12.44 -35.59
C MET C 89 -24.48 12.32 -36.69
N SER C 90 -24.15 12.80 -37.88
CA SER C 90 -25.12 12.84 -38.94
C SER C 90 -25.30 11.46 -39.55
N SER C 96 -20.57 10.06 -45.50
CA SER C 96 -20.69 11.44 -45.07
C SER C 96 -19.53 11.81 -44.16
N HIS C 97 -18.88 12.93 -44.48
CA HIS C 97 -17.81 13.51 -43.68
C HIS C 97 -18.05 13.43 -42.17
N SER C 98 -19.30 13.63 -41.76
CA SER C 98 -19.61 13.77 -40.35
C SER C 98 -19.26 12.51 -39.55
N ILE C 99 -19.43 11.32 -40.15
CA ILE C 99 -19.19 10.06 -39.44
C ILE C 99 -17.71 9.86 -39.12
N LEU C 100 -16.82 10.36 -39.97
CA LEU C 100 -15.38 10.15 -39.81
C LEU C 100 -14.68 11.24 -38.99
N VAL C 101 -15.41 12.11 -38.27
CA VAL C 101 -14.77 12.94 -37.26
C VAL C 101 -14.62 12.20 -35.94
N GLN C 102 -15.32 11.06 -35.79
CA GLN C 102 -15.24 10.22 -34.60
C GLN C 102 -13.88 9.53 -34.44
N LEU C 103 -13.08 9.47 -35.50
CA LEU C 103 -11.71 9.01 -35.35
C LEU C 103 -10.93 9.98 -34.46
N LYS C 104 -10.99 11.28 -34.78
CA LYS C 104 -10.35 12.28 -33.92
C LYS C 104 -10.80 12.11 -32.48
N LEU C 105 -12.07 11.77 -32.27
CA LEU C 105 -12.57 11.48 -30.93
C LEU C 105 -11.97 10.17 -30.39
N VAL C 106 -11.78 9.17 -31.26
CA VAL C 106 -11.19 7.91 -30.81
C VAL C 106 -9.75 8.11 -30.37
N GLU C 107 -9.02 9.05 -30.97
CA GLU C 107 -7.63 9.25 -30.55
C GLU C 107 -7.55 9.94 -29.20
N ALA C 108 -8.59 10.66 -28.78
CA ALA C 108 -8.57 11.33 -27.50
C ALA C 108 -8.94 10.37 -26.38
N ILE C 109 -10.10 9.70 -26.52
CA ILE C 109 -10.46 8.60 -25.62
C ILE C 109 -9.22 7.74 -25.37
N LYS C 110 -8.64 7.24 -26.45
CA LYS C 110 -7.46 6.38 -26.34
C LYS C 110 -6.37 7.10 -25.58
N GLU C 111 -6.07 8.34 -25.97
CA GLU C 111 -5.05 9.13 -25.27
C GLU C 111 -5.45 9.47 -23.85
N ALA C 112 -6.75 9.61 -23.57
CA ALA C 112 -7.15 9.78 -22.18
C ALA C 112 -7.30 8.44 -21.46
N GLY C 113 -8.04 7.51 -22.06
CA GLY C 113 -8.10 6.17 -21.53
C GLY C 113 -8.77 6.05 -20.20
N ASN C 114 -9.24 7.15 -19.62
CA ASN C 114 -10.10 7.04 -18.46
C ASN C 114 -11.46 6.48 -18.82
N ILE C 115 -11.68 6.16 -20.08
CA ILE C 115 -13.01 5.81 -20.55
C ILE C 115 -13.29 4.33 -20.35
N LYS C 116 -14.47 4.03 -19.81
CA LYS C 116 -14.94 2.68 -19.57
C LYS C 116 -15.80 2.14 -20.69
N ARG C 117 -16.42 2.99 -21.50
CA ARG C 117 -17.11 2.49 -22.66
C ARG C 117 -17.41 3.63 -23.62
N PHE C 118 -17.50 3.30 -24.91
CA PHE C 118 -17.79 4.29 -25.93
C PHE C 118 -18.77 3.71 -26.95
N LEU C 119 -20.02 4.16 -26.88
CA LEU C 119 -21.03 3.80 -27.86
C LEU C 119 -20.92 4.69 -29.09
N PRO C 120 -20.33 4.23 -30.15
CA PRO C 120 -20.20 5.06 -31.34
C PRO C 120 -21.56 5.45 -31.90
N SER C 121 -21.53 6.03 -33.08
CA SER C 121 -22.74 6.39 -33.80
C SER C 121 -23.15 5.23 -34.69
N GLU C 122 -24.32 4.67 -34.40
CA GLU C 122 -24.89 3.61 -35.20
C GLU C 122 -26.39 3.85 -35.38
N PHE C 123 -27.20 3.19 -34.57
CA PHE C 123 -28.64 3.36 -34.49
C PHE C 123 -29.37 3.12 -35.80
N GLY C 124 -28.65 2.72 -36.84
CA GLY C 124 -29.29 2.47 -38.13
C GLY C 124 -29.13 1.03 -38.60
N MET C 125 -29.14 0.82 -39.91
CA MET C 125 -28.75 -0.47 -40.45
C MET C 125 -27.35 -0.79 -39.98
N ASP C 126 -27.16 -2.00 -39.46
CA ASP C 126 -25.80 -2.42 -39.14
C ASP C 126 -25.03 -2.51 -40.44
N PRO C 127 -23.89 -1.82 -40.57
CA PRO C 127 -23.16 -1.86 -41.83
C PRO C 127 -22.28 -3.09 -41.96
N SER C 128 -22.11 -3.86 -40.89
CA SER C 128 -21.36 -5.11 -41.01
C SER C 128 -21.83 -5.88 -42.24
N ARG C 129 -23.14 -6.09 -42.35
CA ARG C 129 -23.69 -6.66 -43.58
C ARG C 129 -23.20 -5.89 -44.79
N MET C 130 -22.76 -6.62 -45.81
CA MET C 130 -22.22 -5.97 -47.00
C MET C 130 -23.35 -5.36 -47.83
N GLY C 131 -24.16 -6.21 -48.45
CA GLY C 131 -25.19 -5.74 -49.35
C GLY C 131 -24.59 -4.88 -50.45
N ASP C 142 -19.88 0.98 -45.08
CA ASP C 142 -19.94 2.38 -44.76
C ASP C 142 -18.66 2.87 -44.09
N GLN C 143 -18.74 4.03 -43.45
CA GLN C 143 -17.61 4.57 -42.72
C GLN C 143 -17.77 4.39 -41.22
N LYS C 144 -18.91 3.85 -40.80
CA LYS C 144 -19.04 3.39 -39.41
C LYS C 144 -18.14 2.18 -39.15
N LEU C 145 -17.98 1.30 -40.13
CA LEU C 145 -17.06 0.17 -39.99
C LEU C 145 -15.63 0.66 -39.79
N GLU C 146 -15.15 1.47 -40.72
CA GLU C 146 -13.99 2.33 -40.51
C GLU C 146 -13.84 2.74 -39.04
N VAL C 147 -14.93 3.20 -38.43
CA VAL C 147 -14.85 3.72 -37.07
C VAL C 147 -14.80 2.59 -36.06
N ARG C 148 -15.61 1.55 -36.29
CA ARG C 148 -15.52 0.33 -35.49
C ARG C 148 -14.09 -0.19 -35.45
N ASN C 149 -13.47 -0.36 -36.61
CA ASN C 149 -12.12 -0.90 -36.61
C ASN C 149 -11.17 -0.05 -35.80
N ALA C 150 -11.44 1.25 -35.68
CA ALA C 150 -10.59 2.14 -34.90
C ALA C 150 -10.81 1.97 -33.40
N ILE C 151 -12.04 2.20 -32.94
CA ILE C 151 -12.40 1.94 -31.55
C ILE C 151 -11.73 0.65 -31.12
N GLU C 152 -11.97 -0.42 -31.88
CA GLU C 152 -11.50 -1.75 -31.53
C GLU C 152 -9.96 -1.81 -31.45
N ALA C 153 -9.27 -1.44 -32.53
CA ALA C 153 -7.81 -1.40 -32.54
C ALA C 153 -7.19 -0.48 -31.48
N ALA C 154 -8.00 0.13 -30.61
CA ALA C 154 -7.48 1.02 -29.60
C ALA C 154 -7.70 0.54 -28.18
N GLY C 155 -8.49 -0.52 -27.99
CA GLY C 155 -8.74 -1.06 -26.67
C GLY C 155 -9.89 -0.43 -25.94
N ILE C 156 -10.80 0.22 -26.66
CA ILE C 156 -11.94 0.91 -26.07
C ILE C 156 -13.07 -0.10 -25.84
N PRO C 157 -13.49 -0.34 -24.60
CA PRO C 157 -14.79 -0.97 -24.39
C PRO C 157 -15.83 -0.29 -25.28
N HIS C 158 -16.87 -1.03 -25.68
CA HIS C 158 -17.82 -0.45 -26.62
C HIS C 158 -19.17 -1.17 -26.57
N THR C 159 -20.13 -0.57 -27.28
CA THR C 159 -21.42 -1.18 -27.55
C THR C 159 -21.97 -0.52 -28.80
N TYR C 160 -22.54 -1.31 -29.70
CA TYR C 160 -22.97 -0.78 -31.00
C TYR C 160 -24.48 -0.88 -31.11
N VAL C 161 -25.20 0.17 -30.69
CA VAL C 161 -26.66 0.18 -30.84
C VAL C 161 -27.00 0.12 -32.31
N VAL C 162 -27.61 -0.98 -32.74
CA VAL C 162 -27.89 -1.23 -34.15
C VAL C 162 -29.27 -1.87 -34.31
N GLY C 163 -29.85 -1.70 -35.50
CA GLY C 163 -30.99 -2.50 -35.93
C GLY C 163 -32.29 -1.78 -36.19
N ALA C 164 -32.45 -0.48 -35.96
CA ALA C 164 -33.77 0.14 -35.91
C ALA C 164 -34.02 1.05 -37.12
N CYS C 165 -35.19 0.88 -37.76
CA CYS C 165 -35.74 1.90 -38.65
C CYS C 165 -36.35 3.00 -37.80
N PHE C 166 -35.88 4.23 -37.97
CA PHE C 166 -36.43 5.37 -37.26
C PHE C 166 -37.89 5.58 -37.63
N ALA C 167 -38.76 5.68 -36.62
CA ALA C 167 -40.19 5.70 -36.91
C ALA C 167 -40.62 7.03 -37.49
N ALA C 168 -39.98 8.14 -37.09
CA ALA C 168 -40.33 9.42 -37.68
C ALA C 168 -39.90 9.52 -39.14
N TYR C 169 -38.92 8.71 -39.54
CA TYR C 169 -38.45 8.70 -40.92
C TYR C 169 -39.04 7.59 -41.79
N PHE C 170 -39.84 6.67 -41.22
CA PHE C 170 -40.34 5.51 -41.96
C PHE C 170 -41.71 4.99 -41.52
N ALA C 171 -42.22 5.47 -40.39
CA ALA C 171 -43.54 5.11 -39.88
C ALA C 171 -44.59 6.18 -40.14
N GLY C 172 -44.37 7.41 -39.64
CA GLY C 172 -45.39 8.46 -39.78
C GLY C 172 -45.75 8.76 -41.22
N ASN C 173 -44.77 8.71 -42.10
CA ASN C 173 -45.01 8.75 -43.54
C ASN C 173 -45.47 7.41 -44.11
N LEU C 174 -45.54 6.36 -43.30
CA LEU C 174 -45.93 5.03 -43.79
C LEU C 174 -44.94 4.49 -44.82
N SER C 175 -43.65 4.81 -44.66
CA SER C 175 -42.56 4.42 -45.54
C SER C 175 -42.66 5.05 -46.92
N GLN C 176 -43.53 6.05 -47.09
CA GLN C 176 -43.46 6.90 -48.26
C GLN C 176 -42.27 7.83 -48.17
N MET C 177 -41.84 8.31 -49.32
CA MET C 177 -40.68 9.17 -49.43
C MET C 177 -41.14 10.61 -49.62
N GLY C 178 -40.25 11.56 -49.28
CA GLY C 178 -40.50 12.97 -49.45
C GLY C 178 -41.54 13.58 -48.52
N THR C 179 -42.08 12.81 -47.59
CA THR C 179 -43.09 13.27 -46.65
C THR C 179 -42.76 12.69 -45.29
N LEU C 180 -43.24 13.34 -44.23
CA LEU C 180 -43.13 12.80 -42.89
C LEU C 180 -44.50 12.67 -42.24
N ILE C 181 -45.57 12.66 -43.03
CA ILE C 181 -46.93 12.56 -42.50
C ILE C 181 -47.74 11.64 -43.37
N PRO C 182 -48.70 10.93 -42.77
CA PRO C 182 -49.50 9.97 -43.52
C PRO C 182 -50.01 10.56 -44.82
N PRO C 183 -50.20 9.74 -45.87
CA PRO C 183 -50.92 10.22 -47.05
C PRO C 183 -52.41 10.04 -46.86
N LYS C 184 -53.21 10.49 -47.82
CA LYS C 184 -54.65 10.54 -47.62
C LYS C 184 -55.45 9.59 -48.51
N LYS C 185 -54.95 9.25 -49.69
CA LYS C 185 -55.68 8.38 -50.60
C LYS C 185 -54.76 7.33 -51.22
N LYS C 186 -53.71 7.79 -51.88
CA LYS C 186 -52.78 6.92 -52.58
C LYS C 186 -51.64 6.49 -51.66
N VAL C 187 -51.00 5.37 -52.02
CA VAL C 187 -49.87 4.83 -51.26
C VAL C 187 -48.92 4.15 -52.24
N ASN C 188 -47.66 4.02 -51.83
CA ASN C 188 -46.59 3.42 -52.64
C ASN C 188 -45.97 2.27 -51.86
N ILE C 189 -46.13 1.04 -52.35
CA ILE C 189 -45.66 -0.18 -51.70
C ILE C 189 -44.41 -0.69 -52.42
N TYR C 190 -43.43 -1.15 -51.65
CA TYR C 190 -42.15 -1.62 -52.19
C TYR C 190 -42.17 -3.15 -52.24
N GLY C 191 -42.25 -3.70 -53.45
CA GLY C 191 -42.42 -5.13 -53.61
C GLY C 191 -43.84 -5.55 -53.30
N ASP C 192 -43.98 -6.72 -52.68
CA ASP C 192 -45.30 -7.18 -52.25
C ASP C 192 -45.72 -6.58 -50.93
N GLY C 193 -44.92 -5.68 -50.38
CA GLY C 193 -45.22 -5.12 -49.08
C GLY C 193 -45.25 -6.13 -47.97
N ASN C 194 -44.69 -7.33 -48.21
CA ASN C 194 -44.66 -8.39 -47.22
C ASN C 194 -43.24 -8.67 -46.74
N VAL C 195 -42.32 -7.74 -46.94
CA VAL C 195 -41.03 -7.80 -46.28
C VAL C 195 -41.17 -7.20 -44.89
N LYS C 196 -40.44 -7.75 -43.92
CA LYS C 196 -40.47 -7.24 -42.55
C LYS C 196 -39.39 -6.17 -42.37
N VAL C 197 -39.78 -5.05 -41.75
CA VAL C 197 -38.91 -3.91 -41.43
C VAL C 197 -39.09 -3.60 -39.96
N VAL C 198 -38.01 -3.21 -39.30
CA VAL C 198 -38.06 -2.89 -37.87
C VAL C 198 -38.29 -1.38 -37.70
N TYR C 199 -39.54 -1.02 -37.46
CA TYR C 199 -39.95 0.33 -37.13
C TYR C 199 -39.70 0.61 -35.66
N VAL C 200 -39.12 1.77 -35.35
CA VAL C 200 -38.90 2.13 -33.96
C VAL C 200 -38.97 3.64 -33.78
N ASP C 201 -39.69 4.06 -32.76
CA ASP C 201 -39.72 5.45 -32.37
C ASP C 201 -38.39 5.82 -31.71
N GLU C 202 -37.79 6.92 -32.15
CA GLU C 202 -36.44 7.28 -31.75
C GLU C 202 -36.25 7.34 -30.25
N ASP C 203 -37.32 7.60 -29.49
CA ASP C 203 -37.17 7.81 -28.05
C ASP C 203 -36.83 6.51 -27.33
N ASP C 204 -37.29 5.36 -27.86
CA ASP C 204 -37.03 4.04 -27.28
C ASP C 204 -35.60 3.58 -27.54
N ILE C 205 -35.11 3.75 -28.76
CA ILE C 205 -33.69 3.59 -29.05
C ILE C 205 -32.83 4.32 -28.03
N ALA C 206 -33.15 5.60 -27.78
CA ALA C 206 -32.34 6.40 -26.88
C ALA C 206 -32.42 5.89 -25.45
N GLU C 207 -33.62 5.60 -24.98
CA GLU C 207 -33.75 4.98 -23.67
C GLU C 207 -33.11 3.60 -23.63
N TYR C 208 -33.23 2.83 -24.72
CA TYR C 208 -32.43 1.60 -24.78
C TYR C 208 -30.96 1.94 -24.74
N THR C 209 -30.58 3.06 -25.37
CA THR C 209 -29.17 3.47 -25.36
C THR C 209 -28.74 3.91 -23.97
N ALA C 210 -29.62 4.58 -23.24
CA ALA C 210 -29.25 5.03 -21.91
C ALA C 210 -29.01 3.86 -20.98
N LYS C 211 -29.80 2.79 -21.13
CA LYS C 211 -29.71 1.62 -20.25
C LYS C 211 -28.51 0.75 -20.56
N THR C 212 -28.19 0.56 -21.85
CA THR C 212 -27.15 -0.38 -22.24
C THR C 212 -25.75 0.12 -21.88
N LEU C 213 -25.55 1.42 -21.82
CA LEU C 213 -24.20 1.97 -21.86
C LEU C 213 -23.37 1.62 -20.63
N ASP C 214 -24.01 1.29 -19.51
CA ASP C 214 -23.26 0.84 -18.35
C ASP C 214 -23.62 -0.58 -17.95
N ASP C 215 -24.34 -1.31 -18.81
CA ASP C 215 -24.87 -2.65 -18.52
C ASP C 215 -23.79 -3.69 -18.78
N PRO C 216 -23.30 -4.38 -17.75
CA PRO C 216 -22.19 -5.31 -17.95
C PRO C 216 -22.45 -6.24 -19.11
N ARG C 217 -23.71 -6.66 -19.28
CA ARG C 217 -24.13 -7.69 -20.22
C ARG C 217 -23.96 -7.29 -21.68
N THR C 218 -23.78 -6.00 -21.99
CA THR C 218 -23.63 -5.58 -23.38
C THR C 218 -22.25 -5.04 -23.70
N ILE C 219 -21.39 -4.88 -22.70
CA ILE C 219 -20.05 -4.36 -22.96
C ILE C 219 -19.42 -5.17 -24.07
N ASN C 220 -18.89 -4.47 -25.06
CA ASN C 220 -18.21 -5.09 -26.18
C ASN C 220 -19.12 -6.03 -26.95
N LYS C 221 -20.39 -5.71 -27.03
CA LYS C 221 -21.28 -6.45 -27.92
C LYS C 221 -21.87 -5.50 -28.94
N THR C 222 -22.80 -6.01 -29.72
CA THR C 222 -23.71 -5.22 -30.53
C THR C 222 -25.08 -5.43 -29.91
N VAL C 223 -25.70 -4.34 -29.41
CA VAL C 223 -27.04 -4.43 -28.85
C VAL C 223 -28.04 -4.19 -29.97
N TYR C 224 -29.04 -5.06 -30.07
CA TYR C 224 -30.07 -4.98 -31.10
C TYR C 224 -31.35 -4.44 -30.49
N VAL C 225 -32.08 -3.68 -31.31
CA VAL C 225 -33.35 -3.07 -30.94
C VAL C 225 -34.37 -3.50 -31.98
N ARG C 226 -34.96 -4.68 -31.80
CA ARG C 226 -36.11 -5.09 -32.63
C ARG C 226 -37.22 -5.51 -31.69
N PRO C 227 -37.95 -4.55 -31.13
CA PRO C 227 -39.05 -4.87 -30.24
C PRO C 227 -40.07 -5.72 -30.97
N THR C 228 -40.38 -6.89 -30.39
CA THR C 228 -41.13 -7.91 -31.12
C THR C 228 -42.34 -7.30 -31.83
N GLU C 229 -43.21 -6.65 -31.07
CA GLU C 229 -44.50 -6.21 -31.58
C GLU C 229 -44.39 -5.15 -32.68
N ASN C 230 -43.24 -4.49 -32.81
CA ASN C 230 -43.02 -3.50 -33.85
C ASN C 230 -42.25 -4.04 -35.04
N VAL C 231 -42.00 -5.34 -35.09
CA VAL C 231 -41.48 -5.95 -36.31
C VAL C 231 -42.69 -6.17 -37.23
N LEU C 232 -42.78 -5.36 -38.27
CA LEU C 232 -43.93 -5.34 -39.17
C LEU C 232 -43.44 -5.30 -40.60
N THR C 233 -44.39 -5.35 -41.52
CA THR C 233 -44.15 -5.12 -42.93
C THR C 233 -44.93 -3.90 -43.36
N GLN C 234 -44.40 -3.19 -44.36
CA GLN C 234 -45.09 -2.01 -44.85
C GLN C 234 -46.59 -2.25 -44.93
N MET C 235 -46.97 -3.35 -45.56
CA MET C 235 -48.39 -3.67 -45.69
C MET C 235 -49.05 -3.74 -44.32
N GLU C 236 -48.34 -4.28 -43.33
CA GLU C 236 -48.88 -4.34 -41.98
C GLU C 236 -48.89 -2.96 -41.33
N LEU C 237 -47.95 -2.10 -41.70
CA LEU C 237 -47.96 -0.73 -41.20
C LEU C 237 -49.06 0.08 -41.86
N VAL C 238 -49.18 0.01 -43.18
CA VAL C 238 -50.25 0.75 -43.86
C VAL C 238 -51.60 0.36 -43.28
N GLN C 239 -51.75 -0.88 -42.80
CA GLN C 239 -53.01 -1.40 -42.29
C GLN C 239 -53.23 -1.09 -40.82
N ILE C 240 -52.16 -0.87 -40.05
CA ILE C 240 -52.33 -0.31 -38.71
C ILE C 240 -53.04 1.04 -38.80
N TRP C 241 -52.68 1.85 -39.80
CA TRP C 241 -53.31 3.15 -39.99
C TRP C 241 -54.72 2.98 -40.56
N GLU C 242 -54.83 2.45 -41.78
CA GLU C 242 -56.11 2.08 -42.40
C GLU C 242 -57.20 1.76 -41.38
N LYS C 243 -56.81 1.15 -40.27
CA LYS C 243 -57.74 0.85 -39.21
C LYS C 243 -57.96 2.05 -38.32
N LEU C 244 -56.95 2.91 -38.19
CA LEU C 244 -57.09 4.12 -37.39
C LEU C 244 -58.01 5.12 -38.05
N THR C 245 -57.94 5.24 -39.38
CA THR C 245 -58.79 6.22 -40.06
C THR C 245 -60.20 5.71 -40.28
N GLY C 246 -60.37 4.41 -40.50
CA GLY C 246 -61.64 3.90 -40.97
C GLY C 246 -61.77 3.94 -42.48
N LYS C 247 -60.69 4.26 -43.20
CA LYS C 247 -60.64 4.26 -44.65
C LYS C 247 -59.49 3.39 -45.11
N GLU C 248 -59.56 2.97 -46.38
CA GLU C 248 -58.51 2.22 -47.07
C GLU C 248 -57.87 3.10 -48.13
N LEU C 249 -56.63 2.76 -48.49
CA LEU C 249 -55.82 3.62 -49.34
C LEU C 249 -55.48 2.93 -50.65
N GLU C 250 -55.95 3.51 -51.76
CA GLU C 250 -55.48 3.17 -53.10
C GLU C 250 -53.99 2.86 -53.08
N LYS C 251 -53.63 1.58 -53.24
CA LYS C 251 -52.26 1.12 -53.08
C LYS C 251 -51.62 0.80 -54.43
N THR C 252 -50.39 1.26 -54.62
CA THR C 252 -49.62 1.05 -55.83
C THR C 252 -48.37 0.25 -55.47
N ASN C 253 -48.18 -0.89 -56.13
CA ASN C 253 -47.11 -1.83 -55.81
C ASN C 253 -45.94 -1.63 -56.77
N ILE C 254 -44.75 -1.46 -56.22
CA ILE C 254 -43.52 -1.26 -56.98
C ILE C 254 -42.62 -2.47 -56.74
N SER C 255 -42.13 -3.07 -57.82
CA SER C 255 -41.27 -4.25 -57.71
C SER C 255 -39.81 -3.86 -57.95
N ALA C 256 -38.93 -4.81 -57.66
CA ALA C 256 -37.49 -4.58 -57.68
C ALA C 256 -37.04 -3.76 -58.88
N ASN C 257 -36.99 -4.39 -60.06
CA ASN C 257 -36.32 -3.77 -61.20
C ASN C 257 -36.82 -2.36 -61.44
N ASP C 258 -38.13 -2.12 -61.29
CA ASP C 258 -38.65 -0.77 -61.47
C ASP C 258 -38.17 0.16 -60.37
N PHE C 259 -37.71 -0.37 -59.24
CA PHE C 259 -37.34 0.46 -58.11
C PHE C 259 -35.91 0.96 -58.19
N LEU C 260 -35.05 0.35 -59.01
CA LEU C 260 -33.65 0.76 -59.09
C LEU C 260 -33.50 1.79 -60.20
N ALA C 261 -33.22 3.04 -59.82
CA ALA C 261 -32.85 4.06 -60.78
C ALA C 261 -31.42 3.80 -61.27
N ASP C 262 -30.95 4.66 -62.17
CA ASP C 262 -29.64 4.50 -62.80
C ASP C 262 -28.55 4.04 -61.83
N HIS C 270 -29.13 9.34 -56.70
CA HIS C 270 -28.78 10.53 -55.95
C HIS C 270 -29.90 10.93 -54.99
N GLN C 271 -31.11 10.43 -55.23
CA GLN C 271 -32.25 10.77 -54.39
C GLN C 271 -32.10 10.13 -53.02
N ALA C 272 -31.56 10.89 -52.07
CA ALA C 272 -31.61 10.55 -50.65
C ALA C 272 -31.43 9.06 -50.39
N GLY C 273 -30.19 8.58 -50.47
CA GLY C 273 -29.87 7.19 -50.23
C GLY C 273 -30.98 6.19 -50.45
N LEU C 274 -31.31 5.91 -51.71
CA LEU C 274 -32.35 4.92 -52.03
C LEU C 274 -31.81 3.51 -52.09
N GLY C 275 -30.52 3.31 -51.78
CA GLY C 275 -30.07 1.98 -51.44
C GLY C 275 -30.53 1.56 -50.06
N HIS C 276 -30.71 2.53 -49.16
CA HIS C 276 -31.21 2.22 -47.83
C HIS C 276 -32.64 1.69 -47.90
N PHE C 277 -33.50 2.37 -48.64
CA PHE C 277 -34.88 1.91 -48.80
C PHE C 277 -34.96 0.58 -49.52
N TYR C 278 -33.92 0.22 -50.27
CA TYR C 278 -33.93 -1.03 -51.00
C TYR C 278 -33.58 -2.19 -50.08
N HIS C 279 -32.31 -2.26 -49.68
CA HIS C 279 -31.82 -3.22 -48.71
C HIS C 279 -32.86 -3.44 -47.61
N ILE C 280 -33.52 -2.37 -47.18
CA ILE C 280 -34.41 -2.50 -46.04
C ILE C 280 -35.76 -3.10 -46.44
N PHE C 281 -36.32 -2.66 -47.58
CA PHE C 281 -37.68 -3.00 -47.96
C PHE C 281 -37.79 -4.08 -49.03
N TYR C 282 -36.73 -4.29 -49.81
CA TYR C 282 -36.70 -5.41 -50.73
C TYR C 282 -35.82 -6.54 -50.20
N GLU C 283 -34.59 -6.23 -49.82
CA GLU C 283 -33.69 -7.28 -49.37
C GLU C 283 -34.06 -7.78 -47.97
N GLY C 284 -34.74 -6.97 -47.16
CA GLY C 284 -35.09 -7.36 -45.82
C GLY C 284 -33.98 -7.27 -44.80
N CYS C 285 -32.83 -6.70 -45.18
CA CYS C 285 -31.63 -6.77 -44.36
C CYS C 285 -31.86 -6.46 -42.88
N LEU C 286 -32.94 -5.78 -42.52
CA LEU C 286 -33.19 -5.43 -41.12
C LEU C 286 -33.77 -6.59 -40.32
N THR C 287 -33.88 -7.77 -40.93
CA THR C 287 -34.73 -8.85 -40.42
C THR C 287 -34.29 -10.23 -40.90
N ASP C 288 -33.51 -10.31 -41.97
CA ASP C 288 -33.21 -11.62 -42.57
C ASP C 288 -32.43 -12.53 -41.62
N HIS C 289 -32.02 -12.00 -40.47
CA HIS C 289 -31.42 -12.75 -39.39
C HIS C 289 -32.17 -12.41 -38.11
N GLU C 290 -32.14 -13.30 -37.12
CA GLU C 290 -32.71 -12.98 -35.82
C GLU C 290 -31.58 -12.92 -34.81
N VAL C 291 -31.91 -12.50 -33.60
CA VAL C 291 -30.89 -12.08 -32.65
C VAL C 291 -31.22 -12.70 -31.30
N GLY C 292 -30.22 -13.31 -30.69
CA GLY C 292 -30.46 -13.91 -29.40
C GLY C 292 -31.07 -12.87 -28.50
N ASP C 293 -32.05 -13.28 -27.71
CA ASP C 293 -32.59 -12.40 -26.67
C ASP C 293 -31.50 -11.81 -25.76
N ASP C 294 -30.31 -12.42 -25.71
CA ASP C 294 -29.24 -11.87 -24.90
C ASP C 294 -28.54 -10.70 -25.58
N GLU C 295 -29.00 -10.33 -26.77
CA GLU C 295 -28.47 -9.21 -27.53
C GLU C 295 -29.58 -8.28 -28.01
N GLU C 296 -30.80 -8.47 -27.55
CA GLU C 296 -31.96 -7.76 -28.04
C GLU C 296 -32.44 -6.80 -26.96
N ALA C 297 -32.55 -5.52 -27.33
CA ALA C 297 -32.86 -4.48 -26.35
C ALA C 297 -34.18 -4.73 -25.64
N SER C 298 -35.20 -5.17 -26.39
CA SER C 298 -36.50 -5.36 -25.76
C SER C 298 -36.49 -6.52 -24.76
N LYS C 299 -35.57 -7.48 -24.91
CA LYS C 299 -35.44 -8.55 -23.93
C LYS C 299 -34.53 -8.13 -22.77
N LEU C 300 -33.38 -7.54 -23.08
CA LEU C 300 -32.52 -7.04 -22.01
C LEU C 300 -33.25 -6.03 -21.14
N TYR C 301 -34.24 -5.36 -21.70
CA TYR C 301 -34.85 -4.20 -21.07
C TYR C 301 -36.36 -4.35 -21.19
N PRO C 302 -36.92 -5.39 -20.56
CA PRO C 302 -38.39 -5.50 -20.51
C PRO C 302 -39.08 -4.29 -19.88
N ASP C 303 -38.38 -3.49 -19.06
CA ASP C 303 -39.05 -2.37 -18.41
C ASP C 303 -39.41 -1.26 -19.40
N VAL C 304 -38.59 -1.03 -20.43
CA VAL C 304 -38.95 -0.08 -21.48
C VAL C 304 -40.20 -0.56 -22.20
N LYS C 305 -41.36 0.02 -21.87
CA LYS C 305 -42.61 -0.20 -22.61
C LYS C 305 -42.60 0.62 -23.88
N TYR C 306 -41.80 0.17 -24.84
CA TYR C 306 -41.71 0.81 -26.15
C TYR C 306 -43.09 1.15 -26.70
N THR C 307 -43.15 1.95 -27.76
CA THR C 307 -44.44 2.35 -28.33
C THR C 307 -44.75 1.50 -29.56
N ARG C 308 -45.98 1.02 -29.62
CA ARG C 308 -46.40 0.26 -30.77
C ARG C 308 -46.88 1.21 -31.86
N MET C 309 -46.56 0.87 -33.10
CA MET C 309 -46.86 1.78 -34.21
C MET C 309 -48.32 2.17 -34.27
N ASP C 310 -49.18 1.46 -33.54
CA ASP C 310 -50.57 1.89 -33.40
C ASP C 310 -50.68 3.10 -32.51
N GLU C 311 -49.76 3.27 -31.57
CA GLU C 311 -49.80 4.43 -30.71
C GLU C 311 -49.03 5.59 -31.35
N TYR C 312 -47.78 5.35 -31.71
CA TYR C 312 -47.01 6.36 -32.43
C TYR C 312 -47.79 7.04 -33.56
N LEU C 313 -48.78 6.36 -34.15
CA LEU C 313 -49.48 6.92 -35.30
C LEU C 313 -50.73 7.72 -34.93
N LYS C 314 -51.23 7.56 -33.71
CA LYS C 314 -52.42 8.30 -33.29
C LYS C 314 -52.21 9.82 -33.30
N ILE C 315 -50.98 10.31 -33.40
CA ILE C 315 -50.73 11.75 -33.30
C ILE C 315 -51.10 12.48 -34.58
N PHE C 316 -50.95 11.83 -35.75
CA PHE C 316 -51.31 12.44 -37.01
C PHE C 316 -52.81 12.42 -37.27
N LEU C 317 -53.55 11.54 -36.61
CA LEU C 317 -55.00 11.58 -36.71
C LEU C 317 -55.48 13.01 -36.46
N GLU D 8 -18.39 -5.37 35.03
CA GLU D 8 -18.86 -6.20 33.93
C GLU D 8 -17.78 -6.40 32.88
N LYS D 9 -17.28 -5.29 32.34
CA LYS D 9 -16.37 -5.26 31.20
C LYS D 9 -14.96 -4.96 31.65
N THR D 10 -14.00 -5.34 30.82
CA THR D 10 -12.59 -5.33 31.21
C THR D 10 -11.91 -4.05 30.74
N ARG D 11 -10.98 -3.54 31.55
CA ARG D 11 -10.37 -2.26 31.34
C ARG D 11 -9.01 -2.42 30.64
N VAL D 12 -8.90 -1.92 29.40
CA VAL D 12 -7.68 -2.01 28.60
C VAL D 12 -6.99 -0.65 28.58
N LEU D 13 -5.65 -0.69 28.55
CA LEU D 13 -4.80 0.50 28.51
C LEU D 13 -3.92 0.45 27.27
N VAL D 14 -4.42 1.01 26.17
CA VAL D 14 -3.63 1.06 24.94
C VAL D 14 -2.41 1.96 25.12
N VAL D 15 -1.29 1.49 24.60
CA VAL D 15 0.00 2.18 24.64
C VAL D 15 0.41 2.39 23.20
N GLY D 16 1.21 3.42 22.95
CA GLY D 16 1.36 3.90 21.59
C GLY D 16 0.00 4.01 20.91
N GLY D 17 -0.91 4.81 21.48
CA GLY D 17 -2.30 4.79 21.09
C GLY D 17 -2.67 5.59 19.84
N THR D 18 -1.83 6.53 19.42
CA THR D 18 -2.08 7.33 18.23
C THR D 18 -1.23 6.87 17.06
N GLY D 19 -0.55 5.74 17.21
CA GLY D 19 0.21 5.17 16.14
C GLY D 19 -0.66 4.45 15.15
N THR D 20 -0.07 4.07 14.01
CA THR D 20 -0.81 3.39 12.95
C THR D 20 -1.63 2.21 13.49
N MET D 21 -0.95 1.21 14.07
CA MET D 21 -1.63 0.06 14.65
C MET D 21 -2.38 0.43 15.90
N GLY D 22 -1.84 1.35 16.70
CA GLY D 22 -2.44 1.65 17.99
C GLY D 22 -3.85 2.23 17.87
N ARG D 23 -4.05 3.15 16.93
CA ARG D 23 -5.34 3.84 16.90
C ARG D 23 -6.47 2.89 16.52
N ARG D 24 -6.19 1.90 15.68
CA ARG D 24 -7.19 0.88 15.41
C ARG D 24 -7.49 0.06 16.65
N ILE D 25 -6.48 -0.20 17.48
CA ILE D 25 -6.67 -1.02 18.67
C ILE D 25 -7.52 -0.26 19.68
N VAL D 26 -7.25 1.04 19.85
CA VAL D 26 -8.10 1.90 20.67
C VAL D 26 -9.54 1.80 20.21
N ARG D 27 -9.77 2.01 18.90
CA ARG D 27 -11.13 1.98 18.38
C ARG D 27 -11.75 0.59 18.51
N ALA D 28 -10.95 -0.46 18.33
CA ALA D 28 -11.49 -1.83 18.43
C ALA D 28 -11.79 -2.20 19.87
N CYS D 29 -10.90 -1.83 20.80
CA CYS D 29 -11.17 -2.07 22.20
C CYS D 29 -12.54 -1.50 22.59
N LEU D 30 -12.79 -0.22 22.28
CA LEU D 30 -14.10 0.35 22.55
C LEU D 30 -15.23 -0.35 21.79
N ALA D 31 -14.95 -0.94 20.62
CA ALA D 31 -15.98 -1.59 19.82
C ALA D 31 -16.43 -2.95 20.38
N GLU D 32 -15.52 -3.70 21.01
CA GLU D 32 -16.01 -4.83 21.80
C GLU D 32 -16.86 -4.32 22.96
N GLY D 33 -16.32 -3.40 23.74
CA GLY D 33 -17.01 -2.83 24.87
C GLY D 33 -16.05 -2.69 26.03
N HIS D 34 -14.77 -2.69 25.71
CA HIS D 34 -13.75 -2.48 26.73
C HIS D 34 -13.71 -1.01 27.15
N GLU D 35 -13.81 -0.77 28.45
CA GLU D 35 -13.46 0.54 28.99
C GLU D 35 -12.02 0.83 28.62
N THR D 36 -11.82 1.47 27.47
CA THR D 36 -10.51 1.74 26.91
C THR D 36 -9.88 3.01 27.49
N TYR D 37 -8.55 2.99 27.62
CA TYR D 37 -7.73 4.07 28.14
C TYR D 37 -6.52 4.18 27.25
N VAL D 38 -6.17 5.40 26.83
CA VAL D 38 -4.97 5.62 26.05
C VAL D 38 -3.94 6.24 26.99
N LEU D 39 -2.69 6.26 26.54
CA LEU D 39 -1.63 6.88 27.32
C LEU D 39 -1.26 8.21 26.70
N GLN D 40 -1.43 9.28 27.47
CA GLN D 40 -1.12 10.62 27.00
C GLN D 40 0.34 10.88 27.33
N GLN D 41 1.21 10.70 26.36
CA GLN D 41 2.61 10.90 26.62
C GLN D 41 2.93 12.39 26.62
N PRO D 42 3.63 12.90 27.62
CA PRO D 42 3.87 14.34 27.70
C PRO D 42 4.43 14.88 26.40
N GLU D 43 4.06 16.11 26.09
CA GLU D 43 4.28 16.66 24.77
C GLU D 43 5.72 17.11 24.55
N THR D 44 6.24 16.77 23.38
CA THR D 44 7.63 16.96 23.00
C THR D 44 7.72 17.55 21.60
N ARG D 45 6.73 18.37 21.25
CA ARG D 45 6.52 18.85 19.88
C ARG D 45 5.15 19.50 19.83
N VAL D 46 4.82 20.12 18.70
CA VAL D 46 3.47 20.65 18.51
C VAL D 46 2.79 19.80 17.45
N ASP D 47 2.23 18.67 17.87
CA ASP D 47 1.70 17.68 16.94
C ASP D 47 0.18 17.82 16.88
N ILE D 48 -0.31 18.42 15.80
CA ILE D 48 -1.73 18.67 15.70
C ILE D 48 -2.51 17.36 15.68
N GLU D 49 -2.05 16.39 14.88
CA GLU D 49 -2.86 15.20 14.65
C GLU D 49 -2.70 14.19 15.77
N LYS D 50 -1.49 14.08 16.32
CA LYS D 50 -1.30 13.36 17.56
C LYS D 50 -2.27 13.85 18.63
N VAL D 51 -2.41 15.18 18.77
CA VAL D 51 -3.25 15.76 19.83
C VAL D 51 -4.73 15.57 19.52
N GLN D 52 -5.12 15.70 18.25
CA GLN D 52 -6.54 15.56 17.91
C GLN D 52 -6.98 14.11 17.98
N LEU D 53 -6.08 13.18 17.61
CA LEU D 53 -6.32 11.76 17.79
C LEU D 53 -6.63 11.43 19.24
N LEU D 54 -5.70 11.76 20.14
CA LEU D 54 -5.91 11.51 21.57
C LEU D 54 -7.27 11.99 22.04
N TYR D 55 -7.62 13.23 21.74
CA TYR D 55 -8.85 13.76 22.29
C TYR D 55 -10.06 13.32 21.48
N SER D 56 -9.87 13.00 20.20
CA SER D 56 -10.91 12.30 19.44
C SER D 56 -11.29 10.93 20.03
N TYR D 57 -10.58 10.41 21.02
CA TYR D 57 -11.11 9.18 21.61
C TYR D 57 -12.11 9.48 22.72
N LYS D 58 -11.85 10.45 23.60
CA LYS D 58 -12.82 10.79 24.63
C LYS D 58 -14.19 10.96 24.02
N ARG D 59 -14.27 11.61 22.88
CA ARG D 59 -15.56 11.75 22.20
C ARG D 59 -16.19 10.38 22.00
N LEU D 60 -15.36 9.34 21.82
CA LEU D 60 -15.89 7.99 21.61
C LEU D 60 -16.31 7.31 22.90
N GLY D 61 -15.59 7.53 23.99
CA GLY D 61 -15.93 6.88 25.22
C GLY D 61 -14.68 6.42 25.92
N ALA D 62 -13.55 6.61 25.26
CA ALA D 62 -12.25 6.26 25.82
C ALA D 62 -11.76 7.35 26.78
N ARG D 63 -10.76 6.99 27.58
CA ARG D 63 -10.22 7.84 28.61
C ARG D 63 -8.71 7.97 28.43
N LEU D 64 -8.19 9.14 28.72
CA LEU D 64 -6.76 9.38 28.62
C LEU D 64 -6.13 9.28 29.99
N ILE D 65 -4.97 8.64 30.05
CA ILE D 65 -4.12 8.66 31.23
C ILE D 65 -2.77 9.21 30.79
N GLU D 66 -2.31 10.26 31.47
CA GLU D 66 -1.03 10.87 31.20
C GLU D 66 0.04 10.12 31.97
N ALA D 67 1.11 9.74 31.27
CA ALA D 67 2.28 9.21 31.93
C ALA D 67 3.49 9.50 31.08
N SER D 68 4.66 9.33 31.67
CA SER D 68 5.94 9.60 31.07
C SER D 68 6.87 8.42 31.33
N PHE D 69 7.43 7.85 30.25
CA PHE D 69 8.46 6.83 30.36
C PHE D 69 9.70 7.31 31.08
N SER D 70 9.84 8.61 31.31
CA SER D 70 10.89 9.15 32.15
C SER D 70 10.50 9.12 33.62
N ASP D 71 9.30 8.63 33.92
CA ASP D 71 8.80 8.58 35.28
C ASP D 71 8.13 7.22 35.50
N HIS D 72 8.85 6.32 36.19
CA HIS D 72 8.35 5.01 36.59
C HIS D 72 6.94 5.09 37.19
N GLN D 73 6.80 5.77 38.33
CA GLN D 73 5.59 5.71 39.16
C GLN D 73 4.36 6.28 38.46
N SER D 74 4.52 7.00 37.35
CA SER D 74 3.39 7.40 36.53
C SER D 74 2.83 6.24 35.73
N LEU D 75 3.71 5.34 35.28
CA LEU D 75 3.29 4.15 34.55
C LEU D 75 2.57 3.17 35.47
N VAL D 76 3.12 2.92 36.65
CA VAL D 76 2.41 2.11 37.64
C VAL D 76 1.07 2.75 38.01
N SER D 77 0.99 4.08 37.93
CA SER D 77 -0.26 4.72 38.29
C SER D 77 -1.31 4.51 37.19
N ALA D 78 -0.91 4.66 35.93
CA ALA D 78 -1.80 4.27 34.84
C ALA D 78 -2.18 2.79 34.95
N VAL D 79 -1.19 1.89 34.97
CA VAL D 79 -1.51 0.47 34.90
C VAL D 79 -2.35 0.06 36.10
N LYS D 80 -2.05 0.61 37.27
CA LYS D 80 -2.82 0.29 38.46
C LYS D 80 -4.28 0.71 38.31
N GLN D 81 -4.66 1.29 37.18
CA GLN D 81 -6.02 1.76 36.92
C GLN D 81 -6.82 0.84 36.02
N VAL D 82 -6.20 -0.20 35.48
CA VAL D 82 -6.81 -1.02 34.45
C VAL D 82 -6.55 -2.49 34.74
N ASP D 83 -7.08 -3.33 33.86
CA ASP D 83 -6.97 -4.79 33.97
C ASP D 83 -5.97 -5.38 32.99
N ILE D 84 -5.94 -4.87 31.76
CA ILE D 84 -5.06 -5.34 30.71
C ILE D 84 -4.42 -4.16 30.00
N VAL D 85 -3.18 -4.36 29.58
CA VAL D 85 -2.36 -3.35 28.92
C VAL D 85 -1.89 -3.90 27.57
N VAL D 86 -1.95 -3.06 26.54
CA VAL D 86 -1.54 -3.42 25.19
C VAL D 86 -0.67 -2.31 24.64
N ALA D 87 0.40 -2.69 23.95
CA ALA D 87 1.34 -1.75 23.36
C ALA D 87 1.38 -1.89 21.84
N ALA D 88 1.91 -0.86 21.18
CA ALA D 88 1.99 -0.83 19.73
C ALA D 88 2.80 0.36 19.22
N MET D 89 4.13 0.24 19.34
CA MET D 89 5.09 1.27 18.99
C MET D 89 5.63 1.17 17.56
N SER D 90 6.82 1.72 17.31
CA SER D 90 7.38 1.72 15.95
C SER D 90 8.55 0.75 15.84
N SER D 96 15.53 -1.08 16.91
CA SER D 96 14.63 0.06 17.00
C SER D 96 14.44 0.50 18.44
N HIS D 97 14.95 1.70 18.75
CA HIS D 97 14.89 2.30 20.07
C HIS D 97 13.58 2.07 20.81
N SER D 98 12.46 2.16 20.09
CA SER D 98 11.15 2.19 20.74
C SER D 98 10.77 0.84 21.31
N ILE D 99 11.04 -0.27 20.60
CA ILE D 99 10.58 -1.58 21.06
C ILE D 99 10.93 -1.80 22.53
N LEU D 100 11.98 -1.14 23.03
CA LEU D 100 12.56 -1.50 24.33
C LEU D 100 12.08 -0.64 25.51
N VAL D 101 11.35 0.46 25.29
CA VAL D 101 10.82 1.19 26.44
C VAL D 101 9.68 0.42 27.10
N GLN D 102 9.09 -0.53 26.39
CA GLN D 102 8.22 -1.51 27.03
C GLN D 102 8.92 -2.29 28.16
N LEU D 103 10.25 -2.22 28.23
CA LEU D 103 10.94 -2.75 29.41
C LEU D 103 10.56 -1.95 30.66
N LYS D 104 10.61 -0.61 30.57
CA LYS D 104 10.11 0.24 31.65
C LYS D 104 8.64 0.01 31.92
N LEU D 105 7.89 -0.43 30.91
CA LEU D 105 6.48 -0.75 31.05
C LEU D 105 6.30 -2.09 31.77
N VAL D 106 7.12 -3.08 31.45
CA VAL D 106 7.13 -4.31 32.23
C VAL D 106 7.41 -4.01 33.71
N GLU D 107 8.42 -3.18 33.97
CA GLU D 107 8.77 -2.83 35.34
C GLU D 107 7.56 -2.32 36.11
N ALA D 108 6.62 -1.66 35.42
CA ALA D 108 5.44 -1.08 36.04
C ALA D 108 4.36 -2.11 36.34
N ILE D 109 4.03 -2.97 35.36
CA ILE D 109 2.99 -3.97 35.56
C ILE D 109 3.40 -4.95 36.64
N LYS D 110 4.68 -5.33 36.64
CA LYS D 110 5.19 -6.18 37.71
C LYS D 110 5.01 -5.50 39.06
N GLU D 111 5.40 -4.22 39.17
CA GLU D 111 5.40 -3.55 40.46
C GLU D 111 3.99 -3.22 40.94
N ALA D 112 3.02 -3.07 40.02
CA ALA D 112 1.60 -2.94 40.33
C ALA D 112 0.90 -4.29 40.54
N GLY D 113 1.07 -5.24 39.62
CA GLY D 113 0.55 -6.57 39.83
C GLY D 113 -0.95 -6.74 39.64
N ASN D 114 -1.68 -5.67 39.36
CA ASN D 114 -3.10 -5.78 39.09
C ASN D 114 -3.40 -6.21 37.66
N ILE D 115 -2.38 -6.38 36.84
CA ILE D 115 -2.58 -6.65 35.42
C ILE D 115 -2.87 -8.13 35.20
N LYS D 116 -3.86 -8.41 34.35
CA LYS D 116 -4.24 -9.76 33.96
C LYS D 116 -3.52 -10.23 32.70
N ARG D 117 -3.17 -9.30 31.81
CA ARG D 117 -2.51 -9.71 30.57
C ARG D 117 -1.88 -8.51 29.90
N PHE D 118 -0.69 -8.72 29.33
CA PHE D 118 0.03 -7.73 28.55
C PHE D 118 0.32 -8.29 27.16
N LEU D 119 -0.49 -7.88 26.18
CA LEU D 119 -0.27 -8.20 24.79
C LEU D 119 0.71 -7.19 24.18
N PRO D 120 1.99 -7.54 24.10
CA PRO D 120 3.03 -6.59 23.70
C PRO D 120 3.04 -6.31 22.20
N SER D 121 3.91 -5.35 21.84
CA SER D 121 4.01 -4.84 20.48
C SER D 121 4.55 -5.91 19.55
N GLU D 122 3.65 -6.67 18.92
CA GLU D 122 4.03 -7.65 17.91
C GLU D 122 3.48 -7.26 16.55
N PHE D 123 2.40 -7.90 16.12
CA PHE D 123 1.67 -7.61 14.89
C PHE D 123 2.53 -7.74 13.64
N GLY D 124 3.67 -8.41 13.73
CA GLY D 124 4.43 -8.66 12.52
C GLY D 124 4.89 -10.10 12.35
N MET D 125 6.05 -10.26 11.72
CA MET D 125 6.77 -11.52 11.79
C MET D 125 6.95 -11.92 13.24
N ASP D 126 6.81 -13.22 13.52
CA ASP D 126 7.17 -13.74 14.83
C ASP D 126 8.68 -13.65 14.96
N PRO D 127 9.20 -12.90 15.93
CA PRO D 127 10.66 -12.71 16.01
C PRO D 127 11.42 -13.89 16.60
N SER D 128 10.73 -14.98 16.94
CA SER D 128 11.29 -16.06 17.75
C SER D 128 12.07 -17.10 16.95
N ARG D 129 12.19 -16.94 15.63
CA ARG D 129 12.74 -17.96 14.76
C ARG D 129 14.16 -17.69 14.27
N MET D 130 14.42 -16.48 13.77
CA MET D 130 15.65 -16.10 13.04
C MET D 130 15.35 -16.08 11.55
N ASP D 142 16.58 -9.06 16.45
CA ASP D 142 15.45 -8.25 16.85
C ASP D 142 15.34 -8.12 18.37
N GLN D 143 14.95 -6.95 18.86
CA GLN D 143 14.78 -6.75 20.29
C GLN D 143 13.36 -7.03 20.76
N LYS D 144 12.48 -7.48 19.86
CA LYS D 144 11.13 -7.84 20.29
C LYS D 144 11.16 -9.00 21.27
N LEU D 145 11.85 -10.08 20.90
CA LEU D 145 11.96 -11.23 21.81
C LEU D 145 12.48 -10.79 23.17
N GLU D 146 13.47 -9.89 23.18
CA GLU D 146 13.95 -9.31 24.43
C GLU D 146 12.83 -8.92 25.38
N VAL D 147 11.76 -8.31 24.85
CA VAL D 147 10.65 -7.88 25.71
C VAL D 147 9.89 -9.08 26.23
N ARG D 148 9.70 -10.10 25.37
CA ARG D 148 9.14 -11.37 25.83
C ARG D 148 9.87 -11.88 27.07
N ASN D 149 11.19 -11.99 26.98
CA ASN D 149 11.99 -12.55 28.07
C ASN D 149 11.85 -11.80 29.38
N ALA D 150 11.22 -10.62 29.39
CA ALA D 150 11.02 -9.81 30.59
C ALA D 150 9.60 -9.86 31.12
N ILE D 151 8.60 -9.73 30.23
CA ILE D 151 7.23 -10.11 30.57
C ILE D 151 7.23 -11.46 31.25
N GLU D 152 7.97 -12.41 30.68
CA GLU D 152 7.98 -13.77 31.22
C GLU D 152 8.74 -13.83 32.54
N ALA D 153 10.00 -13.39 32.55
CA ALA D 153 10.78 -13.31 33.78
C ALA D 153 10.00 -12.69 34.93
N ALA D 154 8.98 -11.88 34.64
CA ALA D 154 8.23 -11.20 35.69
C ALA D 154 6.93 -11.88 36.04
N GLY D 155 6.60 -13.00 35.40
CA GLY D 155 5.33 -13.62 35.69
C GLY D 155 4.15 -12.76 35.27
N ILE D 156 4.23 -12.15 34.10
CA ILE D 156 3.15 -11.37 33.52
C ILE D 156 2.41 -12.26 32.53
N PRO D 157 1.15 -12.61 32.76
CA PRO D 157 0.36 -13.25 31.71
C PRO D 157 0.40 -12.42 30.42
N HIS D 158 0.62 -13.09 29.28
CA HIS D 158 0.84 -12.41 28.02
C HIS D 158 -0.02 -13.01 26.91
N THR D 159 0.02 -12.35 25.76
CA THR D 159 -0.46 -12.89 24.50
C THR D 159 0.34 -12.20 23.41
N TYR D 160 0.72 -12.94 22.38
CA TYR D 160 1.57 -12.41 21.33
C TYR D 160 0.82 -12.53 20.01
N VAL D 161 0.51 -11.40 19.39
CA VAL D 161 -0.20 -11.37 18.12
C VAL D 161 0.84 -11.33 17.02
N VAL D 162 0.86 -12.33 16.15
CA VAL D 162 1.97 -12.48 15.22
C VAL D 162 1.45 -12.97 13.88
N GLY D 163 2.26 -12.76 12.85
CA GLY D 163 2.18 -13.53 11.63
C GLY D 163 1.79 -12.77 10.38
N ALA D 164 1.10 -11.64 10.51
CA ALA D 164 0.46 -10.98 9.38
C ALA D 164 1.38 -9.98 8.70
N CYS D 165 1.31 -9.94 7.36
CA CYS D 165 1.76 -8.80 6.57
C CYS D 165 0.69 -7.70 6.56
N PHE D 166 1.05 -6.50 7.02
CA PHE D 166 0.15 -5.35 6.96
C PHE D 166 -0.26 -5.04 5.52
N ALA D 167 -1.57 -4.89 5.30
CA ALA D 167 -2.10 -4.75 3.94
C ALA D 167 -1.82 -3.36 3.35
N ALA D 168 -1.96 -2.30 4.15
CA ALA D 168 -1.61 -0.96 3.66
C ALA D 168 -0.15 -0.87 3.27
N TYR D 169 0.71 -1.65 3.92
CA TYR D 169 2.14 -1.63 3.66
C TYR D 169 2.62 -2.71 2.68
N PHE D 170 1.75 -3.64 2.26
CA PHE D 170 2.14 -4.75 1.39
C PHE D 170 1.07 -5.19 0.40
N ALA D 171 -0.19 -4.79 0.57
CA ALA D 171 -1.29 -5.18 -0.31
C ALA D 171 -1.70 -4.09 -1.29
N GLY D 172 -1.78 -2.84 -0.86
CA GLY D 172 -2.21 -1.79 -1.77
C GLY D 172 -1.24 -1.56 -2.91
N ASN D 173 0.06 -1.47 -2.59
CA ASN D 173 1.10 -1.32 -3.59
C ASN D 173 1.38 -2.60 -4.37
N LEU D 174 0.80 -3.74 -3.97
CA LEU D 174 1.06 -5.02 -4.63
C LEU D 174 2.48 -5.52 -4.30
N SER D 175 2.85 -5.41 -3.04
CA SER D 175 4.16 -5.76 -2.51
C SER D 175 5.30 -4.97 -3.12
N GLN D 176 5.00 -4.03 -4.01
CA GLN D 176 5.97 -3.10 -4.56
C GLN D 176 6.54 -2.15 -3.51
N MET D 177 7.74 -1.66 -3.78
CA MET D 177 8.53 -0.93 -2.80
C MET D 177 8.59 0.55 -3.14
N GLY D 178 8.58 1.37 -2.09
CA GLY D 178 8.64 2.82 -2.23
C GLY D 178 7.37 3.41 -2.80
N THR D 179 6.21 2.98 -2.28
CA THR D 179 4.91 3.33 -2.84
C THR D 179 3.84 2.58 -2.06
N LEU D 180 2.70 3.23 -1.79
CA LEU D 180 1.60 2.58 -1.09
C LEU D 180 0.34 2.49 -1.92
N ILE D 181 0.46 2.49 -3.24
CA ILE D 181 -0.70 2.41 -4.14
C ILE D 181 -0.32 1.59 -5.37
N PRO D 182 -1.32 1.04 -6.05
CA PRO D 182 -1.05 0.14 -7.19
C PRO D 182 -0.30 0.86 -8.29
N PRO D 183 0.89 0.36 -8.72
CA PRO D 183 1.50 0.88 -9.95
C PRO D 183 0.56 0.75 -11.12
N LYS D 184 0.98 1.24 -12.29
CA LYS D 184 0.09 1.34 -13.42
C LYS D 184 0.57 0.58 -14.63
N LYS D 185 1.86 0.30 -14.75
CA LYS D 185 2.39 -0.42 -15.90
C LYS D 185 3.33 -1.55 -15.51
N LYS D 186 4.32 -1.25 -14.67
CA LYS D 186 5.30 -2.24 -14.28
C LYS D 186 4.94 -2.83 -12.93
N VAL D 187 5.55 -3.96 -12.62
CA VAL D 187 5.38 -4.62 -11.33
C VAL D 187 6.65 -5.43 -11.12
N ASN D 188 6.94 -5.75 -9.87
CA ASN D 188 8.16 -6.48 -9.53
C ASN D 188 7.77 -7.72 -8.73
N ILE D 189 7.85 -8.88 -9.37
CA ILE D 189 7.65 -10.15 -8.69
C ILE D 189 8.96 -10.56 -8.03
N TYR D 190 8.94 -10.80 -6.73
CA TYR D 190 10.15 -11.12 -6.00
C TYR D 190 10.34 -12.63 -6.05
N GLY D 191 11.35 -13.07 -6.81
CA GLY D 191 11.41 -14.47 -7.12
C GLY D 191 10.31 -14.85 -8.09
N ASP D 192 10.01 -16.16 -8.12
CA ASP D 192 8.90 -16.63 -8.92
C ASP D 192 7.55 -16.11 -8.43
N GLY D 193 7.52 -15.57 -7.21
CA GLY D 193 6.29 -15.02 -6.68
C GLY D 193 5.30 -16.12 -6.36
N ASN D 194 5.79 -17.35 -6.33
CA ASN D 194 5.02 -18.46 -5.77
C ASN D 194 5.59 -18.83 -4.41
N VAL D 195 5.81 -17.78 -3.61
CA VAL D 195 6.02 -17.88 -2.18
C VAL D 195 4.78 -17.27 -1.53
N LYS D 196 4.03 -18.07 -0.78
CA LYS D 196 2.86 -17.57 -0.10
C LYS D 196 3.24 -16.50 0.92
N VAL D 197 2.28 -15.64 1.24
CA VAL D 197 2.48 -14.51 2.16
C VAL D 197 1.12 -14.12 2.72
N VAL D 198 1.09 -13.81 4.02
CA VAL D 198 -0.18 -13.52 4.68
C VAL D 198 -0.45 -12.02 4.62
N TYR D 199 -1.49 -11.65 3.88
CA TYR D 199 -1.94 -10.29 3.73
C TYR D 199 -3.19 -10.10 4.59
N VAL D 200 -3.13 -9.18 5.56
CA VAL D 200 -4.28 -8.88 6.40
C VAL D 200 -4.51 -7.37 6.48
N ASP D 201 -5.79 -6.98 6.49
CA ASP D 201 -6.14 -5.60 6.76
C ASP D 201 -5.85 -5.27 8.22
N GLU D 202 -5.34 -4.05 8.46
CA GLU D 202 -5.00 -3.67 9.83
C GLU D 202 -6.22 -3.53 10.72
N ASP D 203 -7.42 -3.44 10.15
CA ASP D 203 -8.61 -3.42 10.99
C ASP D 203 -8.84 -4.78 11.61
N ASP D 204 -8.69 -5.85 10.82
CA ASP D 204 -8.89 -7.20 11.33
C ASP D 204 -7.81 -7.57 12.35
N ILE D 205 -6.55 -7.28 12.03
CA ILE D 205 -5.47 -7.49 13.00
C ILE D 205 -5.83 -6.85 14.35
N ALA D 206 -6.35 -5.62 14.32
CA ALA D 206 -6.63 -4.89 15.55
C ALA D 206 -7.95 -5.29 16.18
N GLU D 207 -8.88 -5.81 15.39
CA GLU D 207 -10.10 -6.40 15.93
C GLU D 207 -9.78 -7.75 16.58
N TYR D 208 -9.15 -8.66 15.79
CA TYR D 208 -8.66 -9.93 16.35
C TYR D 208 -7.95 -9.69 17.64
N THR D 209 -7.25 -8.57 17.74
CA THR D 209 -6.48 -8.27 18.94
C THR D 209 -7.40 -7.90 20.09
N ALA D 210 -8.57 -7.32 19.81
CA ALA D 210 -9.49 -6.90 20.86
C ALA D 210 -10.32 -8.07 21.39
N LYS D 211 -10.64 -9.06 20.55
CA LYS D 211 -11.28 -10.27 21.04
C LYS D 211 -10.30 -11.15 21.82
N THR D 212 -9.06 -11.24 21.38
CA THR D 212 -8.13 -12.13 22.04
C THR D 212 -7.87 -11.71 23.47
N LEU D 213 -7.57 -10.44 23.68
CA LEU D 213 -6.87 -10.00 24.89
C LEU D 213 -7.44 -10.58 26.17
N ASP D 214 -8.74 -10.93 26.21
CA ASP D 214 -9.30 -11.51 27.42
C ASP D 214 -9.93 -12.89 27.14
N ASP D 215 -9.36 -13.62 26.19
CA ASP D 215 -9.91 -14.90 25.75
C ASP D 215 -9.17 -16.00 26.48
N PRO D 216 -9.79 -16.71 27.42
CA PRO D 216 -9.02 -17.64 28.26
C PRO D 216 -8.29 -18.67 27.43
N ARG D 217 -8.81 -18.99 26.24
CA ARG D 217 -8.12 -19.88 25.32
C ARG D 217 -6.79 -19.32 24.86
N THR D 218 -6.45 -18.07 25.18
CA THR D 218 -5.24 -17.46 24.63
C THR D 218 -4.27 -16.96 25.67
N ILE D 219 -4.66 -16.89 26.94
CA ILE D 219 -3.72 -16.50 27.98
C ILE D 219 -2.43 -17.29 27.83
N ASN D 220 -1.32 -16.59 27.62
CA ASN D 220 0.01 -17.17 27.56
C ASN D 220 0.28 -17.88 26.24
N LYS D 221 -0.47 -17.57 25.20
CA LYS D 221 -0.30 -18.23 23.92
C LYS D 221 0.30 -17.26 22.92
N THR D 222 0.55 -17.76 21.73
CA THR D 222 0.97 -16.96 20.60
C THR D 222 -0.13 -17.07 19.55
N VAL D 223 -1.08 -16.13 19.59
CA VAL D 223 -2.16 -16.14 18.61
C VAL D 223 -1.60 -15.82 17.23
N TYR D 224 -2.07 -16.57 16.23
CA TYR D 224 -1.62 -16.39 14.85
C TYR D 224 -2.74 -15.81 14.00
N VAL D 225 -2.38 -14.83 13.18
CA VAL D 225 -3.34 -14.15 12.32
C VAL D 225 -3.05 -14.61 10.91
N ARG D 226 -3.88 -15.52 10.41
CA ARG D 226 -3.68 -16.11 9.10
C ARG D 226 -5.05 -16.42 8.49
N PRO D 227 -5.83 -15.38 8.20
CA PRO D 227 -7.12 -15.62 7.56
C PRO D 227 -6.91 -16.36 6.25
N THR D 228 -7.56 -17.51 6.15
CA THR D 228 -7.21 -18.51 5.15
C THR D 228 -7.27 -17.92 3.74
N GLU D 229 -8.42 -17.35 3.37
CA GLU D 229 -8.59 -16.87 2.01
C GLU D 229 -7.68 -15.68 1.69
N ASN D 230 -6.93 -15.17 2.67
CA ASN D 230 -5.96 -14.11 2.44
C ASN D 230 -4.52 -14.59 2.53
N VAL D 231 -4.30 -15.89 2.38
CA VAL D 231 -2.98 -16.46 2.24
C VAL D 231 -2.75 -16.57 0.73
N LEU D 232 -2.04 -15.59 0.17
CA LEU D 232 -1.80 -15.52 -1.25
C LEU D 232 -0.30 -15.33 -1.48
N THR D 233 0.13 -15.58 -2.71
CA THR D 233 1.47 -15.27 -3.17
C THR D 233 1.45 -13.90 -3.83
N GLN D 234 2.64 -13.31 -4.03
CA GLN D 234 2.65 -12.03 -4.72
C GLN D 234 1.94 -12.14 -6.06
N MET D 235 2.10 -13.26 -6.75
CA MET D 235 1.45 -13.39 -8.06
C MET D 235 -0.05 -13.58 -7.90
N GLU D 236 -0.48 -14.29 -6.87
CA GLU D 236 -1.90 -14.38 -6.57
C GLU D 236 -2.49 -13.00 -6.29
N LEU D 237 -1.70 -12.09 -5.71
CA LEU D 237 -2.20 -10.76 -5.37
C LEU D 237 -2.26 -9.85 -6.60
N VAL D 238 -1.24 -9.90 -7.44
CA VAL D 238 -1.22 -9.14 -8.69
C VAL D 238 -2.34 -9.58 -9.62
N GLN D 239 -2.73 -10.85 -9.59
CA GLN D 239 -3.79 -11.34 -10.45
C GLN D 239 -5.17 -11.03 -9.90
N ILE D 240 -5.25 -10.58 -8.64
CA ILE D 240 -6.50 -10.02 -8.13
C ILE D 240 -6.75 -8.65 -8.75
N TRP D 241 -5.75 -7.78 -8.67
CA TRP D 241 -5.78 -6.49 -9.34
C TRP D 241 -6.12 -6.64 -10.81
N GLU D 242 -5.19 -7.19 -11.61
CA GLU D 242 -5.38 -7.39 -13.04
C GLU D 242 -6.82 -7.74 -13.43
N LYS D 243 -7.60 -8.28 -12.48
CA LYS D 243 -9.01 -8.61 -12.70
C LYS D 243 -9.92 -7.46 -12.27
N LEU D 244 -9.66 -6.89 -11.10
CA LEU D 244 -10.41 -5.69 -10.71
C LEU D 244 -10.28 -4.60 -11.76
N THR D 245 -9.18 -4.58 -12.52
CA THR D 245 -8.93 -3.60 -13.58
C THR D 245 -9.32 -4.08 -14.96
N GLY D 246 -8.98 -5.31 -15.31
CA GLY D 246 -9.12 -5.77 -16.67
C GLY D 246 -7.90 -5.49 -17.53
N LYS D 247 -6.84 -4.96 -16.95
CA LYS D 247 -5.50 -4.92 -17.53
C LYS D 247 -4.61 -5.95 -16.84
N GLU D 248 -3.47 -6.23 -17.45
CA GLU D 248 -2.41 -6.98 -16.82
C GLU D 248 -1.15 -6.14 -16.83
N LEU D 249 -0.34 -6.30 -15.78
CA LEU D 249 0.85 -5.51 -15.57
C LEU D 249 2.07 -6.16 -16.21
N GLU D 250 2.89 -5.35 -16.85
CA GLU D 250 4.23 -5.79 -17.24
C GLU D 250 5.00 -6.12 -15.97
N LYS D 251 5.35 -7.38 -15.81
CA LYS D 251 6.03 -7.82 -14.60
C LYS D 251 7.53 -7.91 -14.85
N THR D 252 8.31 -8.01 -13.78
CA THR D 252 9.76 -8.11 -13.93
C THR D 252 10.33 -8.82 -12.70
N ASN D 253 10.74 -10.07 -12.89
CA ASN D 253 11.13 -10.94 -11.79
C ASN D 253 12.53 -10.59 -11.30
N ILE D 254 12.78 -10.88 -10.02
CA ILE D 254 13.96 -10.45 -9.28
C ILE D 254 14.45 -11.63 -8.44
N SER D 255 15.61 -12.18 -8.79
CA SER D 255 16.19 -13.32 -8.10
C SER D 255 16.80 -12.89 -6.77
N ALA D 256 16.76 -13.79 -5.80
CA ALA D 256 17.39 -13.58 -4.50
C ALA D 256 18.69 -12.80 -4.59
N ASN D 257 19.69 -13.36 -5.27
CA ASN D 257 21.01 -12.72 -5.30
C ASN D 257 20.92 -11.30 -5.85
N ASP D 258 20.09 -11.09 -6.87
CA ASP D 258 19.90 -9.74 -7.39
C ASP D 258 19.18 -8.87 -6.38
N PHE D 259 18.14 -9.41 -5.75
CA PHE D 259 17.56 -8.79 -4.57
C PHE D 259 18.55 -8.72 -3.42
N LEU D 260 19.68 -9.41 -3.49
CA LEU D 260 20.66 -9.36 -2.43
C LEU D 260 21.57 -8.16 -2.59
N ALA D 261 21.94 -7.57 -1.46
CA ALA D 261 22.95 -6.52 -1.42
C ALA D 261 24.02 -6.94 -0.42
N ASP D 262 25.02 -6.07 -0.23
CA ASP D 262 26.11 -6.30 0.71
C ASP D 262 25.61 -6.83 2.05
N GLN D 271 20.06 -1.54 5.55
CA GLN D 271 18.83 -2.01 4.90
C GLN D 271 17.64 -1.20 5.38
N ALA D 272 16.74 -0.93 4.45
CA ALA D 272 15.54 -0.16 4.74
C ALA D 272 14.33 -1.09 4.69
N GLY D 273 14.34 -2.05 5.61
CA GLY D 273 13.33 -3.09 5.65
C GLY D 273 13.43 -4.16 4.59
N LEU D 274 14.59 -4.33 3.96
CA LEU D 274 14.71 -5.34 2.90
C LEU D 274 15.22 -6.68 3.39
N GLY D 275 15.75 -6.76 4.61
CA GLY D 275 15.95 -8.05 5.22
C GLY D 275 14.64 -8.68 5.62
N HIS D 276 13.74 -7.88 6.19
CA HIS D 276 12.38 -8.34 6.45
C HIS D 276 11.69 -8.75 5.15
N PHE D 277 11.62 -7.84 4.17
CA PHE D 277 11.08 -8.17 2.85
C PHE D 277 11.64 -9.48 2.30
N TYR D 278 12.94 -9.70 2.46
CA TYR D 278 13.51 -10.96 1.99
C TYR D 278 12.85 -12.12 2.70
N HIS D 279 13.03 -12.19 4.01
CA HIS D 279 12.46 -13.23 4.85
C HIS D 279 11.03 -13.57 4.48
N ILE D 280 10.24 -12.55 4.11
CA ILE D 280 8.81 -12.71 3.92
C ILE D 280 8.48 -13.26 2.54
N PHE D 281 9.11 -12.73 1.50
CA PHE D 281 8.78 -13.06 0.12
C PHE D 281 9.68 -14.11 -0.51
N TYR D 282 10.87 -14.32 0.05
CA TYR D 282 11.74 -15.39 -0.39
C TYR D 282 11.68 -16.57 0.57
N GLU D 283 12.09 -16.39 1.82
CA GLU D 283 12.04 -17.49 2.77
C GLU D 283 10.60 -17.98 3.00
N GLY D 284 9.62 -17.11 2.82
CA GLY D 284 8.26 -17.46 3.19
C GLY D 284 8.02 -17.52 4.68
N CYS D 285 8.94 -16.97 5.48
CA CYS D 285 8.93 -17.01 6.94
C CYS D 285 7.59 -16.76 7.62
N LEU D 286 6.53 -16.51 6.87
CA LEU D 286 5.20 -16.35 7.47
C LEU D 286 4.33 -17.56 7.26
N THR D 287 4.80 -18.53 6.46
CA THR D 287 3.99 -19.67 6.08
C THR D 287 4.75 -20.99 6.09
N ASP D 288 6.05 -21.00 6.39
CA ASP D 288 6.77 -22.29 6.40
C ASP D 288 6.50 -23.09 7.67
N HIS D 289 5.27 -23.04 8.18
CA HIS D 289 4.89 -23.71 9.42
C HIS D 289 3.43 -23.41 9.70
N GLU D 290 2.52 -24.32 9.33
CA GLU D 290 1.13 -24.04 9.58
C GLU D 290 0.90 -23.86 11.08
N VAL D 291 -0.30 -23.41 11.44
CA VAL D 291 -0.61 -23.03 12.81
C VAL D 291 -1.95 -23.64 13.18
N GLY D 292 -2.05 -24.16 14.39
CA GLY D 292 -3.24 -24.88 14.78
C GLY D 292 -4.47 -23.98 14.80
N ASP D 293 -5.61 -24.57 14.47
CA ASP D 293 -6.87 -23.84 14.52
C ASP D 293 -7.13 -23.27 15.94
N ASP D 294 -6.68 -23.96 16.98
CA ASP D 294 -6.77 -23.46 18.35
C ASP D 294 -5.89 -22.23 18.54
N GLU D 295 -5.21 -21.78 17.49
CA GLU D 295 -4.24 -20.72 17.68
C GLU D 295 -4.13 -19.83 16.45
N GLU D 296 -5.18 -19.74 15.66
CA GLU D 296 -5.20 -18.97 14.41
C GLU D 296 -6.41 -18.06 14.46
N ALA D 297 -6.16 -16.75 14.50
CA ALA D 297 -7.18 -15.74 14.78
C ALA D 297 -8.49 -16.00 14.07
N SER D 298 -8.43 -16.16 12.75
CA SER D 298 -9.61 -16.43 11.93
C SER D 298 -10.43 -17.60 12.46
N LYS D 299 -9.79 -18.64 12.98
CA LYS D 299 -10.59 -19.74 13.50
C LYS D 299 -11.02 -19.49 14.94
N LEU D 300 -10.17 -18.89 15.77
CA LEU D 300 -10.63 -18.50 17.10
C LEU D 300 -11.82 -17.56 17.03
N TYR D 301 -11.94 -16.80 15.96
CA TYR D 301 -12.88 -15.69 15.88
C TYR D 301 -13.51 -15.70 14.50
N PRO D 302 -14.29 -16.76 14.19
CA PRO D 302 -14.99 -16.80 12.90
C PRO D 302 -16.12 -15.81 12.79
N ASP D 303 -16.45 -15.13 13.90
CA ASP D 303 -17.42 -14.04 13.87
C ASP D 303 -16.92 -12.84 13.05
N VAL D 304 -15.60 -12.64 12.94
CA VAL D 304 -15.01 -11.59 12.13
C VAL D 304 -15.08 -11.98 10.66
N LYS D 305 -15.80 -11.19 9.86
CA LYS D 305 -15.76 -11.33 8.40
C LYS D 305 -14.62 -10.48 7.87
N TYR D 306 -13.40 -11.01 8.02
CA TYR D 306 -12.19 -10.32 7.61
C TYR D 306 -12.29 -9.88 6.16
N THR D 307 -11.37 -9.01 5.75
CA THR D 307 -11.40 -8.38 4.45
C THR D 307 -10.55 -9.18 3.48
N ARG D 308 -11.15 -9.61 2.38
CA ARG D 308 -10.45 -10.41 1.39
C ARG D 308 -9.83 -9.49 0.35
N MET D 309 -8.56 -9.70 0.05
CA MET D 309 -7.79 -8.73 -0.71
C MET D 309 -8.50 -8.21 -1.96
N ASP D 310 -9.52 -8.92 -2.45
CA ASP D 310 -10.33 -8.39 -3.54
C ASP D 310 -11.09 -7.14 -3.11
N GLU D 311 -11.46 -7.07 -1.84
CA GLU D 311 -12.28 -6.01 -1.31
C GLU D 311 -11.44 -4.89 -0.72
N TYR D 312 -10.23 -5.22 -0.26
CA TYR D 312 -9.32 -4.20 0.23
C TYR D 312 -8.82 -3.32 -0.90
N LEU D 313 -8.75 -3.85 -2.12
CA LEU D 313 -8.11 -3.19 -3.25
C LEU D 313 -9.08 -2.42 -4.14
N LYS D 314 -10.39 -2.53 -3.93
CA LYS D 314 -11.30 -1.76 -4.77
C LYS D 314 -11.19 -0.26 -4.47
N ILE D 315 -10.92 0.10 -3.21
CA ILE D 315 -10.70 1.48 -2.81
C ILE D 315 -9.76 2.20 -3.75
N PHE D 316 -8.79 1.50 -4.35
CA PHE D 316 -7.80 2.10 -5.23
C PHE D 316 -8.26 2.25 -6.66
N LEU D 317 -9.44 1.76 -7.00
CA LEU D 317 -9.92 1.89 -8.37
C LEU D 317 -10.39 3.29 -8.68
N GLU E 8 -25.87 19.06 -11.51
CA GLU E 8 -26.36 20.31 -10.91
C GLU E 8 -25.30 20.96 -9.96
N LYS E 9 -24.32 20.20 -9.52
CA LYS E 9 -23.42 20.69 -8.48
C LYS E 9 -22.40 21.69 -9.05
N THR E 10 -21.68 22.34 -8.14
CA THR E 10 -20.42 23.00 -8.46
C THR E 10 -19.30 22.02 -8.11
N ARG E 11 -18.48 21.68 -9.09
CA ARG E 11 -17.32 20.82 -8.87
C ARG E 11 -16.14 21.64 -8.35
N VAL E 12 -15.65 21.29 -7.16
CA VAL E 12 -14.56 21.99 -6.49
C VAL E 12 -13.34 21.09 -6.39
N LEU E 13 -12.16 21.67 -6.59
CA LEU E 13 -10.86 21.05 -6.39
C LEU E 13 -10.18 21.63 -5.15
N VAL E 14 -9.89 20.78 -4.16
CA VAL E 14 -9.25 21.24 -2.93
C VAL E 14 -7.79 20.87 -2.96
N VAL E 15 -6.92 21.87 -2.85
CA VAL E 15 -5.47 21.71 -2.86
C VAL E 15 -4.97 21.82 -1.42
N GLY E 16 -3.97 21.04 -1.08
CA GLY E 16 -3.66 20.86 0.33
C GLY E 16 -4.76 20.08 1.01
N GLY E 17 -5.29 19.07 0.32
CA GLY E 17 -6.40 18.29 0.81
C GLY E 17 -6.13 17.44 2.04
N THR E 18 -4.87 17.10 2.33
CA THR E 18 -4.59 16.23 3.47
C THR E 18 -3.98 16.98 4.65
N GLY E 19 -3.94 18.31 4.62
CA GLY E 19 -3.46 19.10 5.73
C GLY E 19 -4.50 19.32 6.80
N THR E 20 -4.11 20.09 7.82
CA THR E 20 -4.97 20.48 8.92
C THR E 20 -6.32 21.03 8.48
N MET E 21 -6.30 22.19 7.84
CA MET E 21 -7.55 22.80 7.37
C MET E 21 -8.06 22.08 6.14
N GLY E 22 -7.17 21.75 5.21
CA GLY E 22 -7.59 21.10 3.98
C GLY E 22 -8.52 19.94 4.22
N ARG E 23 -8.09 18.99 5.06
CA ARG E 23 -8.89 17.79 5.28
C ARG E 23 -10.29 18.12 5.75
N ARG E 24 -10.44 19.26 6.44
CA ARG E 24 -11.77 19.70 6.82
C ARG E 24 -12.53 20.25 5.63
N ILE E 25 -11.83 20.90 4.70
CA ILE E 25 -12.49 21.61 3.60
C ILE E 25 -13.05 20.63 2.59
N VAL E 26 -12.20 19.72 2.11
CA VAL E 26 -12.65 18.49 1.47
C VAL E 26 -13.92 18.03 2.15
N ARG E 27 -13.82 17.72 3.45
CA ARG E 27 -14.96 17.13 4.14
C ARG E 27 -16.17 18.04 4.04
N ALA E 28 -16.08 19.25 4.58
CA ALA E 28 -17.19 20.20 4.53
C ALA E 28 -17.72 20.36 3.12
N CYS E 29 -16.85 20.38 2.12
CA CYS E 29 -17.33 20.56 0.76
C CYS E 29 -18.31 19.46 0.38
N LEU E 30 -17.99 18.21 0.73
CA LEU E 30 -18.87 17.07 0.44
C LEU E 30 -20.16 17.17 1.22
N ALA E 31 -20.12 17.68 2.44
CA ALA E 31 -21.34 17.88 3.20
C ALA E 31 -22.24 18.91 2.52
N GLU E 32 -21.66 19.93 1.88
CA GLU E 32 -22.46 20.97 1.25
C GLU E 32 -23.18 20.49 0.01
N GLY E 33 -22.90 19.29 -0.45
CA GLY E 33 -23.41 18.82 -1.72
C GLY E 33 -22.48 19.05 -2.89
N HIS E 34 -21.19 19.28 -2.64
CA HIS E 34 -20.27 19.64 -3.70
C HIS E 34 -19.61 18.42 -4.32
N GLU E 35 -19.59 18.41 -5.65
CA GLU E 35 -18.86 17.42 -6.42
C GLU E 35 -17.39 17.67 -6.12
N THR E 36 -16.91 17.09 -5.01
CA THR E 36 -15.58 17.38 -4.47
C THR E 36 -14.47 16.63 -5.19
N TYR E 37 -13.29 17.25 -5.20
CA TYR E 37 -12.13 16.76 -5.94
C TYR E 37 -10.89 17.12 -5.14
N VAL E 38 -9.97 16.16 -5.02
CA VAL E 38 -8.74 16.34 -4.27
C VAL E 38 -7.58 16.03 -5.19
N LEU E 39 -6.45 16.68 -4.95
CA LEU E 39 -5.25 16.54 -5.77
C LEU E 39 -4.32 15.48 -5.18
N GLN E 40 -3.88 14.53 -6.02
CA GLN E 40 -2.95 13.47 -5.61
C GLN E 40 -1.53 13.89 -6.00
N GLN E 41 -0.79 14.36 -5.07
CA GLN E 41 0.49 14.90 -5.48
C GLN E 41 1.53 13.80 -5.55
N PRO E 42 2.41 13.82 -6.58
CA PRO E 42 3.49 12.82 -6.63
C PRO E 42 4.10 12.61 -5.27
N GLU E 43 3.66 11.56 -4.61
CA GLU E 43 4.06 11.31 -3.24
C GLU E 43 5.54 11.56 -3.05
N THR E 44 5.87 12.10 -1.89
CA THR E 44 7.23 12.48 -1.58
C THR E 44 7.92 11.47 -0.70
N ARG E 45 7.23 10.38 -0.35
CA ARG E 45 7.78 9.45 0.62
C ARG E 45 6.85 8.26 0.76
N VAL E 46 7.08 7.45 1.79
CA VAL E 46 6.18 6.36 2.12
C VAL E 46 5.16 6.94 3.08
N ASP E 47 4.34 7.89 2.61
CA ASP E 47 3.54 8.72 3.52
C ASP E 47 2.19 8.08 3.73
N ILE E 48 2.10 7.30 4.82
CA ILE E 48 0.96 6.42 5.07
C ILE E 48 -0.16 7.13 5.82
N GLU E 49 0.14 8.15 6.63
CA GLU E 49 -0.95 8.94 7.20
C GLU E 49 -1.68 9.69 6.11
N LYS E 50 -0.94 10.08 5.09
CA LYS E 50 -1.45 10.97 4.05
C LYS E 50 -2.19 10.19 2.98
N VAL E 51 -1.79 8.93 2.77
CA VAL E 51 -2.40 8.12 1.73
C VAL E 51 -3.73 7.53 2.18
N GLN E 52 -3.89 7.28 3.47
CA GLN E 52 -5.16 6.71 3.88
C GLN E 52 -6.20 7.78 4.08
N LEU E 53 -5.77 8.97 4.49
CA LEU E 53 -6.60 10.17 4.36
C LEU E 53 -7.14 10.30 2.93
N LEU E 54 -6.23 10.50 1.98
CA LEU E 54 -6.62 10.61 0.57
C LEU E 54 -7.73 9.64 0.19
N TYR E 55 -7.55 8.36 0.52
CA TYR E 55 -8.44 7.36 -0.03
C TYR E 55 -9.72 7.24 0.77
N SER E 56 -9.68 7.57 2.06
CA SER E 56 -10.88 7.85 2.85
C SER E 56 -11.79 8.90 2.24
N TYR E 57 -11.28 9.75 1.35
CA TYR E 57 -12.12 10.76 0.72
C TYR E 57 -12.98 10.17 -0.37
N LYS E 58 -12.45 9.17 -1.08
CA LYS E 58 -13.24 8.47 -2.09
C LYS E 58 -14.42 7.72 -1.48
N ARG E 59 -14.34 7.34 -0.21
CA ARG E 59 -15.46 6.62 0.39
C ARG E 59 -16.67 7.49 0.52
N LEU E 60 -16.49 8.81 0.43
CA LEU E 60 -17.49 9.82 0.74
C LEU E 60 -17.92 10.62 -0.49
N GLY E 61 -17.57 10.14 -1.68
CA GLY E 61 -17.86 10.84 -2.92
C GLY E 61 -16.66 11.47 -3.61
N ALA E 62 -15.51 11.57 -2.94
CA ALA E 62 -14.37 12.24 -3.55
C ALA E 62 -13.83 11.48 -4.75
N ARG E 63 -13.39 12.24 -5.75
CA ARG E 63 -12.52 11.74 -6.81
C ARG E 63 -11.16 12.37 -6.65
N LEU E 64 -10.15 11.74 -7.26
CA LEU E 64 -8.76 12.10 -7.04
C LEU E 64 -8.12 12.42 -8.39
N ILE E 65 -7.53 13.60 -8.48
CA ILE E 65 -6.77 14.01 -9.65
C ILE E 65 -5.30 13.99 -9.25
N GLU E 66 -4.48 13.48 -10.14
CA GLU E 66 -3.05 13.37 -9.90
C GLU E 66 -2.36 14.47 -10.67
N ALA E 67 -1.55 15.25 -9.96
CA ALA E 67 -0.79 16.27 -10.63
C ALA E 67 0.30 16.73 -9.70
N SER E 68 1.25 17.44 -10.28
CA SER E 68 2.42 17.90 -9.57
C SER E 68 2.65 19.34 -9.96
N PHE E 69 2.96 20.16 -8.96
CA PHE E 69 3.37 21.51 -9.23
C PHE E 69 4.64 21.57 -10.08
N SER E 70 5.32 20.44 -10.25
CA SER E 70 6.49 20.36 -11.12
C SER E 70 6.12 19.96 -12.53
N ASP E 71 4.84 19.75 -12.78
CA ASP E 71 4.35 19.35 -14.09
C ASP E 71 3.22 20.31 -14.41
N HIS E 72 3.61 21.45 -15.01
CA HIS E 72 2.70 22.58 -15.18
C HIS E 72 1.45 22.19 -15.93
N GLN E 73 1.61 21.49 -17.06
CA GLN E 73 0.45 21.12 -17.86
C GLN E 73 -0.50 20.21 -17.11
N SER E 74 -0.01 19.55 -16.05
CA SER E 74 -0.85 18.64 -15.28
C SER E 74 -1.73 19.41 -14.32
N LEU E 75 -1.20 20.48 -13.74
CA LEU E 75 -2.05 21.40 -12.99
C LEU E 75 -3.18 21.95 -13.87
N VAL E 76 -2.88 22.25 -15.14
CA VAL E 76 -3.95 22.70 -16.03
C VAL E 76 -4.97 21.60 -16.22
N SER E 77 -4.52 20.37 -16.47
CA SER E 77 -5.48 19.28 -16.63
C SER E 77 -6.30 19.09 -15.37
N ALA E 78 -5.64 19.19 -14.21
CA ALA E 78 -6.35 19.17 -12.95
C ALA E 78 -7.47 20.20 -12.94
N VAL E 79 -7.15 21.47 -13.12
CA VAL E 79 -8.17 22.48 -12.93
C VAL E 79 -9.18 22.50 -14.07
N LYS E 80 -8.81 22.03 -15.27
CA LYS E 80 -9.79 21.97 -16.34
C LYS E 80 -10.93 21.02 -16.06
N GLN E 81 -10.86 20.24 -14.98
CA GLN E 81 -11.89 19.27 -14.65
C GLN E 81 -12.86 19.78 -13.58
N VAL E 82 -12.59 20.93 -12.97
CA VAL E 82 -13.43 21.45 -11.90
C VAL E 82 -13.80 22.91 -12.21
N ASP E 83 -14.65 23.46 -11.34
CA ASP E 83 -15.21 24.80 -11.52
C ASP E 83 -14.65 25.81 -10.54
N ILE E 84 -14.29 25.35 -9.36
CA ILE E 84 -13.81 26.20 -8.26
C ILE E 84 -12.64 25.47 -7.63
N VAL E 85 -11.59 26.21 -7.26
CA VAL E 85 -10.43 25.64 -6.58
C VAL E 85 -10.29 26.32 -5.24
N VAL E 86 -10.20 25.52 -4.18
CA VAL E 86 -9.94 26.02 -2.83
C VAL E 86 -8.55 25.51 -2.42
N ALA E 87 -7.66 26.42 -2.05
CA ALA E 87 -6.33 26.05 -1.62
C ALA E 87 -6.23 26.18 -0.11
N ALA E 88 -5.34 25.39 0.49
CA ALA E 88 -5.09 25.45 1.93
C ALA E 88 -3.77 24.81 2.33
N MET E 89 -2.63 25.38 1.93
CA MET E 89 -1.33 24.78 2.14
C MET E 89 -0.73 25.21 3.49
N SER E 90 0.51 24.83 3.74
CA SER E 90 1.15 25.19 5.01
C SER E 90 1.37 26.70 5.07
N GLY E 91 1.33 27.23 6.29
CA GLY E 91 1.76 28.60 6.56
C GLY E 91 3.00 29.05 5.80
N SER E 96 7.86 32.03 3.20
CA SER E 96 7.75 30.59 2.97
C SER E 96 7.39 30.29 1.52
N HIS E 97 8.19 29.41 0.88
CA HIS E 97 7.88 29.02 -0.50
C HIS E 97 6.66 28.12 -0.59
N SER E 98 6.20 27.56 0.54
CA SER E 98 5.03 26.70 0.50
C SER E 98 3.83 27.44 -0.04
N ILE E 99 3.56 28.63 0.50
CA ILE E 99 2.39 29.38 0.05
C ILE E 99 2.53 29.81 -1.40
N LEU E 100 3.75 30.05 -1.88
CA LEU E 100 3.90 30.58 -3.22
C LEU E 100 3.68 29.53 -4.31
N VAL E 101 3.79 28.23 -3.97
CA VAL E 101 3.46 27.21 -4.95
C VAL E 101 2.06 27.45 -5.45
N GLN E 102 1.23 28.10 -4.64
CA GLN E 102 -0.01 28.68 -5.15
C GLN E 102 0.21 29.49 -6.42
N LEU E 103 1.40 30.05 -6.62
CA LEU E 103 1.58 30.90 -7.78
C LEU E 103 1.57 30.11 -9.08
N LYS E 104 2.08 28.88 -9.09
CA LYS E 104 1.90 28.04 -10.27
C LYS E 104 0.43 27.69 -10.48
N LEU E 105 -0.35 27.56 -9.40
CA LEU E 105 -1.77 27.28 -9.55
C LEU E 105 -2.49 28.43 -10.24
N VAL E 106 -2.28 29.67 -9.75
CA VAL E 106 -2.75 30.87 -10.48
C VAL E 106 -2.36 30.76 -11.94
N GLU E 107 -1.10 30.39 -12.21
CA GLU E 107 -0.60 30.23 -13.58
C GLU E 107 -1.43 29.23 -14.39
N ALA E 108 -1.82 28.10 -13.80
CA ALA E 108 -2.56 27.09 -14.55
C ALA E 108 -4.02 27.47 -14.69
N ILE E 109 -4.63 27.94 -13.60
CA ILE E 109 -6.02 28.39 -13.64
C ILE E 109 -6.21 29.46 -14.69
N LYS E 110 -5.23 30.35 -14.83
CA LYS E 110 -5.38 31.41 -15.81
C LYS E 110 -5.30 30.83 -17.21
N GLU E 111 -4.36 29.91 -17.43
CA GLU E 111 -4.30 29.16 -18.69
C GLU E 111 -5.64 28.52 -19.04
N ALA E 112 -6.23 27.80 -18.08
CA ALA E 112 -7.51 27.13 -18.37
C ALA E 112 -8.65 28.13 -18.45
N GLY E 113 -8.73 29.03 -17.48
CA GLY E 113 -9.81 29.99 -17.51
C GLY E 113 -11.18 29.35 -17.57
N ASN E 114 -11.32 28.14 -17.05
CA ASN E 114 -12.66 27.63 -16.79
C ASN E 114 -13.07 27.90 -15.36
N ILE E 115 -12.16 28.39 -14.54
CA ILE E 115 -12.40 28.53 -13.11
C ILE E 115 -13.34 29.70 -12.86
N LYS E 116 -14.50 29.41 -12.24
CA LYS E 116 -15.43 30.46 -11.87
C LYS E 116 -15.01 31.16 -10.59
N ARG E 117 -14.29 30.47 -9.71
CA ARG E 117 -13.76 31.12 -8.53
C ARG E 117 -12.63 30.30 -7.93
N PHE E 118 -11.63 31.00 -7.42
CA PHE E 118 -10.48 30.43 -6.74
C PHE E 118 -10.35 31.05 -5.37
N LEU E 119 -10.07 30.22 -4.38
CA LEU E 119 -10.00 30.62 -2.98
C LEU E 119 -8.59 30.42 -2.48
N PRO E 120 -7.73 31.44 -2.56
CA PRO E 120 -6.38 31.33 -2.02
C PRO E 120 -6.42 30.83 -0.59
N SER E 121 -5.24 30.49 -0.07
CA SER E 121 -5.11 30.01 1.29
C SER E 121 -4.80 31.20 2.17
N GLU E 122 -5.75 31.57 3.00
CA GLU E 122 -5.59 32.71 3.88
C GLU E 122 -5.94 32.27 5.30
N PHE E 123 -7.23 32.07 5.56
CA PHE E 123 -7.72 31.52 6.83
C PHE E 123 -6.93 32.04 8.01
N GLY E 124 -7.02 33.35 8.24
CA GLY E 124 -6.34 33.97 9.36
C GLY E 124 -6.01 35.45 9.09
N MET E 125 -4.86 35.86 9.61
CA MET E 125 -4.44 37.24 9.51
C MET E 125 -4.58 37.74 8.08
N ASP E 126 -5.47 38.70 7.88
CA ASP E 126 -5.61 39.42 6.62
C ASP E 126 -4.25 40.03 6.24
N PRO E 127 -3.65 39.64 5.10
CA PRO E 127 -2.31 40.16 4.77
C PRO E 127 -2.34 41.57 4.21
N SER E 128 -3.46 42.01 3.64
CA SER E 128 -3.60 43.35 3.08
C SER E 128 -3.44 44.42 4.14
N ARG E 129 -3.47 44.04 5.42
CA ARG E 129 -3.12 44.93 6.52
C ARG E 129 -1.62 45.19 6.53
N MET E 130 -1.04 45.44 7.71
CA MET E 130 0.40 45.67 7.82
C MET E 130 0.89 45.67 9.26
N GLY E 131 0.13 46.27 10.15
CA GLY E 131 0.62 46.56 11.49
C GLY E 131 1.65 47.68 11.40
N ASP E 142 3.16 40.01 3.92
CA ASP E 142 2.77 38.63 3.81
C ASP E 142 2.85 38.20 2.36
N GLN E 143 3.28 36.95 2.10
CA GLN E 143 3.32 36.48 0.74
C GLN E 143 1.97 35.96 0.26
N LYS E 144 0.98 35.91 1.13
CA LYS E 144 -0.39 35.73 0.65
C LYS E 144 -0.78 36.89 -0.23
N LEU E 145 -0.38 38.10 0.17
CA LEU E 145 -0.62 39.28 -0.66
C LEU E 145 0.04 39.14 -2.02
N GLU E 146 1.20 38.49 -2.07
CA GLU E 146 1.84 38.32 -3.36
C GLU E 146 0.99 37.44 -4.27
N VAL E 147 0.13 36.61 -3.68
CA VAL E 147 -0.77 35.73 -4.42
C VAL E 147 -2.05 36.44 -4.79
N ARG E 148 -2.60 37.21 -3.85
CA ARG E 148 -3.65 38.17 -4.17
C ARG E 148 -3.27 39.00 -5.39
N ASN E 149 -2.03 39.47 -5.48
CA ASN E 149 -1.68 40.32 -6.60
C ASN E 149 -1.60 39.54 -7.90
N ALA E 150 -1.46 38.21 -7.84
CA ALA E 150 -1.51 37.41 -9.06
C ALA E 150 -2.91 36.95 -9.42
N ILE E 151 -3.75 36.65 -8.43
CA ILE E 151 -5.16 36.40 -8.71
C ILE E 151 -5.76 37.59 -9.44
N GLU E 152 -5.67 38.77 -8.81
CA GLU E 152 -6.24 39.99 -9.35
C GLU E 152 -5.55 40.43 -10.64
N ALA E 153 -4.23 40.29 -10.71
CA ALA E 153 -3.52 40.51 -11.97
C ALA E 153 -4.06 39.61 -13.08
N ALA E 154 -4.36 38.35 -12.77
CA ALA E 154 -4.81 37.38 -13.77
C ALA E 154 -6.31 37.38 -13.97
N GLY E 155 -7.06 38.15 -13.19
CA GLY E 155 -8.47 38.34 -13.42
C GLY E 155 -9.37 37.25 -12.88
N ILE E 156 -8.85 36.37 -12.04
CA ILE E 156 -9.61 35.22 -11.59
C ILE E 156 -10.52 35.61 -10.44
N PRO E 157 -11.84 35.51 -10.61
CA PRO E 157 -12.77 35.79 -9.52
C PRO E 157 -12.31 35.14 -8.22
N HIS E 158 -12.79 35.59 -7.07
CA HIS E 158 -12.17 35.05 -5.89
C HIS E 158 -12.94 35.45 -4.65
N THR E 159 -12.78 34.66 -3.59
CA THR E 159 -13.21 35.01 -2.25
C THR E 159 -12.00 34.90 -1.33
N TYR E 160 -11.93 35.81 -0.36
CA TYR E 160 -10.85 35.82 0.61
C TYR E 160 -11.48 35.57 1.97
N VAL E 161 -11.15 34.43 2.56
CA VAL E 161 -11.61 34.10 3.90
C VAL E 161 -10.46 34.37 4.85
N VAL E 162 -10.72 35.19 5.88
CA VAL E 162 -9.69 35.67 6.77
C VAL E 162 -10.32 35.99 8.12
N GLY E 163 -9.47 36.43 9.06
CA GLY E 163 -9.93 37.14 10.24
C GLY E 163 -10.11 36.31 11.48
N ALA E 164 -9.82 35.02 11.41
CA ALA E 164 -10.09 34.11 12.50
C ALA E 164 -8.80 33.50 12.99
N CYS E 165 -8.80 33.11 14.24
CA CYS E 165 -7.73 32.30 14.83
C CYS E 165 -8.20 30.86 14.91
N PHE E 166 -7.32 29.93 14.51
CA PHE E 166 -7.63 28.50 14.57
C PHE E 166 -7.75 28.08 16.02
N ALA E 167 -8.88 27.48 16.40
CA ALA E 167 -9.14 27.21 17.80
C ALA E 167 -8.10 26.26 18.40
N ALA E 168 -7.64 25.26 17.63
CA ALA E 168 -6.67 24.30 18.16
C ALA E 168 -5.34 24.96 18.52
N TYR E 169 -4.98 26.02 17.81
CA TYR E 169 -3.68 26.64 18.03
C TYR E 169 -3.69 27.75 19.07
N PHE E 170 -4.84 28.37 19.36
CA PHE E 170 -4.90 29.59 20.16
C PHE E 170 -5.82 29.51 21.36
N ALA E 171 -6.96 28.84 21.23
CA ALA E 171 -7.83 28.67 22.38
C ALA E 171 -7.40 27.47 23.22
N GLY E 172 -7.26 26.31 22.58
CA GLY E 172 -7.01 25.08 23.29
C GLY E 172 -5.86 25.17 24.26
N ASN E 173 -4.83 25.91 23.90
CA ASN E 173 -3.71 26.15 24.80
C ASN E 173 -3.85 27.45 25.58
N LEU E 174 -5.03 28.07 25.56
CA LEU E 174 -5.20 29.36 26.21
C LEU E 174 -4.22 30.37 25.64
N SER E 175 -3.92 30.24 24.36
CA SER E 175 -2.96 31.09 23.66
C SER E 175 -1.55 30.93 24.18
N GLN E 176 -1.30 29.90 24.97
CA GLN E 176 0.05 29.60 25.41
C GLN E 176 0.86 29.05 24.24
N MET E 177 2.17 29.27 24.27
CA MET E 177 3.00 28.83 23.17
C MET E 177 3.60 27.45 23.48
N GLY E 178 4.07 26.79 22.41
CA GLY E 178 4.72 25.48 22.52
C GLY E 178 3.90 24.41 23.23
N THR E 179 2.63 24.28 22.87
CA THR E 179 1.69 23.37 23.52
C THR E 179 0.32 23.58 22.88
N LEU E 180 -0.50 22.53 22.92
CA LEU E 180 -1.83 22.52 22.31
C LEU E 180 -2.91 22.08 23.29
N ILE E 181 -2.66 22.17 24.60
CA ILE E 181 -3.67 21.79 25.57
C ILE E 181 -3.58 22.65 26.82
N PRO E 182 -4.68 22.78 27.56
CA PRO E 182 -4.70 23.54 28.79
C PRO E 182 -3.43 23.38 29.62
N PRO E 183 -2.91 24.47 30.17
CA PRO E 183 -1.90 24.36 31.22
C PRO E 183 -2.56 23.99 32.54
N LYS E 184 -1.78 23.38 33.43
CA LYS E 184 -2.37 22.92 34.67
C LYS E 184 -2.23 23.92 35.81
N LYS E 185 -1.20 24.76 35.78
CA LYS E 185 -0.89 25.66 36.88
C LYS E 185 -0.81 27.13 36.46
N LYS E 186 -0.12 27.42 35.37
CA LYS E 186 0.51 28.73 35.15
C LYS E 186 0.22 29.23 33.74
N VAL E 187 -0.67 30.21 33.61
CA VAL E 187 -1.00 30.80 32.30
C VAL E 187 -0.16 32.05 32.05
N ASN E 188 -0.07 32.44 30.78
CA ASN E 188 0.67 33.61 30.32
C ASN E 188 -0.31 34.62 29.72
N ILE E 189 -0.41 35.81 30.31
CA ILE E 189 -1.31 36.84 29.81
C ILE E 189 -0.48 37.93 29.13
N TYR E 190 -0.81 38.21 27.88
CA TYR E 190 -0.07 39.15 27.06
C TYR E 190 -0.69 40.53 27.24
N GLY E 191 0.13 41.51 27.58
CA GLY E 191 -0.44 42.71 28.16
C GLY E 191 -1.19 42.29 29.40
N ASP E 192 -2.42 42.79 29.54
CA ASP E 192 -3.35 42.23 30.50
C ASP E 192 -4.35 41.29 29.84
N GLY E 193 -4.04 40.83 28.64
CA GLY E 193 -4.94 40.02 27.85
C GLY E 193 -6.31 40.63 27.61
N ASN E 194 -6.42 41.96 27.60
CA ASN E 194 -7.73 42.60 27.46
C ASN E 194 -8.02 43.11 26.06
N VAL E 195 -7.18 42.79 25.08
CA VAL E 195 -7.55 42.90 23.68
C VAL E 195 -8.38 41.68 23.27
N LYS E 196 -9.30 41.88 22.33
CA LYS E 196 -10.22 40.82 21.91
C LYS E 196 -9.71 40.14 20.63
N VAL E 197 -9.83 38.81 20.61
CA VAL E 197 -9.40 37.94 19.52
C VAL E 197 -10.60 37.12 19.06
N VAL E 198 -10.50 36.51 17.88
CA VAL E 198 -11.60 35.72 17.33
C VAL E 198 -11.19 34.25 17.28
N TYR E 199 -11.68 33.45 18.22
CA TYR E 199 -11.35 32.03 18.31
C TYR E 199 -12.38 31.19 17.56
N VAL E 200 -11.93 30.40 16.59
CA VAL E 200 -12.86 29.64 15.76
C VAL E 200 -12.45 28.17 15.67
N ASP E 201 -13.43 27.27 15.73
CA ASP E 201 -13.22 25.86 15.37
C ASP E 201 -12.92 25.78 13.88
N GLU E 202 -11.74 25.23 13.56
CA GLU E 202 -11.33 25.05 12.17
C GLU E 202 -12.47 24.50 11.33
N ASP E 203 -13.33 23.68 11.95
CA ASP E 203 -14.47 23.07 11.26
C ASP E 203 -15.44 24.13 10.76
N ASP E 204 -15.89 25.01 11.65
CA ASP E 204 -16.72 26.16 11.28
C ASP E 204 -16.06 26.99 10.16
N ILE E 205 -14.76 27.25 10.27
CA ILE E 205 -14.03 27.95 9.20
C ILE E 205 -14.24 27.25 7.86
N ALA E 206 -14.14 25.90 7.85
CA ALA E 206 -14.30 25.15 6.61
C ALA E 206 -15.74 25.15 6.13
N GLU E 207 -16.72 25.02 7.03
CA GLU E 207 -18.11 25.06 6.60
C GLU E 207 -18.49 26.45 6.07
N TYR E 208 -18.02 27.52 6.72
CA TYR E 208 -18.16 28.85 6.13
C TYR E 208 -17.49 28.90 4.77
N THR E 209 -16.25 28.44 4.70
CA THR E 209 -15.56 28.31 3.42
C THR E 209 -16.34 27.49 2.41
N ALA E 210 -17.12 26.50 2.85
CA ALA E 210 -17.82 25.66 1.86
C ALA E 210 -19.16 26.26 1.45
N LYS E 211 -19.83 26.97 2.37
CA LYS E 211 -21.00 27.76 1.97
C LYS E 211 -20.67 28.93 1.04
N THR E 212 -19.46 29.48 1.08
CA THR E 212 -19.19 30.73 0.39
C THR E 212 -18.44 30.58 -0.93
N LEU E 213 -17.96 29.39 -1.28
CA LEU E 213 -17.17 29.30 -2.50
C LEU E 213 -17.99 29.50 -3.75
N ASP E 214 -19.33 29.47 -3.63
CA ASP E 214 -20.21 29.69 -4.77
C ASP E 214 -21.34 30.67 -4.48
N ASP E 215 -21.38 31.27 -3.31
CA ASP E 215 -22.40 32.26 -2.99
C ASP E 215 -22.22 33.51 -3.86
N PRO E 216 -23.26 33.98 -4.53
CA PRO E 216 -23.10 35.20 -5.34
C PRO E 216 -22.72 36.42 -4.52
N ARG E 217 -23.16 36.50 -3.27
CA ARG E 217 -22.92 37.64 -2.41
C ARG E 217 -21.48 37.81 -1.96
N THR E 218 -20.54 37.02 -2.49
CA THR E 218 -19.17 37.14 -2.00
C THR E 218 -18.12 36.96 -3.09
N ILE E 219 -18.51 36.80 -4.36
CA ILE E 219 -17.50 36.77 -5.39
C ILE E 219 -16.74 38.10 -5.37
N ASN E 220 -15.43 38.01 -5.63
CA ASN E 220 -14.48 39.11 -5.59
C ASN E 220 -14.50 39.88 -4.27
N LYS E 221 -15.18 39.36 -3.27
CA LYS E 221 -15.25 39.99 -1.97
C LYS E 221 -14.27 39.35 -0.99
N THR E 222 -14.39 39.75 0.26
CA THR E 222 -13.49 39.36 1.34
C THR E 222 -14.37 38.99 2.52
N VAL E 223 -14.41 37.70 2.84
CA VAL E 223 -15.31 37.20 3.86
C VAL E 223 -14.56 37.18 5.17
N TYR E 224 -15.18 37.68 6.22
CA TYR E 224 -14.61 37.70 7.56
C TYR E 224 -15.32 36.65 8.40
N VAL E 225 -14.55 35.93 9.19
CA VAL E 225 -15.12 34.90 10.03
C VAL E 225 -14.96 35.35 11.47
N ARG E 226 -16.00 35.97 11.99
CA ARG E 226 -16.02 36.50 13.35
C ARG E 226 -17.34 36.11 13.99
N PRO E 227 -17.47 34.86 14.43
CA PRO E 227 -18.66 34.53 15.22
C PRO E 227 -18.73 35.50 16.38
N THR E 228 -19.90 36.13 16.51
CA THR E 228 -20.17 37.14 17.53
C THR E 228 -19.66 36.74 18.89
N GLU E 229 -20.36 35.81 19.55
CA GLU E 229 -20.02 35.38 20.90
C GLU E 229 -18.64 34.76 21.00
N ASN E 230 -17.97 34.50 19.88
CA ASN E 230 -16.62 33.96 19.86
C ASN E 230 -15.56 35.02 19.77
N VAL E 231 -15.94 36.28 19.90
CA VAL E 231 -14.97 37.38 19.94
C VAL E 231 -14.66 37.64 21.40
N LEU E 232 -13.45 37.31 21.81
CA LEU E 232 -13.09 37.26 23.22
C LEU E 232 -11.64 37.70 23.40
N THR E 233 -11.38 38.36 24.52
CA THR E 233 -10.01 38.65 24.91
C THR E 233 -9.40 37.40 25.49
N GLN E 234 -8.07 37.37 25.54
CA GLN E 234 -7.39 36.25 26.17
C GLN E 234 -8.04 35.91 27.51
N MET E 235 -8.16 36.90 28.39
CA MET E 235 -8.59 36.65 29.76
C MET E 235 -10.05 36.30 29.86
N GLU E 236 -10.85 36.57 28.83
CA GLU E 236 -12.21 36.03 28.80
C GLU E 236 -12.18 34.55 28.43
N LEU E 237 -11.27 34.15 27.53
CA LEU E 237 -11.11 32.76 27.16
C LEU E 237 -10.55 31.93 28.33
N VAL E 238 -9.56 32.48 29.04
CA VAL E 238 -9.03 31.86 30.24
C VAL E 238 -10.05 31.83 31.35
N GLN E 239 -10.88 32.88 31.44
CA GLN E 239 -11.94 32.86 32.44
C GLN E 239 -12.95 31.77 32.14
N ILE E 240 -13.23 31.51 30.87
CA ILE E 240 -14.17 30.47 30.47
C ILE E 240 -13.64 29.10 30.90
N TRP E 241 -12.32 28.94 30.90
CA TRP E 241 -11.70 27.71 31.34
C TRP E 241 -11.74 27.58 32.86
N GLU E 242 -11.38 28.63 33.59
CA GLU E 242 -11.37 28.49 35.04
C GLU E 242 -12.76 28.18 35.59
N LYS E 243 -13.81 28.59 34.91
CA LYS E 243 -15.10 28.28 35.48
C LYS E 243 -15.61 26.95 34.97
N LEU E 244 -15.06 26.48 33.86
CA LEU E 244 -15.18 25.06 33.50
C LEU E 244 -14.56 24.18 34.56
N THR E 245 -13.28 24.40 34.84
CA THR E 245 -12.55 23.56 35.78
C THR E 245 -12.86 23.89 37.24
N GLY E 246 -12.92 25.19 37.57
CA GLY E 246 -13.03 25.61 38.95
C GLY E 246 -11.72 25.95 39.60
N LYS E 247 -10.66 26.15 38.82
CA LYS E 247 -9.32 26.36 39.32
C LYS E 247 -8.79 27.68 38.80
N GLU E 248 -8.10 28.41 39.67
CA GLU E 248 -7.58 29.72 39.34
C GLU E 248 -6.11 29.55 38.98
N LEU E 249 -5.79 29.73 37.71
CA LEU E 249 -4.41 29.60 37.27
C LEU E 249 -3.59 30.80 37.75
N GLU E 250 -2.27 30.61 37.78
CA GLU E 250 -1.35 31.64 38.21
C GLU E 250 -0.92 32.45 36.98
N LYS E 251 -1.48 33.65 36.84
CA LYS E 251 -1.41 34.43 35.62
C LYS E 251 -0.26 35.43 35.68
N THR E 252 0.44 35.56 34.56
CA THR E 252 1.58 36.44 34.41
C THR E 252 1.36 37.29 33.19
N ASN E 253 1.56 38.61 33.33
CA ASN E 253 1.39 39.53 32.22
C ASN E 253 2.74 39.72 31.54
N ILE E 254 2.74 39.61 30.22
CA ILE E 254 3.95 39.81 29.44
C ILE E 254 3.75 41.07 28.61
N SER E 255 4.22 42.20 29.14
CA SER E 255 4.17 43.46 28.43
C SER E 255 4.84 43.34 27.06
N ALA E 256 4.39 44.17 26.12
CA ALA E 256 4.87 44.04 24.76
C ALA E 256 6.39 44.00 24.70
N ASN E 257 7.06 44.89 25.43
CA ASN E 257 8.52 44.99 25.34
C ASN E 257 9.15 43.64 25.65
N ASP E 258 8.99 43.15 26.87
CA ASP E 258 9.58 41.84 27.19
C ASP E 258 9.17 40.82 26.15
N PHE E 259 7.91 40.85 25.71
CA PHE E 259 7.46 39.89 24.72
C PHE E 259 8.20 40.04 23.40
N LEU E 260 8.72 41.23 23.11
CA LEU E 260 9.39 41.48 21.84
C LEU E 260 10.79 40.88 21.85
N ALA E 261 11.05 39.96 20.93
CA ALA E 261 12.42 39.60 20.60
C ALA E 261 13.05 40.71 19.78
N ASP E 262 14.32 40.97 20.03
CA ASP E 262 15.01 42.10 19.39
C ASP E 262 15.62 41.67 18.07
N GLN E 271 12.73 31.70 18.13
CA GLN E 271 11.49 31.17 18.68
C GLN E 271 10.57 30.60 17.58
N ALA E 272 9.25 30.74 17.71
CA ALA E 272 8.32 30.12 16.76
C ALA E 272 6.98 30.85 16.77
N GLY E 273 6.80 31.78 15.82
CA GLY E 273 5.54 32.45 15.58
C GLY E 273 5.46 33.91 15.99
N LEU E 274 6.32 34.37 16.90
CA LEU E 274 6.06 35.59 17.68
C LEU E 274 5.45 36.71 16.85
N GLY E 275 6.03 36.97 15.68
CA GLY E 275 5.53 38.00 14.79
C GLY E 275 4.06 37.88 14.43
N HIS E 276 3.49 36.68 14.50
CA HIS E 276 2.05 36.59 14.35
C HIS E 276 1.36 36.89 15.67
N PHE E 277 1.82 36.26 16.75
CA PHE E 277 1.23 36.47 18.06
C PHE E 277 1.07 37.96 18.36
N TYR E 278 2.19 38.69 18.33
CA TYR E 278 2.19 40.10 18.74
C TYR E 278 1.15 40.92 17.99
N HIS E 279 1.03 40.68 16.68
CA HIS E 279 0.02 41.36 15.89
C HIS E 279 -1.40 41.01 16.33
N ILE E 280 -1.61 39.87 16.98
CA ILE E 280 -2.97 39.45 17.35
C ILE E 280 -3.33 39.91 18.75
N PHE E 281 -2.45 39.68 19.72
CA PHE E 281 -2.84 39.76 21.13
C PHE E 281 -2.44 41.05 21.82
N TYR E 282 -1.57 41.85 21.20
CA TYR E 282 -1.23 43.19 21.68
C TYR E 282 -1.86 44.28 20.86
N GLU E 283 -1.87 44.16 19.54
CA GLU E 283 -2.39 45.18 18.66
C GLU E 283 -3.88 45.07 18.43
N GLY E 284 -4.41 43.86 18.38
CA GLY E 284 -5.82 43.69 18.09
C GLY E 284 -6.18 43.68 16.62
N CYS E 285 -5.27 43.24 15.75
CA CYS E 285 -5.48 43.33 14.30
C CYS E 285 -6.62 42.47 13.75
N LEU E 286 -7.40 41.75 14.57
CA LEU E 286 -8.54 40.99 14.06
C LEU E 286 -9.87 41.55 14.49
N THR E 287 -9.90 42.34 15.56
CA THR E 287 -11.14 42.89 16.07
C THR E 287 -11.19 44.41 15.98
N ASP E 288 -10.19 45.07 15.39
CA ASP E 288 -10.15 46.52 15.44
C ASP E 288 -11.05 47.17 14.39
N HIS E 289 -11.20 46.54 13.23
CA HIS E 289 -12.05 47.05 12.15
C HIS E 289 -13.40 46.34 12.19
N GLU E 290 -14.43 47.07 12.59
CA GLU E 290 -15.78 46.54 12.49
C GLU E 290 -16.08 46.12 11.06
N VAL E 291 -16.89 45.07 10.95
CA VAL E 291 -17.30 44.43 9.71
C VAL E 291 -18.81 44.35 9.66
N GLY E 292 -19.37 44.56 8.49
CA GLY E 292 -20.80 44.50 8.35
C GLY E 292 -21.30 43.07 8.35
N ASP E 293 -22.63 42.97 8.42
CA ASP E 293 -23.35 41.74 8.20
C ASP E 293 -23.33 41.31 6.74
N ASP E 294 -22.84 42.14 5.82
CA ASP E 294 -22.73 41.72 4.43
C ASP E 294 -21.41 41.04 4.11
N GLU E 295 -20.65 40.64 5.13
CA GLU E 295 -19.31 40.10 4.88
C GLU E 295 -18.77 39.31 6.06
N GLU E 296 -19.63 38.98 7.02
CA GLU E 296 -19.25 38.20 8.19
C GLU E 296 -19.93 36.84 8.11
N ALA E 297 -19.16 35.79 8.37
CA ALA E 297 -19.65 34.43 8.11
C ALA E 297 -20.92 34.14 8.91
N SER E 298 -20.84 34.19 10.25
CA SER E 298 -22.00 33.84 11.05
C SER E 298 -23.23 34.59 10.59
N LYS E 299 -23.07 35.87 10.17
CA LYS E 299 -24.18 36.67 9.64
C LYS E 299 -24.54 36.27 8.22
N LEU E 300 -23.56 36.13 7.34
CA LEU E 300 -23.82 35.63 5.99
C LEU E 300 -24.43 34.24 5.99
N TYR E 301 -24.08 33.41 6.99
CA TYR E 301 -24.50 32.01 7.04
C TYR E 301 -24.94 31.67 8.45
N PRO E 302 -26.07 32.24 8.88
CA PRO E 302 -26.55 32.01 10.25
C PRO E 302 -26.93 30.57 10.55
N ASP E 303 -27.05 29.70 9.54
CA ASP E 303 -27.42 28.32 9.81
C ASP E 303 -26.25 27.49 10.33
N VAL E 304 -25.02 27.97 10.22
CA VAL E 304 -23.88 27.32 10.84
C VAL E 304 -23.98 27.50 12.34
N LYS E 305 -24.17 26.42 13.09
CA LYS E 305 -24.24 26.54 14.54
C LYS E 305 -22.84 26.36 15.12
N TYR E 306 -22.00 27.37 14.87
CA TYR E 306 -20.59 27.29 15.23
C TYR E 306 -20.44 26.98 16.72
N THR E 307 -19.22 26.64 17.12
CA THR E 307 -18.93 26.14 18.46
C THR E 307 -18.45 27.31 19.31
N ARG E 308 -19.10 27.52 20.45
CA ARG E 308 -18.55 28.49 21.37
C ARG E 308 -17.38 27.84 22.10
N MET E 309 -16.46 28.67 22.60
CA MET E 309 -15.28 28.11 23.26
C MET E 309 -15.62 27.40 24.55
N ASP E 310 -16.76 27.72 25.17
CA ASP E 310 -17.13 27.00 26.38
C ASP E 310 -17.48 25.55 26.04
N GLU E 311 -18.09 25.32 24.89
CA GLU E 311 -18.30 23.97 24.39
C GLU E 311 -17.00 23.38 23.86
N TYR E 312 -16.35 24.09 22.94
CA TYR E 312 -15.07 23.64 22.41
C TYR E 312 -14.20 23.07 23.52
N LEU E 313 -14.03 23.83 24.59
CA LEU E 313 -13.03 23.50 25.60
C LEU E 313 -13.44 22.37 26.53
N LYS E 314 -14.64 21.80 26.39
CA LYS E 314 -15.02 20.76 27.33
C LYS E 314 -14.22 19.47 27.09
N ILE E 315 -13.79 19.26 25.85
CA ILE E 315 -13.08 18.05 25.48
C ILE E 315 -11.85 17.84 26.36
N PHE E 316 -11.27 18.92 26.90
CA PHE E 316 -10.05 18.86 27.71
C PHE E 316 -10.32 18.69 29.20
N LEU E 317 -11.57 18.75 29.64
CA LEU E 317 -11.83 18.70 31.08
C LEU E 317 -11.63 17.26 31.63
N GLU F 8 61.31 -8.53 -25.70
CA GLU F 8 60.67 -8.74 -27.00
C GLU F 8 59.14 -8.49 -26.91
N LYS F 9 58.36 -9.56 -26.83
CA LYS F 9 56.94 -9.39 -26.62
C LYS F 9 56.71 -8.67 -25.28
N THR F 10 55.50 -8.18 -25.09
CA THR F 10 55.09 -7.67 -23.79
C THR F 10 54.28 -8.75 -23.10
N ARG F 11 54.50 -8.92 -21.81
CA ARG F 11 53.89 -10.01 -21.05
C ARG F 11 52.68 -9.50 -20.29
N VAL F 12 51.51 -9.69 -20.84
CA VAL F 12 50.26 -9.33 -20.18
C VAL F 12 49.82 -10.41 -19.20
N LEU F 13 49.08 -10.01 -18.17
CA LEU F 13 48.47 -10.90 -17.19
C LEU F 13 46.99 -10.58 -17.13
N VAL F 14 46.16 -11.34 -17.83
CA VAL F 14 44.72 -11.10 -17.80
C VAL F 14 44.15 -11.63 -16.50
N VAL F 15 43.50 -10.75 -15.74
CA VAL F 15 42.90 -11.10 -14.46
C VAL F 15 41.40 -11.26 -14.67
N GLY F 16 40.88 -12.43 -14.34
CA GLY F 16 39.51 -12.74 -14.68
C GLY F 16 39.32 -13.17 -16.12
N GLY F 17 40.18 -14.06 -16.62
CA GLY F 17 40.19 -14.44 -18.01
C GLY F 17 39.32 -15.60 -18.46
N THR F 18 38.30 -16.00 -17.70
CA THR F 18 37.31 -16.93 -18.20
C THR F 18 35.93 -16.29 -18.33
N GLY F 19 35.84 -14.95 -18.13
CA GLY F 19 34.62 -14.20 -18.35
C GLY F 19 34.48 -13.75 -19.80
N THR F 20 33.36 -13.05 -20.05
CA THR F 20 32.93 -12.75 -21.42
C THR F 20 34.00 -12.02 -22.20
N MET F 21 34.49 -10.92 -21.63
CA MET F 21 35.59 -10.19 -22.23
C MET F 21 36.92 -10.85 -21.94
N GLY F 22 37.06 -11.41 -20.76
CA GLY F 22 38.29 -12.09 -20.39
C GLY F 22 38.73 -13.14 -21.39
N ARG F 23 37.86 -14.07 -21.77
CA ARG F 23 38.27 -15.01 -22.80
C ARG F 23 38.58 -14.29 -24.10
N ARG F 24 37.86 -13.23 -24.44
CA ARG F 24 38.22 -12.45 -25.62
C ARG F 24 39.58 -11.79 -25.45
N ILE F 25 39.80 -11.13 -24.32
CA ILE F 25 41.05 -10.40 -24.10
C ILE F 25 42.24 -11.35 -24.11
N VAL F 26 42.13 -12.47 -23.38
CA VAL F 26 43.20 -13.47 -23.36
C VAL F 26 43.55 -13.95 -24.76
N ARG F 27 42.54 -14.28 -25.57
CA ARG F 27 42.80 -14.77 -26.92
C ARG F 27 43.30 -13.65 -27.83
N ALA F 28 42.80 -12.43 -27.65
CA ALA F 28 43.34 -11.29 -28.37
C ALA F 28 44.80 -11.06 -28.00
N CYS F 29 45.12 -11.09 -26.71
CA CYS F 29 46.49 -10.77 -26.34
C CYS F 29 47.47 -11.72 -27.01
N LEU F 30 47.02 -12.94 -27.35
CA LEU F 30 47.88 -13.94 -27.98
C LEU F 30 48.07 -13.64 -29.46
N ALA F 31 46.97 -13.47 -30.17
CA ALA F 31 47.04 -13.04 -31.56
C ALA F 31 47.96 -11.84 -31.75
N GLU F 32 48.14 -11.00 -30.72
CA GLU F 32 49.08 -9.88 -30.81
C GLU F 32 50.53 -10.29 -30.65
N GLY F 33 50.81 -11.50 -30.19
CA GLY F 33 52.17 -11.89 -29.87
C GLY F 33 52.57 -11.56 -28.47
N HIS F 34 51.61 -11.43 -27.56
CA HIS F 34 51.90 -11.11 -26.18
C HIS F 34 52.08 -12.38 -25.35
N GLU F 35 53.24 -12.50 -24.73
CA GLU F 35 53.36 -13.50 -23.69
C GLU F 35 52.22 -13.29 -22.71
N THR F 36 51.08 -13.85 -23.06
CA THR F 36 49.84 -13.70 -22.31
C THR F 36 49.76 -14.60 -21.09
N TYR F 37 49.21 -14.05 -20.02
CA TYR F 37 49.06 -14.73 -18.74
C TYR F 37 47.62 -14.59 -18.29
N VAL F 38 47.20 -15.49 -17.41
CA VAL F 38 45.83 -15.60 -16.96
C VAL F 38 45.90 -15.72 -15.45
N LEU F 39 44.79 -15.51 -14.76
CA LEU F 39 44.79 -15.71 -13.32
C LEU F 39 43.92 -16.91 -13.01
N GLN F 40 44.48 -17.86 -12.26
CA GLN F 40 43.79 -19.10 -11.93
C GLN F 40 43.32 -18.98 -10.50
N GLN F 41 42.16 -18.63 -10.34
CA GLN F 41 41.74 -18.40 -8.97
C GLN F 41 41.31 -19.70 -8.35
N PRO F 42 41.50 -19.85 -7.05
CA PRO F 42 40.97 -21.02 -6.37
C PRO F 42 39.56 -21.40 -6.81
N GLU F 43 39.20 -22.66 -6.60
CA GLU F 43 37.88 -23.09 -7.02
C GLU F 43 36.86 -22.71 -5.96
N THR F 44 35.67 -22.39 -6.44
CA THR F 44 34.55 -22.02 -5.59
C THR F 44 33.43 -23.04 -5.70
N ARG F 45 33.66 -24.11 -6.47
CA ARG F 45 32.63 -24.96 -7.02
C ARG F 45 33.32 -25.82 -8.07
N VAL F 46 32.66 -26.89 -8.53
CA VAL F 46 33.29 -27.72 -9.55
C VAL F 46 33.45 -26.94 -10.85
N ASP F 47 32.35 -26.46 -11.42
CA ASP F 47 32.35 -25.59 -12.62
C ASP F 47 33.26 -26.16 -13.71
N ILE F 48 32.73 -27.13 -14.46
CA ILE F 48 33.52 -27.73 -15.52
C ILE F 48 33.86 -26.71 -16.58
N GLU F 49 32.98 -25.72 -16.79
CA GLU F 49 33.10 -24.81 -17.92
C GLU F 49 34.29 -23.88 -17.77
N LYS F 50 34.40 -23.23 -16.61
CA LYS F 50 35.50 -22.29 -16.34
C LYS F 50 36.86 -23.00 -16.36
N VAL F 51 36.96 -24.13 -15.66
CA VAL F 51 38.19 -24.95 -15.61
C VAL F 51 38.65 -25.28 -17.02
N GLN F 52 37.76 -25.83 -17.83
CA GLN F 52 38.14 -26.26 -19.18
C GLN F 52 38.57 -25.06 -20.01
N LEU F 53 37.79 -23.98 -19.95
CA LEU F 53 38.22 -22.72 -20.54
C LEU F 53 39.63 -22.40 -20.10
N LEU F 54 39.86 -22.40 -18.79
CA LEU F 54 41.18 -22.13 -18.26
C LEU F 54 42.20 -22.91 -19.06
N TYR F 55 42.21 -24.24 -18.89
CA TYR F 55 43.30 -25.04 -19.44
C TYR F 55 43.32 -25.04 -20.96
N SER F 56 42.27 -24.56 -21.61
CA SER F 56 42.31 -24.35 -23.05
C SER F 56 43.25 -23.21 -23.50
N TYR F 57 43.89 -22.49 -22.59
CA TYR F 57 44.78 -21.42 -22.98
C TYR F 57 46.22 -21.91 -23.13
N LYS F 58 46.63 -22.84 -22.26
CA LYS F 58 47.94 -23.48 -22.37
C LYS F 58 48.16 -24.11 -23.74
N ARG F 59 47.15 -24.80 -24.26
CA ARG F 59 47.28 -25.33 -25.61
C ARG F 59 47.71 -24.25 -26.58
N LEU F 60 46.90 -23.19 -26.69
CA LEU F 60 47.26 -22.08 -27.55
C LEU F 60 48.51 -21.35 -27.06
N GLY F 61 48.63 -21.10 -25.78
CA GLY F 61 49.97 -20.66 -25.41
C GLY F 61 50.11 -19.79 -24.18
N ALA F 62 48.99 -19.49 -23.53
CA ALA F 62 49.07 -18.76 -22.28
C ALA F 62 49.82 -19.59 -21.25
N ARG F 63 50.09 -18.97 -20.10
CA ARG F 63 50.56 -19.64 -18.90
C ARG F 63 49.65 -19.27 -17.74
N LEU F 64 49.29 -20.27 -16.93
CA LEU F 64 48.46 -20.04 -15.76
C LEU F 64 49.35 -19.76 -14.55
N ILE F 65 48.98 -18.72 -13.79
CA ILE F 65 49.64 -18.36 -12.55
C ILE F 65 48.58 -18.45 -11.47
N GLU F 66 48.96 -18.90 -10.28
CA GLU F 66 47.99 -19.19 -9.24
C GLU F 66 48.08 -18.13 -8.17
N ALA F 67 46.97 -17.44 -7.93
CA ALA F 67 46.92 -16.45 -6.90
C ALA F 67 45.50 -16.42 -6.38
N SER F 68 45.37 -15.98 -5.14
CA SER F 68 44.09 -15.79 -4.49
C SER F 68 44.06 -14.35 -3.98
N PHE F 69 42.88 -13.73 -4.05
CA PHE F 69 42.67 -12.36 -3.55
C PHE F 69 42.58 -12.30 -2.03
N SER F 70 42.23 -13.42 -1.39
CA SER F 70 42.34 -13.58 0.06
C SER F 70 43.78 -13.83 0.50
N ASP F 71 44.76 -13.47 -0.32
CA ASP F 71 46.15 -13.81 -0.10
C ASP F 71 47.02 -12.78 -0.81
N HIS F 72 47.25 -11.64 -0.14
CA HIS F 72 48.00 -10.53 -0.73
C HIS F 72 49.32 -10.96 -1.37
N GLN F 73 50.13 -11.76 -0.66
CA GLN F 73 51.39 -12.17 -1.25
C GLN F 73 51.19 -12.90 -2.55
N SER F 74 50.09 -13.64 -2.70
CA SER F 74 49.92 -14.43 -3.91
C SER F 74 49.71 -13.54 -5.11
N LEU F 75 49.10 -12.35 -4.93
CA LEU F 75 48.96 -11.38 -6.01
C LEU F 75 50.30 -10.73 -6.32
N VAL F 76 51.05 -10.34 -5.30
CA VAL F 76 52.37 -9.76 -5.51
C VAL F 76 53.24 -10.69 -6.35
N SER F 77 53.42 -11.93 -5.90
CA SER F 77 54.12 -12.92 -6.72
C SER F 77 53.57 -12.96 -8.14
N ALA F 78 52.27 -12.76 -8.29
CA ALA F 78 51.62 -12.93 -9.58
C ALA F 78 51.87 -11.74 -10.51
N VAL F 79 51.76 -10.49 -10.02
CA VAL F 79 52.04 -9.37 -10.92
C VAL F 79 53.54 -9.22 -11.13
N LYS F 80 54.34 -9.65 -10.15
CA LYS F 80 55.79 -9.51 -10.24
C LYS F 80 56.38 -10.22 -11.45
N GLN F 81 55.69 -11.24 -11.98
CA GLN F 81 56.15 -12.11 -13.05
C GLN F 81 55.78 -11.62 -14.43
N VAL F 82 55.24 -10.41 -14.54
CA VAL F 82 54.74 -9.88 -15.80
C VAL F 82 55.19 -8.44 -15.98
N ASP F 83 54.55 -7.75 -16.93
CA ASP F 83 54.81 -6.33 -17.19
C ASP F 83 53.54 -5.55 -17.42
N ILE F 84 52.46 -6.18 -17.88
CA ILE F 84 51.17 -5.53 -18.02
C ILE F 84 50.10 -6.45 -17.42
N VAL F 85 49.17 -5.87 -16.69
CA VAL F 85 48.01 -6.54 -16.13
C VAL F 85 46.76 -5.88 -16.70
N VAL F 86 45.88 -6.68 -17.28
CA VAL F 86 44.59 -6.23 -17.76
C VAL F 86 43.52 -6.98 -16.97
N ALA F 87 42.51 -6.28 -16.48
CA ALA F 87 41.52 -6.85 -15.58
C ALA F 87 40.14 -6.74 -16.19
N ALA F 88 39.34 -7.80 -16.03
CA ALA F 88 37.96 -7.84 -16.52
C ALA F 88 37.07 -8.72 -15.65
N MET F 89 36.93 -8.37 -14.37
CA MET F 89 36.06 -9.08 -13.45
C MET F 89 34.61 -8.70 -13.73
N SER F 90 33.71 -9.05 -12.83
CA SER F 90 32.32 -8.65 -13.00
C SER F 90 32.16 -7.16 -12.68
N GLY F 91 31.30 -6.50 -13.46
CA GLY F 91 30.87 -5.15 -13.15
C GLY F 91 29.43 -4.90 -13.53
N VAL F 92 28.50 -5.49 -12.78
CA VAL F 92 27.11 -5.57 -13.24
C VAL F 92 26.33 -4.32 -12.83
N HIS F 93 26.38 -3.95 -11.56
CA HIS F 93 25.70 -2.77 -11.06
C HIS F 93 26.68 -1.59 -11.07
N PHE F 94 26.21 -0.40 -10.69
CA PHE F 94 27.15 0.69 -10.57
C PHE F 94 28.05 0.49 -9.35
N ARG F 95 27.50 -0.11 -8.29
CA ARG F 95 28.24 -0.43 -7.07
C ARG F 95 28.39 -1.94 -6.98
N SER F 96 29.62 -2.43 -7.03
CA SER F 96 29.83 -3.84 -7.30
C SER F 96 31.01 -4.32 -6.48
N HIS F 97 30.76 -5.29 -5.60
CA HIS F 97 31.85 -5.92 -4.88
C HIS F 97 32.87 -6.51 -5.84
N SER F 98 32.45 -6.92 -7.04
CA SER F 98 33.40 -7.50 -7.98
C SER F 98 34.44 -6.47 -8.41
N ILE F 99 33.96 -5.36 -8.97
CA ILE F 99 34.86 -4.30 -9.45
C ILE F 99 35.88 -3.92 -8.37
N LEU F 100 35.43 -3.89 -7.11
CA LEU F 100 36.27 -3.41 -6.01
C LEU F 100 37.33 -4.40 -5.56
N VAL F 101 37.30 -5.65 -6.00
CA VAL F 101 38.43 -6.54 -5.75
C VAL F 101 39.65 -6.00 -6.46
N GLN F 102 39.45 -5.14 -7.45
CA GLN F 102 40.58 -4.49 -8.09
C GLN F 102 41.39 -3.68 -7.10
N LEU F 103 40.75 -3.19 -6.02
CA LEU F 103 41.49 -2.43 -5.02
C LEU F 103 42.63 -3.26 -4.43
N LYS F 104 42.42 -4.58 -4.25
CA LYS F 104 43.48 -5.42 -3.70
C LYS F 104 44.61 -5.61 -4.71
N LEU F 105 44.30 -5.55 -6.00
CA LEU F 105 45.34 -5.72 -7.01
C LEU F 105 46.13 -4.45 -7.23
N VAL F 106 45.50 -3.27 -7.08
CA VAL F 106 46.28 -2.03 -7.08
C VAL F 106 47.30 -2.06 -5.96
N GLU F 107 46.87 -2.43 -4.75
CA GLU F 107 47.84 -2.59 -3.67
C GLU F 107 48.96 -3.53 -4.10
N ALA F 108 48.61 -4.65 -4.72
CA ALA F 108 49.60 -5.63 -5.09
C ALA F 108 50.49 -5.10 -6.20
N ILE F 109 49.90 -4.55 -7.26
CA ILE F 109 50.68 -3.96 -8.34
C ILE F 109 51.55 -2.85 -7.83
N LYS F 110 50.97 -1.95 -7.02
CA LYS F 110 51.77 -0.95 -6.35
C LYS F 110 52.96 -1.62 -5.67
N GLU F 111 52.69 -2.52 -4.72
CA GLU F 111 53.73 -2.97 -3.81
C GLU F 111 54.98 -3.44 -4.53
N ALA F 112 54.90 -3.72 -5.83
CA ALA F 112 56.02 -4.26 -6.60
C ALA F 112 56.58 -3.26 -7.61
N GLY F 113 55.73 -2.49 -8.25
CA GLY F 113 56.23 -1.41 -9.08
C GLY F 113 57.08 -1.83 -10.24
N ASN F 114 57.07 -3.12 -10.61
CA ASN F 114 57.64 -3.57 -11.87
C ASN F 114 56.69 -3.36 -13.04
N ILE F 115 55.44 -2.97 -12.77
CA ILE F 115 54.37 -3.00 -13.77
C ILE F 115 54.46 -1.78 -14.69
N LYS F 116 54.67 -2.05 -15.98
CA LYS F 116 54.72 -0.99 -16.98
C LYS F 116 53.38 -0.26 -17.10
N ARG F 117 52.28 -1.01 -17.29
CA ARG F 117 50.95 -0.45 -17.47
C ARG F 117 49.92 -1.33 -16.80
N PHE F 118 48.70 -0.81 -16.68
CA PHE F 118 47.60 -1.49 -16.04
C PHE F 118 46.32 -0.92 -16.64
N LEU F 119 45.36 -1.79 -16.89
CA LEU F 119 44.09 -1.41 -17.51
C LEU F 119 42.99 -2.01 -16.66
N PRO F 120 42.25 -1.21 -15.94
CA PRO F 120 41.20 -1.75 -15.08
C PRO F 120 40.06 -2.38 -15.89
N SER F 121 39.04 -2.87 -15.18
CA SER F 121 37.85 -3.47 -15.75
C SER F 121 36.91 -2.35 -16.14
N GLU F 122 37.02 -1.88 -17.39
CA GLU F 122 36.22 -0.75 -17.85
C GLU F 122 35.29 -1.22 -18.96
N PHE F 123 35.68 -1.11 -20.23
CA PHE F 123 34.96 -1.69 -21.36
C PHE F 123 33.51 -1.21 -21.47
N GLY F 124 33.16 -0.09 -20.89
CA GLY F 124 31.79 0.35 -20.99
C GLY F 124 31.57 1.84 -21.03
N MET F 125 30.44 2.31 -20.50
CA MET F 125 30.26 3.75 -20.34
C MET F 125 31.34 4.28 -19.43
N ASP F 126 31.91 5.42 -19.79
CA ASP F 126 32.87 6.10 -18.95
C ASP F 126 32.22 6.49 -17.61
N PRO F 127 32.78 6.08 -16.49
CA PRO F 127 32.21 6.45 -15.18
C PRO F 127 32.68 7.78 -14.60
N SER F 128 33.63 8.47 -15.22
CA SER F 128 33.99 9.80 -14.74
C SER F 128 32.85 10.77 -14.92
N ARG F 129 32.02 10.56 -15.94
CA ARG F 129 30.88 11.45 -16.15
C ARG F 129 29.89 11.39 -15.00
N MET F 130 28.64 11.87 -15.28
CA MET F 130 27.51 11.83 -14.35
C MET F 130 26.18 11.50 -15.02
N GLY F 131 25.99 11.83 -16.29
CA GLY F 131 24.69 11.58 -16.90
C GLY F 131 23.78 12.79 -16.86
N ASP F 142 29.84 5.07 -10.28
CA ASP F 142 30.40 3.78 -10.56
C ASP F 142 31.69 3.61 -9.77
N GLN F 143 31.79 2.52 -8.99
CA GLN F 143 33.00 2.28 -8.23
C GLN F 143 34.17 1.83 -9.09
N LYS F 144 33.98 1.72 -10.40
CA LYS F 144 35.14 1.75 -11.28
C LYS F 144 35.91 3.05 -11.10
N LEU F 145 35.21 4.17 -10.85
CA LEU F 145 35.86 5.45 -10.63
C LEU F 145 36.63 5.47 -9.31
N GLU F 146 36.10 4.83 -8.28
CA GLU F 146 36.86 4.61 -7.06
C GLU F 146 38.11 3.77 -7.32
N VAL F 147 38.07 2.91 -8.34
CA VAL F 147 39.30 2.21 -8.71
C VAL F 147 40.22 3.16 -9.43
N ARG F 148 39.66 3.94 -10.35
CA ARG F 148 40.43 4.97 -11.05
C ARG F 148 41.19 5.89 -10.10
N ASN F 149 40.61 6.22 -8.97
CA ASN F 149 41.35 7.07 -8.03
C ASN F 149 42.51 6.31 -7.39
N ALA F 150 42.38 4.99 -7.16
CA ALA F 150 43.45 4.22 -6.54
C ALA F 150 44.65 4.02 -7.47
N ILE F 151 44.39 3.76 -8.76
CA ILE F 151 45.47 3.67 -9.74
C ILE F 151 46.23 4.99 -9.81
N GLU F 152 45.50 6.10 -9.84
CA GLU F 152 46.17 7.39 -10.02
C GLU F 152 46.91 7.83 -8.76
N ALA F 153 46.34 7.56 -7.58
CA ALA F 153 47.02 7.89 -6.33
C ALA F 153 48.26 7.03 -6.09
N ALA F 154 48.33 5.85 -6.72
CA ALA F 154 49.39 4.88 -6.51
C ALA F 154 50.52 5.02 -7.51
N GLY F 155 50.31 5.74 -8.60
CA GLY F 155 51.32 5.97 -9.58
C GLY F 155 51.24 5.10 -10.81
N ILE F 156 50.24 4.23 -10.91
CA ILE F 156 50.29 3.14 -11.88
C ILE F 156 49.95 3.64 -13.28
N PRO F 157 50.90 3.63 -14.23
CA PRO F 157 50.59 4.00 -15.61
C PRO F 157 49.41 3.23 -16.19
N HIS F 158 48.31 3.92 -16.50
CA HIS F 158 47.07 3.27 -16.90
C HIS F 158 46.71 3.57 -18.34
N THR F 159 45.79 2.75 -18.87
CA THR F 159 44.93 3.08 -20.00
C THR F 159 43.51 2.66 -19.65
N TYR F 160 42.53 3.50 -20.00
CA TYR F 160 41.12 3.23 -19.72
C TYR F 160 40.40 3.11 -21.05
N VAL F 161 39.76 1.96 -21.27
CA VAL F 161 39.08 1.66 -22.52
C VAL F 161 37.59 1.72 -22.27
N VAL F 162 36.90 2.67 -22.91
CA VAL F 162 35.48 2.92 -22.66
C VAL F 162 34.78 3.20 -23.99
N GLY F 163 33.44 3.30 -23.92
CA GLY F 163 32.69 3.86 -25.02
C GLY F 163 31.60 3.02 -25.66
N ALA F 164 31.77 1.70 -25.75
CA ALA F 164 30.95 0.89 -26.64
C ALA F 164 30.00 0.01 -25.83
N CYS F 165 28.79 -0.16 -26.36
CA CYS F 165 27.91 -1.25 -25.95
C CYS F 165 28.41 -2.56 -26.55
N PHE F 166 28.49 -3.62 -25.75
CA PHE F 166 28.74 -4.95 -26.31
C PHE F 166 27.63 -5.32 -27.28
N ALA F 167 28.02 -5.79 -28.47
CA ALA F 167 27.06 -6.11 -29.50
C ALA F 167 26.11 -7.21 -29.07
N ALA F 168 26.59 -8.20 -28.32
CA ALA F 168 25.71 -9.30 -27.95
C ALA F 168 24.72 -8.89 -26.89
N TYR F 169 25.06 -7.89 -26.09
CA TYR F 169 24.20 -7.41 -25.04
C TYR F 169 23.26 -6.29 -25.49
N PHE F 170 23.50 -5.67 -26.65
CA PHE F 170 22.74 -4.49 -27.07
C PHE F 170 22.36 -4.45 -28.55
N ALA F 171 23.14 -5.02 -29.47
CA ALA F 171 22.75 -5.02 -30.87
C ALA F 171 22.10 -6.32 -31.34
N GLY F 172 22.48 -7.48 -30.79
CA GLY F 172 21.84 -8.72 -31.23
C GLY F 172 20.34 -8.78 -30.95
N ASN F 173 19.92 -8.26 -29.81
CA ASN F 173 18.52 -8.21 -29.40
C ASN F 173 17.77 -6.99 -29.91
N LEU F 174 18.41 -6.13 -30.72
CA LEU F 174 17.83 -4.85 -31.14
C LEU F 174 17.55 -3.96 -29.93
N SER F 175 18.45 -4.01 -28.96
CA SER F 175 18.39 -3.23 -27.73
C SER F 175 17.22 -3.61 -26.84
N GLN F 176 16.57 -4.75 -27.11
CA GLN F 176 15.50 -5.25 -26.25
C GLN F 176 16.06 -5.78 -24.94
N MET F 177 15.26 -5.71 -23.90
CA MET F 177 15.71 -6.16 -22.58
C MET F 177 15.34 -7.62 -22.35
N GLY F 178 16.20 -8.30 -21.60
CA GLY F 178 15.97 -9.68 -21.23
C GLY F 178 16.00 -10.65 -22.38
N THR F 179 16.57 -10.27 -23.52
CA THR F 179 16.72 -11.16 -24.65
C THR F 179 18.07 -10.87 -25.30
N LEU F 180 18.62 -11.89 -25.94
CA LEU F 180 19.89 -11.78 -26.65
C LEU F 180 19.75 -12.19 -28.09
N ILE F 181 18.51 -12.35 -28.57
CA ILE F 181 18.25 -12.69 -29.96
C ILE F 181 17.07 -11.85 -30.47
N PRO F 182 17.07 -11.50 -31.74
CA PRO F 182 16.07 -10.59 -32.28
C PRO F 182 14.67 -10.97 -31.86
N PRO F 183 13.75 -10.01 -31.80
CA PRO F 183 12.33 -10.35 -31.70
C PRO F 183 11.77 -10.72 -33.07
N LYS F 184 10.61 -11.37 -33.03
CA LYS F 184 9.99 -11.88 -34.24
C LYS F 184 8.92 -10.98 -34.80
N LYS F 185 8.25 -10.19 -33.95
CA LYS F 185 7.22 -9.33 -34.50
C LYS F 185 7.10 -7.95 -33.83
N LYS F 186 7.60 -7.73 -32.61
CA LYS F 186 7.38 -6.47 -31.91
C LYS F 186 8.67 -5.92 -31.33
N VAL F 187 8.95 -4.64 -31.60
CA VAL F 187 10.14 -4.02 -31.04
C VAL F 187 9.75 -2.81 -30.20
N ASN F 188 10.49 -2.60 -29.12
CA ASN F 188 10.35 -1.44 -28.26
C ASN F 188 11.42 -0.43 -28.62
N ILE F 189 10.99 0.76 -29.05
CA ILE F 189 11.90 1.86 -29.37
C ILE F 189 11.97 2.75 -28.15
N TYR F 190 13.18 3.02 -27.68
CA TYR F 190 13.39 3.91 -26.54
C TYR F 190 13.33 5.35 -27.02
N GLY F 191 12.48 6.13 -26.38
CA GLY F 191 12.17 7.45 -26.88
C GLY F 191 11.76 7.39 -28.32
N ASP F 192 12.47 8.14 -29.15
CA ASP F 192 12.34 8.07 -30.60
C ASP F 192 13.36 7.14 -31.23
N GLY F 193 14.20 6.48 -30.43
CA GLY F 193 15.32 5.74 -30.96
C GLY F 193 16.16 6.62 -31.87
N ASN F 194 16.18 7.92 -31.63
CA ASN F 194 16.95 8.80 -32.48
C ASN F 194 18.20 9.33 -31.79
N VAL F 195 18.53 8.78 -30.64
CA VAL F 195 19.77 9.07 -29.93
C VAL F 195 20.84 8.04 -30.32
N LYS F 196 21.91 8.51 -30.96
CA LYS F 196 22.99 7.64 -31.39
C LYS F 196 23.55 6.83 -30.23
N VAL F 197 24.06 5.62 -30.55
CA VAL F 197 24.76 4.74 -29.62
C VAL F 197 25.94 4.11 -30.36
N VAL F 198 26.76 3.36 -29.64
CA VAL F 198 27.99 2.76 -30.17
C VAL F 198 27.95 1.25 -29.91
N TYR F 199 27.58 0.48 -30.93
CA TYR F 199 27.45 -0.97 -30.86
C TYR F 199 28.73 -1.64 -31.37
N VAL F 200 29.40 -2.42 -30.53
CA VAL F 200 30.68 -3.02 -30.92
C VAL F 200 30.71 -4.51 -30.59
N ASP F 201 31.22 -5.28 -31.55
CA ASP F 201 31.61 -6.68 -31.39
C ASP F 201 32.64 -6.84 -30.28
N GLU F 202 32.30 -7.65 -29.27
CA GLU F 202 33.15 -7.83 -28.09
C GLU F 202 34.55 -8.26 -28.45
N ASP F 203 34.72 -8.95 -29.58
CA ASP F 203 36.05 -9.34 -30.04
C ASP F 203 36.87 -8.15 -30.44
N ASP F 204 36.31 -7.30 -31.31
CA ASP F 204 36.96 -6.05 -31.66
C ASP F 204 37.36 -5.25 -30.42
N ILE F 205 36.48 -5.21 -29.41
CA ILE F 205 36.83 -4.57 -28.16
C ILE F 205 38.14 -5.14 -27.62
N ALA F 206 38.23 -6.47 -27.58
CA ALA F 206 39.44 -7.09 -27.03
C ALA F 206 40.65 -6.84 -27.93
N GLU F 207 40.46 -6.82 -29.25
CA GLU F 207 41.59 -6.58 -30.13
C GLU F 207 42.17 -5.16 -29.97
N TYR F 208 41.29 -4.13 -29.91
CA TYR F 208 41.76 -2.79 -29.58
C TYR F 208 42.48 -2.80 -28.24
N THR F 209 41.90 -3.49 -27.26
CA THR F 209 42.50 -3.58 -25.93
C THR F 209 43.89 -4.22 -25.98
N ALA F 210 44.11 -5.19 -26.86
CA ALA F 210 45.42 -5.83 -26.91
C ALA F 210 46.40 -5.04 -27.76
N LYS F 211 45.92 -4.37 -28.79
CA LYS F 211 46.73 -3.36 -29.47
C LYS F 211 47.13 -2.24 -28.51
N THR F 212 46.19 -1.75 -27.70
CA THR F 212 46.45 -0.51 -26.97
C THR F 212 47.31 -0.73 -25.73
N LEU F 213 47.24 -1.89 -25.08
CA LEU F 213 47.79 -1.95 -23.74
C LEU F 213 49.27 -1.61 -23.72
N ASP F 214 49.92 -1.56 -24.88
CA ASP F 214 51.34 -1.23 -24.96
C ASP F 214 51.63 -0.20 -26.03
N ASP F 215 50.61 0.40 -26.61
CA ASP F 215 50.72 1.49 -27.55
C ASP F 215 51.14 2.79 -26.86
N PRO F 216 52.38 3.28 -27.08
CA PRO F 216 52.89 4.43 -26.32
C PRO F 216 52.04 5.71 -26.40
N ARG F 217 51.19 5.83 -27.42
CA ARG F 217 50.39 7.03 -27.57
C ARG F 217 49.13 7.02 -26.74
N THR F 218 48.90 5.98 -25.95
CA THR F 218 47.66 5.86 -25.19
C THR F 218 47.91 5.63 -23.72
N ILE F 219 49.17 5.64 -23.30
CA ILE F 219 49.46 5.46 -21.89
C ILE F 219 49.02 6.70 -21.13
N ASN F 220 48.40 6.48 -19.97
CA ASN F 220 47.70 7.46 -19.15
C ASN F 220 46.59 8.19 -19.90
N LYS F 221 46.19 7.70 -21.05
CA LYS F 221 45.01 8.21 -21.71
C LYS F 221 43.80 7.33 -21.42
N THR F 222 42.72 7.64 -22.12
CA THR F 222 41.45 6.93 -22.07
C THR F 222 41.08 6.67 -23.51
N VAL F 223 40.93 5.41 -23.88
CA VAL F 223 40.69 5.11 -25.29
C VAL F 223 39.21 4.90 -25.51
N TYR F 224 38.65 5.69 -26.41
CA TYR F 224 37.25 5.56 -26.79
C TYR F 224 37.16 4.55 -27.90
N VAL F 225 36.30 3.56 -27.72
CA VAL F 225 36.11 2.56 -28.74
C VAL F 225 34.80 2.91 -29.42
N ARG F 226 34.90 3.57 -30.56
CA ARG F 226 33.73 4.08 -31.26
C ARG F 226 34.04 4.08 -32.75
N PRO F 227 34.18 2.89 -33.34
CA PRO F 227 34.30 2.83 -34.80
C PRO F 227 33.22 3.72 -35.43
N THR F 228 33.56 4.33 -36.56
CA THR F 228 32.68 5.36 -37.11
C THR F 228 31.37 4.77 -37.56
N GLU F 229 31.40 3.69 -38.33
CA GLU F 229 30.17 3.23 -38.95
C GLU F 229 29.27 2.49 -37.98
N ASN F 230 29.72 2.26 -36.75
CA ASN F 230 28.96 1.58 -35.71
C ASN F 230 28.43 2.57 -34.68
N VAL F 231 28.51 3.87 -34.95
CA VAL F 231 27.70 4.88 -34.27
C VAL F 231 26.33 4.84 -34.92
N LEU F 232 25.33 4.33 -34.19
CA LEU F 232 23.99 4.18 -34.71
C LEU F 232 22.98 4.44 -33.60
N THR F 233 21.80 4.90 -34.00
CA THR F 233 20.66 4.93 -33.09
C THR F 233 20.01 3.56 -33.07
N GLN F 234 19.19 3.32 -32.06
CA GLN F 234 18.47 2.06 -32.01
C GLN F 234 17.59 1.90 -33.24
N MET F 235 16.93 2.97 -33.67
CA MET F 235 16.07 2.86 -34.86
C MET F 235 16.88 2.47 -36.09
N GLU F 236 18.12 2.99 -36.21
CA GLU F 236 18.95 2.60 -37.33
C GLU F 236 19.37 1.13 -37.25
N LEU F 237 19.55 0.61 -36.02
CA LEU F 237 19.85 -0.80 -35.85
C LEU F 237 18.65 -1.65 -36.21
N VAL F 238 17.47 -1.30 -35.70
CA VAL F 238 16.28 -2.01 -36.11
C VAL F 238 16.09 -1.95 -37.61
N GLN F 239 16.55 -0.88 -38.26
CA GLN F 239 16.42 -0.74 -39.71
C GLN F 239 17.45 -1.60 -40.42
N ILE F 240 18.61 -1.80 -39.80
CA ILE F 240 19.57 -2.73 -40.37
C ILE F 240 19.00 -4.13 -40.40
N TRP F 241 18.37 -4.56 -39.30
CA TRP F 241 17.74 -5.86 -39.25
C TRP F 241 16.47 -5.91 -40.07
N GLU F 242 15.81 -4.77 -40.25
CA GLU F 242 14.59 -4.75 -41.03
C GLU F 242 14.84 -4.93 -42.53
N LYS F 243 16.05 -4.69 -43.00
CA LYS F 243 16.38 -4.96 -44.39
C LYS F 243 16.94 -6.37 -44.61
N LEU F 244 17.74 -6.84 -43.66
CA LEU F 244 18.18 -8.23 -43.66
C LEU F 244 17.00 -9.17 -43.77
N THR F 245 15.96 -8.92 -42.97
CA THR F 245 14.86 -9.84 -42.89
C THR F 245 13.77 -9.59 -43.92
N GLY F 246 13.71 -8.38 -44.46
CA GLY F 246 12.60 -7.99 -45.30
C GLY F 246 11.29 -7.96 -44.57
N LYS F 247 11.31 -7.82 -43.25
CA LYS F 247 10.10 -7.83 -42.44
C LYS F 247 10.12 -6.67 -41.47
N GLU F 248 8.99 -5.98 -41.38
CA GLU F 248 8.87 -4.76 -40.60
C GLU F 248 8.35 -5.12 -39.21
N LEU F 249 9.06 -4.66 -38.18
CA LEU F 249 8.62 -4.90 -36.82
C LEU F 249 7.59 -3.85 -36.40
N GLU F 250 6.85 -4.17 -35.35
CA GLU F 250 5.70 -3.38 -34.93
C GLU F 250 6.06 -2.68 -33.62
N LYS F 251 6.45 -1.41 -33.73
CA LYS F 251 7.21 -0.72 -32.69
C LYS F 251 6.31 0.05 -31.74
N THR F 252 6.68 -0.01 -30.46
CA THR F 252 6.12 0.82 -29.42
C THR F 252 7.23 1.75 -28.97
N ASN F 253 7.15 3.02 -29.38
CA ASN F 253 8.03 4.01 -28.77
C ASN F 253 7.72 4.10 -27.28
N ILE F 254 8.77 4.06 -26.47
CA ILE F 254 8.68 4.20 -25.03
C ILE F 254 9.41 5.47 -24.62
N SER F 255 8.83 6.18 -23.66
CA SER F 255 9.23 7.53 -23.30
C SER F 255 9.75 7.56 -21.88
N ALA F 256 10.96 8.06 -21.72
CA ALA F 256 11.62 8.25 -20.43
C ALA F 256 10.74 7.98 -19.21
N ASN F 257 9.56 8.60 -19.17
CA ASN F 257 8.75 8.55 -17.96
C ASN F 257 8.13 7.18 -17.76
N ASP F 258 7.39 6.69 -18.75
CA ASP F 258 6.83 5.35 -18.64
C ASP F 258 7.95 4.32 -18.48
N PHE F 259 9.16 4.67 -18.90
CA PHE F 259 10.34 3.83 -18.70
C PHE F 259 10.67 3.71 -17.22
N LEU F 260 10.78 4.85 -16.53
CA LEU F 260 11.46 4.94 -15.25
C LEU F 260 10.57 4.58 -14.09
N ALA F 261 11.22 4.14 -13.01
CA ALA F 261 10.61 3.48 -11.86
C ALA F 261 10.44 4.43 -10.67
N ASP F 262 11.54 4.91 -10.11
CA ASP F 262 11.45 5.71 -8.90
C ASP F 262 11.75 7.19 -9.14
N PRO F 269 16.04 -2.00 -5.67
CA PRO F 269 16.01 -3.25 -6.45
C PRO F 269 14.88 -3.24 -7.46
N HIS F 270 15.22 -3.18 -8.73
CA HIS F 270 14.21 -3.20 -9.78
C HIS F 270 14.67 -4.16 -10.87
N GLN F 271 14.00 -4.09 -12.03
CA GLN F 271 14.42 -4.85 -13.19
C GLN F 271 15.92 -4.71 -13.40
N ALA F 272 16.51 -5.50 -14.28
CA ALA F 272 17.96 -5.44 -14.44
C ALA F 272 18.32 -4.35 -15.43
N GLY F 273 19.22 -3.46 -15.01
CA GLY F 273 19.84 -2.48 -15.88
C GLY F 273 18.92 -1.40 -16.43
N LEU F 274 17.99 -0.91 -15.62
CA LEU F 274 17.26 0.29 -16.00
C LEU F 274 18.19 1.49 -16.11
N GLY F 275 18.95 1.77 -15.05
CA GLY F 275 19.86 2.91 -15.08
C GLY F 275 20.84 2.85 -16.22
N HIS F 276 21.28 1.64 -16.59
CA HIS F 276 22.25 1.53 -17.66
C HIS F 276 21.61 1.81 -19.00
N PHE F 277 20.43 1.26 -19.24
CA PHE F 277 19.73 1.54 -20.47
C PHE F 277 19.30 3.00 -20.60
N TYR F 278 19.21 3.74 -19.49
CA TYR F 278 18.68 5.10 -19.57
C TYR F 278 19.77 6.10 -19.94
N HIS F 279 20.92 6.06 -19.28
CA HIS F 279 21.94 7.02 -19.67
C HIS F 279 22.54 6.73 -21.04
N ILE F 280 22.15 5.63 -21.67
CA ILE F 280 22.64 5.26 -23.01
C ILE F 280 21.69 5.73 -24.11
N PHE F 281 20.44 5.31 -24.00
CA PHE F 281 19.44 5.41 -25.04
C PHE F 281 18.53 6.63 -24.89
N TYR F 282 18.27 7.08 -23.67
CA TYR F 282 17.58 8.34 -23.47
C TYR F 282 18.54 9.50 -23.28
N GLU F 283 19.73 9.23 -22.75
CA GLU F 283 20.71 10.25 -22.41
C GLU F 283 21.73 10.49 -23.50
N GLY F 284 22.09 9.45 -24.25
CA GLY F 284 23.13 9.57 -25.25
C GLY F 284 24.53 9.56 -24.69
N CYS F 285 24.71 9.04 -23.47
CA CYS F 285 25.96 9.17 -22.74
C CYS F 285 27.16 8.68 -23.55
N LEU F 286 26.94 8.05 -24.70
CA LEU F 286 28.02 7.49 -25.48
C LEU F 286 28.43 8.37 -26.66
N THR F 287 27.56 9.25 -27.13
CA THR F 287 27.83 9.99 -28.34
C THR F 287 27.61 11.49 -28.22
N ASP F 288 27.56 12.05 -27.00
CA ASP F 288 27.28 13.47 -26.86
C ASP F 288 28.54 14.31 -26.60
N HIS F 289 29.71 13.67 -26.57
CA HIS F 289 31.00 14.33 -26.66
C HIS F 289 31.77 13.64 -27.77
N GLU F 290 32.11 14.38 -28.81
CA GLU F 290 32.93 13.76 -29.85
C GLU F 290 34.26 13.39 -29.21
N VAL F 291 35.16 12.84 -30.01
CA VAL F 291 36.46 12.38 -29.54
C VAL F 291 37.42 12.69 -30.66
N GLY F 292 38.66 12.94 -30.29
CA GLY F 292 39.71 13.10 -31.27
C GLY F 292 40.26 11.78 -31.76
N ASP F 293 40.77 11.81 -32.97
CA ASP F 293 41.41 10.65 -33.55
C ASP F 293 42.44 10.04 -32.61
N ASP F 294 43.27 10.86 -31.99
CA ASP F 294 44.29 10.32 -31.12
C ASP F 294 43.73 9.63 -29.88
N GLU F 295 42.42 9.54 -29.74
CA GLU F 295 41.87 8.83 -28.59
C GLU F 295 40.73 7.91 -29.00
N GLU F 296 40.70 7.51 -30.27
CA GLU F 296 39.64 6.71 -30.85
C GLU F 296 40.22 5.39 -31.40
N ALA F 297 39.61 4.26 -31.04
CA ALA F 297 40.21 2.96 -31.33
C ALA F 297 40.35 2.71 -32.83
N SER F 298 39.28 2.89 -33.60
CA SER F 298 39.32 2.67 -35.03
C SER F 298 40.17 3.68 -35.79
N LYS F 299 40.67 4.73 -35.15
CA LYS F 299 41.64 5.60 -35.80
C LYS F 299 43.06 5.19 -35.41
N LEU F 300 43.30 5.03 -34.12
CA LEU F 300 44.61 4.58 -33.68
C LEU F 300 44.97 3.25 -34.29
N TYR F 301 43.96 2.40 -34.54
CA TYR F 301 44.15 1.00 -34.92
C TYR F 301 43.27 0.71 -36.13
N PRO F 302 43.65 1.25 -37.28
CA PRO F 302 42.85 1.06 -38.50
C PRO F 302 42.99 -0.30 -39.15
N ASP F 303 44.04 -1.07 -38.88
CA ASP F 303 44.17 -2.36 -39.53
C ASP F 303 43.23 -3.40 -38.92
N VAL F 304 42.21 -2.90 -38.21
CA VAL F 304 41.18 -3.68 -37.53
C VAL F 304 39.90 -3.57 -38.32
N LYS F 305 39.67 -4.48 -39.28
CA LYS F 305 38.42 -4.50 -40.04
C LYS F 305 37.30 -4.89 -39.08
N TYR F 306 36.88 -3.91 -38.29
CA TYR F 306 35.92 -4.12 -37.23
C TYR F 306 34.56 -4.46 -37.82
N THR F 307 33.83 -5.32 -37.11
CA THR F 307 32.56 -5.87 -37.58
C THR F 307 31.47 -4.81 -37.54
N ARG F 308 30.98 -4.42 -38.70
CA ARG F 308 29.79 -3.62 -38.79
C ARG F 308 28.60 -4.43 -38.27
N MET F 309 27.55 -3.74 -37.84
CA MET F 309 26.39 -4.43 -37.29
C MET F 309 25.57 -5.15 -38.36
N ASP F 310 25.77 -4.86 -39.64
CA ASP F 310 25.02 -5.64 -40.62
C ASP F 310 25.64 -7.03 -40.81
N GLU F 311 26.97 -7.11 -40.87
CA GLU F 311 27.63 -8.40 -40.76
C GLU F 311 27.25 -9.10 -39.45
N TYR F 312 27.40 -8.41 -38.32
CA TYR F 312 27.14 -9.02 -37.01
C TYR F 312 25.75 -9.62 -36.94
N LEU F 313 24.73 -8.89 -37.41
CA LEU F 313 23.36 -9.37 -37.28
C LEU F 313 23.07 -10.55 -38.20
N LYS F 314 23.98 -10.85 -39.13
CA LYS F 314 23.75 -11.92 -40.09
C LYS F 314 23.60 -13.28 -39.43
N ILE F 315 24.28 -13.50 -38.30
CA ILE F 315 24.30 -14.83 -37.72
C ILE F 315 22.90 -15.25 -37.28
N PHE F 316 22.08 -14.31 -36.81
CA PHE F 316 20.74 -14.57 -36.32
C PHE F 316 19.72 -14.71 -37.43
N LEU F 317 20.12 -14.58 -38.68
CA LEU F 317 19.15 -14.53 -39.77
C LEU F 317 18.39 -15.86 -39.90
C10 GO6 G . -27.00 14.34 67.26
C13 GO6 G . -24.88 16.77 64.36
C15 GO6 G . -25.67 17.49 63.48
C17 GO6 G . -23.51 16.74 64.19
C20 GO6 G . -29.37 12.56 69.61
C21 GO6 G . -22.95 17.46 63.15
C22 GO6 G . -27.59 13.45 70.91
C24 GO6 G . -28.77 12.75 70.83
C26 GO6 G . -30.65 10.82 68.63
O01 GO6 G . -23.12 15.70 68.13
O02 GO6 G . -24.04 12.49 65.93
O03 GO6 G . -25.89 18.94 61.55
O04 GO6 G . -30.57 11.85 69.57
O05 GO6 G . -23.21 18.94 61.23
O06 GO6 G . -29.38 12.24 71.98
C07 GO6 G . -24.73 15.21 66.40
C08 GO6 G . -25.50 14.07 67.10
C09 GO6 G . -25.61 15.99 65.45
C11 GO6 G . -24.23 16.21 67.44
C12 GO6 G . -25.34 12.73 66.37
C14 GO6 G . -27.61 13.77 68.53
C16 GO6 G . -28.80 13.06 68.46
C18 GO6 G . -27.01 13.98 69.76
C19 GO6 G . -25.12 18.20 62.47
C23 GO6 G . -23.76 18.19 62.29
C25 GO6 G . -27.22 19.28 61.80
H102 GO6 G . -27.46 13.96 66.49
H101 GO6 G . -27.14 15.31 67.26
H151 GO6 G . -26.59 17.49 63.60
H171 GO6 G . -22.98 16.25 64.78
H211 GO6 G . -22.03 17.47 63.03
H221 GO6 G . -27.18 13.59 71.74
H262 GO6 G . -30.88 9.99 69.07
H261 GO6 G . -29.78 10.72 68.20
H263 GO6 G . -31.31 11.03 67.96
H011 GO6 G . -22.43 15.79 67.65
H021 GO6 G . -23.57 12.24 66.59
H051 GO6 G . -23.36 18.53 60.50
H061 GO6 G . -29.01 11.50 72.19
H071 GO6 G . -23.97 14.85 65.92
H081 GO6 G . -25.12 13.97 67.99
H092 GO6 G . -26.23 15.37 65.01
H091 GO6 G . -26.14 16.62 65.96
H111 GO6 G . -23.98 17.04 67.00
H112 GO6 G . -24.94 16.39 68.08
H121 GO6 G . -25.94 12.72 65.60
H122 GO6 G . -25.62 12.01 66.97
H161 GO6 G . -29.22 12.93 67.64
H181 GO6 G . -26.21 14.45 69.81
H253 GO6 G . -27.76 19.08 61.01
H251 GO6 G . -27.29 20.23 62.00
H252 GO6 G . -27.55 18.77 62.56
PA NDP H . -19.76 7.96 61.53
O1A NDP H . -19.48 8.08 63.02
O2A NDP H . -21.04 7.20 61.31
O5B NDP H . -18.48 7.14 60.85
C5B NDP H . -18.74 6.53 59.64
C4B NDP H . -17.39 6.35 58.90
O4B NDP H . -16.60 7.34 59.20
C3B NDP H . -16.59 5.13 59.41
O3B NDP H . -16.95 3.93 58.91
C2B NDP H . -15.18 5.47 58.91
O2B NDP H . -15.13 5.29 57.42
C1B NDP H . -15.10 6.72 59.22
N9A NDP H . -14.58 6.87 60.57
C8A NDP H . -15.05 6.99 61.81
N7A NDP H . -13.98 7.13 62.62
C5A NDP H . -12.87 7.08 61.87
C6A NDP H . -11.52 7.17 62.20
N6A NDP H . -10.77 7.35 63.46
N1A NDP H . -10.61 7.09 61.26
C2A NDP H . -10.98 6.93 59.97
N3A NDP H . -12.29 6.84 59.63
C4A NDP H . -13.23 6.92 60.60
O3 NDP H . -19.79 9.47 60.81
PN NDP H . -21.08 10.25 60.09
O1N NDP H . -21.78 9.37 59.08
O2N NDP H . -22.06 10.70 61.14
O5D NDP H . -20.49 11.60 59.33
C5D NDP H . -20.98 12.06 58.08
C4D NDP H . -21.08 13.64 58.15
O4D NDP H . -22.26 14.03 58.55
C3D NDP H . -20.09 14.17 59.20
O3D NDP H . -19.62 15.37 58.82
C2D NDP H . -20.98 14.24 60.47
O2D NDP H . -20.37 15.10 61.54
C1D NDP H . -22.11 14.73 60.02
N1N NDP H . -23.27 14.48 60.89
C2N NDP H . -24.48 15.16 60.58
C3N NDP H . -25.81 14.76 61.16
C7N NDP H . -26.98 15.72 60.83
O7N NDP H . -26.89 16.39 59.86
N7N NDP H . -28.16 15.79 61.70
C4N NDP H . -25.92 13.85 62.40
C5N NDP H . -24.53 13.33 62.88
C6N NDP H . -23.26 13.60 62.04
P2B NDP H . -14.03 4.26 56.78
O1X NDP H . -14.37 3.93 55.35
O2X NDP H . -12.66 4.91 56.81
O3X NDP H . -14.04 2.98 57.60
H51A NDP H . -19.33 7.07 59.11
H52A NDP H . -19.15 5.65 59.79
H4B NDP H . -17.52 6.29 57.95
H3B NDP H . -16.59 5.11 60.39
HO3A NDP H . -17.15 4.02 58.09
H2B NDP H . -14.50 4.94 59.35
H1B NDP H . -14.53 7.19 58.60
H8A NDP H . -15.94 7.00 62.06
H61A NDP H . -9.92 7.47 63.44
H62A NDP H . -11.19 7.33 64.22
H2A NDP H . -10.32 6.87 59.30
H51N NDP H . -21.85 11.68 57.92
H52N NDP H . -20.37 11.80 57.38
H4D NDP H . -20.87 14.02 57.28
H3D NDP H . -19.37 13.53 59.33
HO3N NDP H . -18.77 15.33 58.73
H2D NDP H . -21.13 13.34 60.82
HO2N NDP H . -20.31 15.90 61.26
H1D NDP H . -22.00 15.68 59.91
H2N NDP H . -24.45 15.88 60.00
H71N NDP H . -28.80 16.31 61.50
H72N NDP H . -28.21 15.28 62.40
H41N NDP H . -26.47 13.08 62.17
H42N NDP H . -26.33 14.34 63.11
H5N NDP H . -24.47 12.87 63.68
H6N NDP H . -22.46 13.18 62.28
C10 GO6 I . 30.23 -36.18 -10.33
C13 GO6 I . 27.65 -38.50 -12.98
C15 GO6 I . 28.15 -39.77 -13.25
C17 GO6 I . 26.35 -38.20 -13.37
C20 GO6 I . 32.59 -33.94 -8.33
C21 GO6 I . 25.57 -39.16 -14.03
C22 GO6 I . 30.91 -34.77 -6.86
C24 GO6 I . 32.05 -34.00 -7.08
C26 GO6 I . 34.84 -33.82 -9.05
O01 GO6 I . 26.34 -36.67 -9.33
O02 GO6 I . 27.85 -33.87 -12.08
O03 GO6 I . 27.88 -42.01 -14.17
O04 GO6 I . 33.73 -33.16 -8.52
O05 GO6 I . 25.31 -41.37 -14.95
O06 GO6 I . 32.63 -33.28 -6.04
C07 GO6 I . 27.85 -36.58 -11.25
C08 GO6 I . 28.85 -35.55 -10.67
C09 GO6 I . 28.56 -37.49 -12.26
C11 GO6 I . 27.23 -37.42 -10.12
C12 GO6 I . 29.07 -34.38 -11.63
C14 GO6 I . 30.89 -35.41 -9.17
C16 GO6 I . 32.02 -34.63 -9.38
C18 GO6 I . 30.33 -35.46 -7.91
C19 GO6 I . 27.38 -40.72 -13.91
C23 GO6 I . 26.09 -40.41 -14.29
C25 GO6 I . 29.25 -42.23 -14.34
H102 GO6 I . 30.80 -36.14 -11.12
H101 GO6 I . 30.11 -37.11 -10.07
H151 GO6 I . 29.01 -39.98 -12.99
H171 GO6 I . 25.99 -37.35 -13.21
H211 GO6 I . 24.70 -38.95 -14.30
H221 GO6 I . 30.53 -34.80 -6.01
H262 GO6 I . 35.14 -33.35 -9.85
H261 GO6 I . 34.60 -34.73 -9.27
H263 GO6 I . 35.56 -33.82 -8.39
H011 GO6 I . 25.58 -36.67 -9.68
H021 GO6 I . 27.55 -33.32 -11.51
H051 GO6 I . 25.50 -41.36 -15.77
H061 GO6 I . 32.36 -32.48 -6.05
H071 GO6 I . 27.15 -36.10 -11.71
H081 GO6 I . 28.48 -35.20 -9.85
H092 GO6 I . 28.99 -36.94 -12.93
H091 GO6 I . 29.24 -37.99 -11.78
H111 GO6 I . 26.74 -38.16 -10.52
H112 GO6 I . 27.93 -37.78 -9.56
H121 GO6 I . 29.59 -34.68 -12.39
H122 GO6 I . 29.56 -33.67 -11.18
H161 GO6 I . 32.40 -34.59 -10.23
H181 GO6 I . 29.57 -35.98 -7.75
H253 GO6 I . 29.39 -42.78 -15.13
H251 GO6 I . 29.59 -42.71 -13.57
H252 GO6 I . 29.70 -41.39 -14.44
PA NDP J . 24.69 -30.75 -18.60
O1A NDP J . 24.22 -30.36 -17.22
O2A NDP J . 25.98 -30.06 -18.94
O5B NDP J . 23.54 -30.40 -19.73
C5B NDP J . 22.60 -29.43 -19.38
C4B NDP J . 21.72 -29.15 -20.63
O4B NDP J . 20.70 -29.99 -20.71
C3B NDP J . 21.12 -27.75 -20.53
O3B NDP J . 21.97 -26.88 -21.11
C2B NDP J . 19.81 -27.93 -21.32
O2B NDP J . 20.14 -28.08 -22.77
C1B NDP J . 19.37 -29.08 -20.85
N9A NDP J . 18.74 -28.94 -19.53
C8A NDP J . 19.11 -28.84 -18.25
N7A NDP J . 18.01 -28.76 -17.50
C5A NDP J . 16.96 -28.83 -18.31
C6A NDP J . 15.62 -28.81 -18.02
N6A NDP J . 14.88 -28.68 -16.75
N1A NDP J . 14.73 -28.89 -19.00
C2A NDP J . 15.16 -29.01 -20.29
N3A NDP J . 16.49 -29.04 -20.56
C4A NDP J . 17.39 -28.95 -19.57
O3 NDP J . 24.78 -32.42 -18.71
PN NDP J . 26.09 -33.38 -18.92
O1N NDP J . 26.82 -33.26 -20.25
O2N NDP J . 27.06 -33.20 -17.78
O5D NDP J . 25.38 -34.87 -18.87
C5D NDP J . 24.80 -35.46 -20.02
C4D NDP J . 24.50 -36.97 -19.70
O4D NDP J . 25.61 -37.56 -19.32
C3D NDP J . 23.56 -37.10 -18.49
O3D NDP J . 22.66 -38.08 -18.66
C2D NDP J . 24.42 -37.47 -17.28
O2D NDP J . 23.66 -38.51 -16.52
C1D NDP J . 25.48 -38.02 -17.79
N1N NDP J . 26.71 -37.71 -17.14
C2N NDP J . 27.75 -38.69 -17.17
C3N NDP J . 29.12 -38.42 -16.57
C7N NDP J . 30.13 -39.58 -16.39
O7N NDP J . 29.99 -40.65 -16.90
N7N NDP J . 31.29 -39.37 -15.54
C4N NDP J . 29.28 -37.31 -15.53
C5N NDP J . 28.02 -36.37 -15.39
C6N NDP J . 26.95 -36.45 -16.50
P2B NDP J . 19.79 -27.01 -23.95
O1X NDP J . 20.98 -26.94 -24.87
O2X NDP J . 18.54 -27.32 -24.73
O3X NDP J . 19.56 -25.68 -23.30
H51A NDP J . 23.06 -28.60 -19.12
H52A NDP J . 22.06 -29.74 -18.66
H4B NDP J . 22.26 -29.23 -21.44
H3B NDP J . 20.94 -27.52 -19.60
HO3A NDP J . 22.27 -27.21 -21.83
H2B NDP J . 19.19 -27.20 -21.16
H1B NDP J . 18.75 -29.48 -21.48
H8A NDP J . 19.99 -28.80 -17.95
H61A NDP J . 14.03 -28.61 -16.76
H62A NDP J . 15.31 -28.68 -16.01
H2A NDP J . 14.54 -29.07 -20.98
H51N NDP J . 25.43 -35.41 -20.77
H52N NDP J . 23.98 -35.00 -20.25
H4D NDP J . 24.13 -37.43 -20.47
H3D NDP J . 23.12 -36.25 -18.33
HO3N NDP J . 21.88 -37.76 -18.63
H2D NDP J . 24.64 -36.70 -16.74
HO2N NDP J . 23.38 -39.10 -17.06
H1D NDP J . 25.35 -38.98 -17.77
H2N NDP J . 27.58 -39.51 -17.55
H71N NDP J . 31.85 -40.00 -15.42
H72N NDP J . 31.41 -38.61 -15.16
H41N NDP J . 30.04 -36.75 -15.79
H42N NDP J . 29.47 -37.70 -14.67
H5N NDP J . 28.04 -35.66 -14.81
H6N NDP J . 26.31 -35.77 -16.57
C10 GO6 K . -33.26 9.23 -44.17
C13 GO6 K . -30.67 6.01 -42.50
C15 GO6 K . -31.16 4.74 -42.19
C17 GO6 K . -29.35 6.30 -42.17
C20 GO6 K . -36.31 10.19 -46.15
C21 GO6 K . -28.53 5.36 -41.56
C22 GO6 K . -34.90 8.91 -47.61
C24 GO6 K . -36.07 9.63 -47.40
C26 GO6 K . -38.10 10.92 -44.73
O01 GO6 K . -29.51 8.46 -45.95
O02 GO6 K . -29.78 10.46 -43.63
O03 GO6 K . -30.82 2.51 -41.25
O04 GO6 K . -37.49 10.91 -45.98
O05 GO6 K . -28.22 3.16 -40.64
O06 GO6 K . -37.05 9.81 -48.39
C07 GO6 K . -30.87 8.09 -44.03
C08 GO6 K . -31.75 9.30 -44.47
C09 GO6 K . -31.61 7.03 -43.19
C11 GO6 K . -30.28 7.48 -45.30
C12 GO6 K . -31.18 10.55 -43.79
C14 GO6 K . -34.21 9.35 -45.36
C16 GO6 K . -35.37 10.06 -45.14
C18 GO6 K . -33.97 8.76 -46.59
C19 GO6 K . -30.35 3.80 -41.57
C23 GO6 K . -29.03 4.11 -41.26
C25 GO6 K . -32.17 2.33 -40.92
H102 GO6 K . -33.47 9.93 -43.54
H101 GO6 K . -33.43 8.38 -43.74
H151 GO6 K . -32.03 4.53 -42.40
H171 GO6 K . -29.00 7.14 -42.38
H211 GO6 K . -27.65 5.57 -41.35
H221 GO6 K . -34.75 8.52 -48.45
H262 GO6 K . -38.97 10.49 -44.79
H261 GO6 K . -38.22 11.84 -44.43
H263 GO6 K . -37.54 10.45 -44.09
H011 GO6 K . -28.71 8.43 -45.66
H021 GO6 K . -29.51 11.14 -43.19
H051 GO6 K . -27.89 3.50 -39.93
H061 GO6 K . -37.00 10.60 -48.69
H071 GO6 K . -30.14 8.43 -43.49
H081 GO6 K . -31.63 9.41 -45.43
H092 GO6 K . -32.12 7.49 -42.51
H091 GO6 K . -32.22 6.55 -43.77
H111 GO6 K . -29.73 6.72 -45.07
H112 GO6 K . -31.00 7.19 -45.88
H121 GO6 K . -31.59 10.65 -42.92
H122 GO6 K . -31.38 11.33 -44.33
H161 GO6 K . -35.54 10.44 -44.31
H181 GO6 K . -33.19 8.28 -46.73
H253 GO6 K . -32.24 1.81 -40.11
H251 GO6 K . -32.62 1.88 -41.65
H252 GO6 K . -32.59 3.20 -40.78
PA NDP L . -28.16 14.56 -37.49
O1A NDP L . -27.16 14.54 -38.64
O2A NDP L . -29.09 15.72 -37.77
O5B NDP L . -27.34 14.86 -36.08
C5B NDP L . -27.05 16.24 -35.96
C4B NDP L . -25.93 16.53 -34.91
O4B NDP L . -24.83 15.94 -35.27
C3B NDP L . -25.57 18.03 -34.90
O3B NDP L . -26.30 18.74 -34.01
C2B NDP L . -24.10 18.04 -34.44
O2B NDP L . -24.05 17.88 -32.95
C1B NDP L . -23.62 16.99 -35.04
N9A NDP L . -23.12 17.29 -36.36
C8A NDP L . -23.56 17.50 -37.60
N7A NDP L . -22.50 17.68 -38.40
C5A NDP L . -21.40 17.58 -37.64
C6A NDP L . -20.06 17.69 -37.95
N6A NDP L . -19.28 17.96 -39.16
N1A NDP L . -19.17 17.55 -37.00
C2A NDP L . -19.55 17.29 -35.71
N3A NDP L . -20.86 17.19 -35.41
C4A NDP L . -21.78 17.33 -36.38
O3 NDP L . -29.08 13.15 -37.52
PN NDP L . -29.30 11.98 -36.36
O1N NDP L . -29.30 12.47 -34.94
O2N NDP L . -30.64 11.35 -36.63
O5D NDP L . -28.02 10.92 -36.40
C5D NDP L . -27.68 10.24 -35.20
C4D NDP L . -27.40 8.74 -35.56
O4D NDP L . -28.51 8.17 -35.93
C3D NDP L . -26.47 8.71 -36.79
O3D NDP L . -25.32 8.00 -36.56
C2D NDP L . -27.26 8.02 -37.92
O2D NDP L . -26.32 7.10 -38.61
C1D NDP L . -28.25 7.40 -37.32
N1N NDP L . -29.49 7.43 -38.06
C2N NDP L . -30.21 6.22 -38.32
C3N NDP L . -31.64 6.26 -38.84
C7N NDP L . -32.60 5.04 -38.82
O7N NDP L . -32.49 4.13 -38.05
N7N NDP L . -33.70 4.98 -39.77
C4N NDP L . -32.13 7.50 -39.64
C5N NDP L . -31.11 8.69 -39.60
C6N NDP L . -30.03 8.69 -38.50
P2B NDP L . -23.61 19.11 -31.95
O1X NDP L . -24.55 19.21 -30.77
O2X NDP L . -22.20 18.96 -31.43
O3X NDP L . -23.63 20.36 -32.79
H51A NDP L . -27.85 16.72 -35.70
H52A NDP L . -26.76 16.58 -36.83
H4B NDP L . -26.20 16.24 -34.02
H3B NDP L . -25.65 18.41 -35.80
HO3A NDP L . -26.47 18.25 -33.33
H2B NDP L . -23.65 18.85 -34.73
H1B NDP L . -22.92 16.59 -34.50
H8A NDP L . -24.45 17.51 -37.87
H61A NDP L . -18.43 18.00 -39.12
H62A NDP L . -19.68 18.07 -39.92
H2A NDP L . -18.91 17.19 -35.05
H51N NDP L . -28.41 10.29 -34.57
H52N NDP L . -26.88 10.63 -34.81
H4D NDP L . -27.01 8.27 -34.82
H3D NDP L . -26.24 9.61 -37.05
HO3N NDP L . -24.90 7.92 -37.29
H2D NDP L . -27.60 8.69 -38.53
HO2N NDP L . -26.16 6.43 -38.12
H1D NDP L . -27.99 6.49 -37.14
H2N NDP L . -29.80 5.40 -38.16
H71N NDP L . -34.23 4.31 -39.77
H72N NDP L . -33.80 5.62 -40.34
H41N NDP L . -32.97 7.80 -39.26
H42N NDP L . -32.28 7.24 -40.57
H5N NDP L . -31.29 9.47 -40.07
H6N NDP L . -29.58 9.48 -38.30
C10 GO6 M . 8.52 -2.34 5.35
C13 GO6 M . 7.78 -4.74 8.92
C15 GO6 M . 7.11 -5.94 8.77
C17 GO6 M . 8.29 -4.42 10.19
C20 GO6 M . 8.47 0.05 2.39
C21 GO6 M . 8.12 -5.29 11.26
C22 GO6 M . 10.76 -0.62 2.80
C24 GO6 M . 9.82 0.12 2.07
C26 GO6 M . 6.24 0.37 1.43
O01 GO6 M . 11.30 -2.29 8.09
O02 GO6 M . 7.66 -0.36 8.40
O03 GO6 M . 6.27 -8.01 9.67
O04 GO6 M . 7.54 0.83 1.65
O05 GO6 M . 7.27 -7.39 12.14
O06 GO6 M . 10.24 0.93 1.01
C07 GO6 M . 8.95 -2.68 7.81
C08 GO6 M . 8.77 -1.65 6.69
C09 GO6 M . 7.91 -3.82 7.68
C11 GO6 M . 10.36 -3.25 7.71
C12 GO6 M . 7.62 -0.69 7.03
C14 GO6 M . 9.00 -1.47 4.19
C16 GO6 M . 8.07 -0.74 3.45
C18 GO6 M . 10.34 -1.42 3.85
C19 GO6 M . 6.93 -6.80 9.83
C23 GO6 M . 7.45 -6.50 11.08
C25 GO6 M . 5.34 -8.17 8.62
H102 GO6 M . 7.58 -2.52 5.26
H101 GO6 M . 9.01 -3.19 5.34
H151 GO6 M . 6.77 -6.15 7.93
H171 GO6 M . 8.74 -3.62 10.31
H211 GO6 M . 8.48 -5.06 12.09
H221 GO6 M . 11.66 -0.58 2.57
H262 GO6 M . 6.10 0.22 0.47
H261 GO6 M . 5.60 1.04 1.73
H263 GO6 M . 6.09 -0.46 1.90
H011 GO6 M . 11.37 -2.27 8.93
H021 GO6 M . 8.07 0.37 8.50
H051 GO6 M . 6.62 -7.14 12.62
H061 GO6 M . 10.09 1.75 1.20
H071 GO6 M . 8.83 -2.24 8.67
H081 GO6 M . 9.60 -1.13 6.63
H092 GO6 M . 7.05 -3.43 7.50
H091 GO6 M . 8.17 -4.38 6.93
H111 GO6 M . 10.43 -4.02 8.30
H112 GO6 M . 10.53 -3.53 6.81
H121 GO6 M . 6.78 -1.12 6.83
H122 GO6 M . 7.72 0.12 6.50
H161 GO6 M . 7.17 -0.78 3.69
H181 GO6 M . 10.97 -1.91 4.34
H253 GO6 M . 4.53 -8.56 8.96
H251 GO6 M . 5.72 -8.76 7.95
H252 GO6 M . 5.15 -7.31 8.22
PA NDP N . 4.16 3.59 14.29
O1A NDP N . 5.37 2.77 13.95
O2A NDP N . 4.06 4.78 13.37
O5B NDP N . 4.32 4.15 15.85
C5B NDP N . 3.47 5.18 16.30
C4B NDP N . 3.28 5.00 17.83
O4B NDP N . 4.43 4.66 18.32
C3B NDP N . 2.89 6.27 18.57
O3B NDP N . 1.64 6.09 19.06
C2B NDP N . 3.82 6.42 19.79
O2B NDP N . 2.92 6.25 20.97
C1B NDP N . 4.61 5.39 19.74
N9A NDP N . 6.04 5.61 19.69
C8A NDP N . 7.00 5.71 18.76
N7A NDP N . 8.18 5.88 19.35
C5A NDP N . 7.95 5.86 20.67
C6A NDP N . 8.80 5.99 21.73
N6A NDP N . 10.24 6.17 21.86
N1A NDP N . 8.33 5.95 22.96
C2A NDP N . 7.00 5.77 23.19
N3A NDP N . 6.14 5.64 22.14
C4A NDP N . 6.63 5.68 20.89
O3 NDP N . 2.79 2.67 14.11
PN NDP N . 2.66 1.05 13.70
O1N NDP N . 1.17 0.76 13.78
O2N NDP N . 3.13 0.75 12.30
O5D NDP N . 3.51 0.14 14.81
C5D NDP N . 2.74 -0.58 15.75
C4D NDP N . 3.12 -2.08 15.63
O4D NDP N . 2.89 -2.44 14.40
C3D NDP N . 4.63 -2.24 15.84
O3D NDP N . 4.90 -2.87 17.01
C2D NDP N . 5.16 -3.06 14.66
O2D NDP N . 5.92 -4.24 15.21
C1D NDP N . 4.10 -3.43 13.99
N1N NDP N . 4.24 -3.36 12.54
C2N NDP N . 3.95 -4.54 11.78
C3N NDP N . 4.02 -4.51 10.26
C7N NDP N . 3.39 -5.64 9.39
O7N NDP N . 2.77 -6.57 9.82
N7N NDP N . 3.56 -5.52 7.97
C4N NDP N . 4.70 -3.33 9.52
C5N NDP N . 5.23 -2.21 10.48
C6N NDP N . 4.65 -2.14 11.90
P2B NDP N . 1.94 7.44 21.56
O1X NDP N . 0.59 7.41 20.89
O2X NDP N . 1.73 7.30 23.03
O3X NDP N . 2.63 8.73 21.24
H51A NDP N . 2.61 5.12 15.84
H52A NDP N . 3.88 6.04 16.11
H4B NDP N . 2.62 4.30 18.01
H3B NDP N . 2.95 7.05 18.00
HO3A NDP N . 1.55 5.29 19.33
H2B NDP N . 4.29 7.25 19.79
H1B NDP N . 4.40 4.77 20.46
H8A NDP N . 6.85 5.67 17.84
H61A NDP N . 10.60 6.19 22.64
H62A NDP N . 10.73 6.25 21.15
H2A NDP N . 6.67 5.74 24.06
H51N NDP N . 1.80 -0.47 15.54
H52N NDP N . 2.92 -0.27 16.64
H4D NDP N . 2.63 -2.62 16.26
H3D NDP N . 5.06 -1.36 15.85
HO3N NDP N . 5.72 -2.77 17.21
H2D NDP N . 5.74 -2.52 14.10
HO2N NDP N . 5.36 -4.77 15.61
H1D NDP N . 3.86 -4.34 14.25
H2N NDP N . 3.72 -5.32 12.22
H71N NDP N . 3.22 -6.10 7.44
H72N NDP N . 4.00 -4.85 7.64
H41N NDP N . 4.06 -2.93 8.91
H42N NDP N . 5.44 -3.67 9.01
H5N NDP N . 5.68 -1.48 10.13
H6N NDP N . 4.75 -1.37 12.41
C10 GO6 O . 0.77 30.01 15.66
C13 GO6 O . -0.97 31.91 12.11
C15 GO6 O . -1.93 32.89 12.22
C17 GO6 O . -0.62 31.46 10.85
C20 GO6 O . 1.65 28.03 18.77
C21 GO6 O . -1.22 31.98 9.72
C22 GO6 O . 3.69 28.97 17.92
C24 GO6 O . 3.01 28.20 18.86
C26 GO6 O . 1.23 25.89 19.64
O01 GO6 O . 3.17 30.82 12.44
O02 GO6 O . 0.60 27.55 12.84
O03 GO6 O . -3.53 34.43 11.18
O04 GO6 O . 1.00 27.26 19.74
O05 GO6 O . -2.78 33.47 8.69
O06 GO6 O . 3.66 27.57 19.96
C07 GO6 O . 0.90 30.46 13.17
C08 GO6 O . 1.15 29.44 14.29
C09 GO6 O . -0.33 31.34 13.39
C11 GO6 O . 2.08 31.42 13.07
C12 GO6 O . 0.35 28.12 14.10
C14 GO6 O . 1.60 29.37 16.78
C16 GO6 O . 0.94 28.61 17.74
C18 GO6 O . 2.98 29.56 16.87
C19 GO6 O . -2.55 33.42 11.09
C23 GO6 O . -2.19 32.96 9.84
C25 GO6 O . -4.34 34.51 12.31
H102 GO6 O . -0.16 29.85 15.83
H101 GO6 O . 0.94 30.97 15.65
H151 GO6 O . -2.18 33.20 13.07
H171 GO6 O . 0.02 30.79 10.75
H211 GO6 O . -0.98 31.67 8.88
H221 GO6 O . 4.61 29.09 17.99
H262 GO6 O . 1.58 25.55 20.50
H261 GO6 O . 1.88 25.71 18.94
H263 GO6 O . 0.40 25.43 19.43
H011 GO6 O . 3.24 31.14 11.65
H021 GO6 O . 1.41 27.29 12.81
H051 GO6 O . -3.50 33.04 8.52
H061 GO6 O . 4.16 26.94 19.67
H071 GO6 O . 0.80 29.99 12.32
H081 GO6 O . 2.10 29.21 14.30
H092 GO6 O . -1.00 30.80 13.86
H091 GO6 O . -0.08 32.08 13.97
H111 GO6 O . 1.81 32.21 12.56
H112 GO6 O . 2.33 31.70 13.97
H121 GO6 O . -0.59 28.30 14.18
H122 GO6 O . 0.61 27.49 14.79
H161 GO6 O . 0.02 28.49 17.67
H181 GO6 O . 3.42 30.07 16.23
H253 GO6 O . -5.27 34.60 12.04
H251 GO6 O . -4.07 35.29 12.84
H252 GO6 O . -4.23 33.71 12.84
PA NDP P . -0.29 22.30 7.12
O1A NDP P . 1.21 22.33 7.23
O2A NDP P . -0.84 21.29 8.10
O5B NDP P . -0.73 21.84 5.59
C5B NDP P . 0.06 20.79 5.13
C4B NDP P . -0.45 20.34 3.73
O4B NDP P . -0.44 21.37 2.90
C3B NDP P . 0.55 19.33 3.19
O3B NDP P . 0.20 18.07 3.54
C2B NDP P . 0.45 19.59 1.69
O2B NDP P . -0.85 19.10 1.16
C1B NDP P . 0.43 20.88 1.63
N9A NDP P . 1.75 21.44 1.79
C8A NDP P . 2.50 21.94 2.76
N7A NDP P . 3.66 22.33 2.21
C5A NDP P . 3.60 22.06 0.89
C6A NDP P . 4.51 22.26 -0.13
N6A NDP P . 5.86 22.84 -0.22
N1A NDP P . 4.20 21.89 -1.37
C2A NDP P . 2.98 21.33 -1.64
N3A NDP P . 2.08 21.15 -0.64
C4A NDP P . 2.41 21.51 0.63
O3 NDP P . -0.85 23.86 7.40
PN NDP P . -2.42 24.40 7.44
O1N NDP P . -3.35 23.24 7.19
O2N NDP P . -2.66 25.00 8.80
O5D NDP P . -2.68 25.60 6.29
C5D NDP P . -3.96 26.21 6.16
C4D NDP P . -3.90 27.78 6.33
O4D NDP P . -4.11 28.08 7.58
C3D NDP P . -2.51 28.37 5.96
O3D NDP P . -2.59 29.44 5.12
C2D NDP P . -1.90 28.73 7.34
O2D NDP P . -0.93 29.86 7.24
C1D NDP P . -2.93 29.12 8.03
N1N NDP P . -2.71 29.11 9.47
C2N NDP P . -3.47 30.01 10.24
C3N NDP P . -3.86 29.62 11.64
C7N NDP P . -4.91 30.50 12.26
O7N NDP P . -5.70 30.98 11.52
N7N NDP P . -4.86 30.72 13.70
C4N NDP P . -2.97 28.75 12.54
C5N NDP P . -1.93 27.95 11.69
C6N NDP P . -1.80 28.22 10.16
P2B NDP P . -0.73 18.08 -0.10
O1X NDP P . -1.99 17.24 -0.18
O2X NDP P . -0.50 18.83 -1.39
O3X NDP P . 0.46 17.21 0.18
H51A NDP P . 0.00 20.04 5.74
H52A NDP P . 0.98 21.08 5.06
H4B NDP P . -1.33 19.96 3.79
H3B NDP P . 1.45 19.54 3.50
HO3A NDP P . -0.64 17.96 3.42
H2B NDP P . 1.19 19.22 1.19
H1B NDP P . 0.02 21.18 0.80
H8A NDP P . 2.26 22.01 3.66
H61A NDP P . 6.25 22.92 -0.98
H62A NDP P . 6.26 23.10 0.50
H2A NDP P . 2.77 21.09 -2.51
H51N NDP P . -4.55 25.85 6.84
H52N NDP P . -4.32 26.00 5.29
H4D NDP P . -4.58 28.20 5.78
H3D NDP P . -1.97 27.69 5.55
HO3N NDP P . -2.10 29.31 4.44
H2D NDP P . -1.49 27.96 7.74
HO2N NDP P . -1.29 30.51 6.83
H1D NDP P . -3.17 30.00 7.75
H2N NDP P . -3.87 30.74 9.84
H71N NDP P . -5.44 31.23 14.08
H72N NDP P . -4.24 30.35 14.17
H41N NDP P . -3.54 28.13 13.01
H42N NDP P . -2.50 29.31 13.17
H5N NDP P . -1.45 27.27 12.08
H6N NDP P . -1.12 27.80 9.69
C10 GO6 Q . 23.07 -5.02 -19.70
C13 GO6 Q . 26.58 -2.64 -18.88
C15 GO6 Q . 26.92 -1.71 -19.83
C17 GO6 Q . 27.31 -2.72 -17.71
C20 GO6 Q . 20.00 -6.96 -20.89
C21 GO6 Q . 28.38 -1.86 -17.52
C22 GO6 Q . 19.56 -6.06 -18.73
C24 GO6 Q . 19.15 -6.79 -19.82
C26 GO6 Q . 20.45 -8.34 -22.83
O01 GO6 Q . 23.80 -3.75 -15.79
O02 GO6 Q . 25.44 -6.88 -17.53
O03 GO6 Q . 28.33 0.09 -20.64
O04 GO6 Q . 19.54 -7.67 -22.00
O05 GO6 Q . 29.81 -0.06 -18.26
O06 GO6 Q . 17.87 -7.32 -19.81
C07 GO6 Q . 24.77 -4.22 -17.96
C08 GO6 Q . 23.80 -5.34 -18.40
C09 GO6 Q . 25.37 -3.53 -19.18
C11 GO6 Q . 24.01 -3.24 -17.08
C12 GO6 Q . 24.53 -6.68 -18.57
C14 GO6 Q . 21.67 -5.67 -19.76
C16 GO6 Q . 21.26 -6.38 -20.87
C18 GO6 Q . 20.82 -5.50 -18.69
C19 GO6 Q . 27.98 -0.85 -19.65
C23 GO6 Q . 28.72 -0.92 -18.48
C25 GO6 Q . 27.59 0.34 -21.79
H102 GO6 Q . 23.59 -5.34 -20.45
H101 GO6 Q . 22.97 -4.05 -19.79
H151 GO6 Q . 26.42 -1.66 -20.62
H171 GO6 Q . 27.09 -3.34 -17.06
H211 GO6 Q . 28.88 -1.90 -16.74
H221 GO6 Q . 18.98 -5.96 -18.00
H262 GO6 Q . 20.20 -9.27 -22.89
H261 GO6 Q . 21.34 -8.26 -22.46
H263 GO6 Q . 20.44 -7.94 -23.71
H011 GO6 Q . 24.51 -3.65 -15.33
H021 GO6 Q . 25.01 -7.07 -16.81
H051 GO6 Q . 30.50 -0.35 -18.66
H061 GO6 Q . 17.86 -8.02 -19.33
H071 GO6 Q . 25.48 -4.62 -17.45
H081 GO6 Q . 23.13 -5.45 -17.71
H092 GO6 Q . 25.65 -4.21 -19.82
H091 GO6 Q . 24.69 -2.98 -19.60
H111 GO6 Q . 24.52 -2.42 -17.01
H112 GO6 Q . 23.14 -3.05 -17.48
H121 GO6 Q . 25.01 -6.68 -19.42
H122 GO6 Q . 23.88 -7.40 -18.57
H161 GO6 Q . 21.83 -6.49 -21.59
H181 GO6 Q . 21.09 -5.02 -17.95
H253 GO6 Q . 28.17 0.34 -22.56
H251 GO6 Q . 27.14 1.20 -21.71
H252 GO6 Q . 26.92 -0.36 -21.89
PA NDP R . 32.03 -11.47 -16.27
O1A NDP R . 30.68 -11.57 -15.64
O2A NDP R . 32.08 -12.25 -17.54
O5B NDP R . 33.17 -11.94 -15.18
C5B NDP R . 34.29 -12.66 -15.62
C4B NDP R . 35.34 -12.80 -14.50
O4B NDP R . 35.10 -11.94 -13.53
C3B NDP R . 35.24 -14.17 -13.82
O3B NDP R . 35.96 -15.07 -14.52
C2B NDP R . 35.84 -13.95 -12.41
O2B NDP R . 37.29 -14.35 -12.34
C1B NDP R . 35.69 -12.62 -12.19
N9A NDP R . 34.70 -12.33 -11.19
C8A NDP R . 33.39 -12.15 -11.12
N7A NDP R . 33.08 -11.93 -9.83
C5A NDP R . 34.21 -11.94 -9.13
C6A NDP R . 34.46 -11.76 -7.79
N6A NDP R . 33.62 -11.48 -6.61
N1A NDP R . 35.69 -11.83 -7.32
C2A NDP R . 36.71 -12.10 -8.17
N3A NDP R . 36.47 -12.28 -9.49
C4A NDP R . 35.21 -12.20 -9.96
O3 NDP R . 32.32 -9.89 -16.68
PN NDP R . 32.23 -9.23 -18.18
O1N NDP R . 33.18 -9.84 -19.17
O2N NDP R . 30.84 -9.37 -18.74
O5D NDP R . 32.63 -7.63 -17.92
C5D NDP R . 33.95 -7.19 -17.72
C4D NDP R . 33.94 -5.62 -17.67
O4D NDP R . 33.40 -5.18 -18.76
C3D NDP R . 33.09 -5.03 -16.53
O3D NDP R . 33.61 -3.87 -16.08
C2D NDP R . 31.72 -4.72 -17.16
O2D NDP R . 31.10 -3.51 -16.53
C1D NDP R . 32.01 -4.44 -18.39
N1N NDP R . 30.95 -4.86 -19.27
C2N NDP R . 30.38 -3.91 -20.15
C3N NDP R . 29.29 -4.31 -21.10
C7N NDP R . 28.89 -3.31 -22.19
O7N NDP R . 29.67 -2.50 -22.54
N7N NDP R . 27.57 -3.37 -22.76
C4N NDP R . 28.34 -5.48 -20.77
C5N NDP R . 28.99 -6.44 -19.72
C6N NDP R . 30.45 -6.21 -19.30
P2B NDP R . 38.09 -15.66 -12.99
O1X NDP R . 38.03 -15.63 -14.50
O2X NDP R . 39.52 -15.66 -12.54
O3X NDP R . 37.51 -16.97 -12.53
H51A NDP R . 34.69 -12.19 -16.38
H52A NDP R . 34.01 -13.55 -15.92
H4B NDP R . 36.24 -12.66 -14.84
H3B NDP R . 34.32 -14.44 -13.75
HO3A NDP R . 35.49 -15.36 -15.17
H2B NDP R . 35.33 -14.44 -11.76
H1B NDP R . 36.55 -12.22 -11.96
H8A NDP R . 32.79 -12.21 -11.83
H61A NDP R . 33.98 -11.37 -5.84
H62A NDP R . 32.76 -11.41 -6.70
H2A NDP R . 37.58 -12.15 -7.85
H51N NDP R . 34.51 -7.49 -18.45
H52N NDP R . 34.29 -7.53 -16.87
H4D NDP R . 34.86 -5.28 -17.59
H3D NDP R . 32.99 -5.67 -15.82
HO3N NDP R . 33.86 -3.97 -15.27
H2D NDP R . 31.13 -5.49 -17.10
HO2N NDP R . 31.67 -2.89 -16.47
H1D NDP R . 32.12 -3.48 -18.47
H2N NDP R . 30.75 -3.06 -20.20
H71N NDP R . 27.34 -2.81 -23.37
H72N NDP R . 27.02 -3.98 -22.50
H41N NDP R . 28.15 -5.97 -21.58
H42N NDP R . 27.51 -5.12 -20.40
H5N NDP R . 28.58 -7.25 -19.52
H6N NDP R . 31.04 -6.92 -19.26
#